data_7KW3
# 
_entry.id   7KW3 
# 
_audit_conform.dict_name       mmcif_pdbx.dic 
_audit_conform.dict_version    5.389 
_audit_conform.dict_location   http://mmcif.pdb.org/dictionaries/ascii/mmcif_pdbx.dic 
# 
loop_
_database_2.database_id 
_database_2.database_code 
_database_2.pdbx_database_accession 
_database_2.pdbx_DOI 
PDB   7KW3         pdb_00007kw3 10.2210/pdb7kw3/pdb 
WWPDB D_1000253262 ?            ?                   
# 
loop_
_pdbx_audit_revision_history.ordinal 
_pdbx_audit_revision_history.data_content_type 
_pdbx_audit_revision_history.major_revision 
_pdbx_audit_revision_history.minor_revision 
_pdbx_audit_revision_history.revision_date 
1 'Structure model' 1 0 2021-03-24 
2 'Structure model' 2 0 2021-04-21 
3 'Structure model' 2 1 2021-05-19 
4 'Structure model' 2 2 2024-03-06 
5 'Structure model' 2 3 2024-04-03 
# 
_pdbx_audit_revision_details.ordinal             1 
_pdbx_audit_revision_details.revision_ordinal    1 
_pdbx_audit_revision_details.data_content_type   'Structure model' 
_pdbx_audit_revision_details.provider            repository 
_pdbx_audit_revision_details.type                'Initial release' 
_pdbx_audit_revision_details.description         ? 
_pdbx_audit_revision_details.details             ? 
# 
loop_
_pdbx_audit_revision_group.ordinal 
_pdbx_audit_revision_group.revision_ordinal 
_pdbx_audit_revision_group.data_content_type 
_pdbx_audit_revision_group.group 
1  2 'Structure model' Advisory                   
2  2 'Structure model' 'Atomic model'             
3  2 'Structure model' 'Data collection'          
4  2 'Structure model' 'Database references'      
5  2 'Structure model' 'Derived calculations'     
6  2 'Structure model' 'Experimental preparation' 
7  2 'Structure model' 'Non-polymer description'  
8  2 'Structure model' 'Polymer sequence'         
9  2 'Structure model' 'Source and taxonomy'      
10 2 'Structure model' 'Structure summary'        
11 3 'Structure model' 'Database references'      
12 4 'Structure model' 'Data collection'          
13 4 'Structure model' 'Database references'      
14 5 'Structure model' 'Refinement description'   
# 
loop_
_pdbx_audit_revision_category.ordinal 
_pdbx_audit_revision_category.revision_ordinal 
_pdbx_audit_revision_category.data_content_type 
_pdbx_audit_revision_category.category 
1  2 'Structure model' atom_site                       
2  2 'Structure model' atom_site_anisotrop             
3  2 'Structure model' audit_author                    
4  2 'Structure model' chem_comp                       
5  2 'Structure model' citation                        
6  2 'Structure model' citation_author                 
7  2 'Structure model' entity                          
8  2 'Structure model' entity_poly                     
9  2 'Structure model' entity_poly_seq                 
10 2 'Structure model' entity_src_gen                  
11 2 'Structure model' exptl_crystal                   
12 2 'Structure model' pdbx_distant_solvent_atoms      
13 2 'Structure model' pdbx_nonpoly_scheme             
14 2 'Structure model' pdbx_poly_seq_scheme            
15 2 'Structure model' pdbx_struct_sheet_hbond         
16 2 'Structure model' pdbx_struct_special_symmetry    
17 2 'Structure model' pdbx_unobs_or_zero_occ_residues 
18 2 'Structure model' pdbx_validate_close_contact     
19 2 'Structure model' struct_conf                     
20 2 'Structure model' struct_ref                      
21 2 'Structure model' struct_ref_seq                  
22 2 'Structure model' struct_ref_seq_dif              
23 2 'Structure model' struct_sheet_range              
24 2 'Structure model' struct_site                     
25 2 'Structure model' struct_site_gen                 
26 3 'Structure model' citation                        
27 3 'Structure model' citation_author                 
28 4 'Structure model' chem_comp_atom                  
29 4 'Structure model' chem_comp_bond                  
30 4 'Structure model' database_2                      
31 5 'Structure model' pdbx_initial_refinement_model   
# 
loop_
_pdbx_audit_revision_item.ordinal 
_pdbx_audit_revision_item.revision_ordinal 
_pdbx_audit_revision_item.data_content_type 
_pdbx_audit_revision_item.item 
1  2 'Structure model' '_atom_site.auth_seq_id'                        
2  2 'Structure model' '_atom_site.label_seq_id'                       
3  2 'Structure model' '_atom_site_anisotrop.pdbx_auth_seq_id'         
4  2 'Structure model' '_atom_site_anisotrop.pdbx_label_seq_id'        
5  2 'Structure model' '_audit_author.name'                            
6  2 'Structure model' '_chem_comp.formula'                            
7  2 'Structure model' '_chem_comp.formula_weight'                     
8  2 'Structure model' '_chem_comp.id'                                 
9  2 'Structure model' '_chem_comp.mon_nstd_flag'                      
10 2 'Structure model' '_chem_comp.name'                               
11 2 'Structure model' '_chem_comp.type'                               
12 2 'Structure model' '_citation.country'                             
13 2 'Structure model' '_citation.journal_abbrev'                      
14 2 'Structure model' '_citation.journal_id_CSD'                      
15 2 'Structure model' '_citation.journal_id_ISSN'                     
16 2 'Structure model' '_citation.pdbx_database_id_DOI'                
17 2 'Structure model' '_citation.title'                               
18 2 'Structure model' '_citation.year'                                
19 2 'Structure model' '_citation_author.name'                         
20 2 'Structure model' '_entity.formula_weight'                        
21 2 'Structure model' '_entity_poly.pdbx_seq_one_letter_code'         
22 2 'Structure model' '_entity_poly.pdbx_seq_one_letter_code_can'     
23 2 'Structure model' '_entity_src_gen.pdbx_end_seq_num'              
24 2 'Structure model' '_exptl_crystal.density_Matthews'               
25 2 'Structure model' '_exptl_crystal.density_percent_sol'            
26 2 'Structure model' '_pdbx_distant_solvent_atoms.auth_seq_id'       
27 2 'Structure model' '_pdbx_nonpoly_scheme.pdb_seq_num'              
28 2 'Structure model' '_pdbx_struct_sheet_hbond.range_1_label_seq_id' 
29 2 'Structure model' '_pdbx_struct_sheet_hbond.range_2_label_seq_id' 
30 2 'Structure model' '_pdbx_struct_special_symmetry.auth_seq_id'     
31 2 'Structure model' '_pdbx_validate_close_contact.auth_seq_id_1'    
32 2 'Structure model' '_pdbx_validate_close_contact.auth_seq_id_2'    
33 2 'Structure model' '_struct_conf.beg_label_seq_id'                 
34 2 'Structure model' '_struct_conf.end_label_seq_id'                 
35 2 'Structure model' '_struct_ref.pdbx_seq_one_letter_code'          
36 2 'Structure model' '_struct_ref_seq.db_align_end'                  
37 2 'Structure model' '_struct_ref_seq.pdbx_auth_seq_align_end'       
38 2 'Structure model' '_struct_ref_seq.seq_align_beg'                 
39 2 'Structure model' '_struct_ref_seq.seq_align_end'                 
40 2 'Structure model' '_struct_sheet_range.beg_label_seq_id'          
41 2 'Structure model' '_struct_sheet_range.end_label_seq_id'          
42 2 'Structure model' '_struct_site.details'                          
43 2 'Structure model' '_struct_site.pdbx_auth_seq_id'                 
44 2 'Structure model' '_struct_site_gen.auth_seq_id'                  
45 2 'Structure model' '_struct_site_gen.label_seq_id'                 
46 3 'Structure model' '_citation.journal_volume'                      
47 3 'Structure model' '_citation.page_first'                          
48 3 'Structure model' '_citation.page_last'                           
49 3 'Structure model' '_citation.pdbx_database_id_PubMed'             
50 3 'Structure model' '_citation.title'                               
51 3 'Structure model' '_citation_author.identifier_ORCID'             
52 3 'Structure model' '_citation_author.name'                         
53 4 'Structure model' '_database_2.pdbx_DOI'                          
54 4 'Structure model' '_database_2.pdbx_database_accession'           
# 
_pdbx_database_status.status_code                     REL 
_pdbx_database_status.status_code_sf                  REL 
_pdbx_database_status.status_code_mr                  ? 
_pdbx_database_status.entry_id                        7KW3 
_pdbx_database_status.recvd_initial_deposition_date   2020-11-29 
_pdbx_database_status.SG_entry                        N 
_pdbx_database_status.deposit_site                    RCSB 
_pdbx_database_status.process_site                    RCSB 
_pdbx_database_status.status_code_cs                  ? 
_pdbx_database_status.status_code_nmr_data            ? 
_pdbx_database_status.methods_development_category    ? 
_pdbx_database_status.pdb_format_compatible           Y 
# 
loop_
_audit_author.name 
_audit_author.pdbx_ordinal 
_audit_author.identifier_ORCID 
'Izore, T.'          1  0000-0003-0082-0992 
'Ho, Y.T.C.'         2  0000-0002-8520-9801 
'Kaczmarski, J.A.'   3  0000-0001-8549-0122 
'Gavriilidou, A.'    4  ?                   
'Chow, K.H.'         5  ?                   
'Steer, D.'          6  ?                   
'Goode, R.J.A.'      7  0000-0002-3028-8928 
'Schittenhelm, R.B.' 8  0000-0001-8738-1878 
'Tailhades, J.'      9  0000-0003-0391-2526 
'Tosin, M.'          10 0000-0003-4340-9431 
'Challis, G.L.'      11 0000-0001-5976-3545 
'Krenske, E.H.'      12 0000-0003-1911-0501 
'Ziemert, N.'        13 0000-0002-7264-1857 
'Jackson, C.J.'      14 0000-0001-6150-3822 
'Cryle, M.J.'        15 0000-0002-9739-6157 
# 
_citation.abstract                  ? 
_citation.abstract_id_CAS           ? 
_citation.book_id_ISBN              ? 
_citation.book_publisher            ? 
_citation.book_publisher_city       ? 
_citation.book_title                ? 
_citation.coordinate_linkage        ? 
_citation.country                   UK 
_citation.database_id_Medline       ? 
_citation.details                   ? 
_citation.id                        primary 
_citation.journal_abbrev            'Nat Commun' 
_citation.journal_id_ASTM           ? 
_citation.journal_id_CSD            ? 
_citation.journal_id_ISSN           2041-1723 
_citation.journal_full              ? 
_citation.journal_issue             ? 
_citation.journal_volume            12 
_citation.language                  ? 
_citation.page_first                2511 
_citation.page_last                 2511 
_citation.title                     
'Structures of a non-ribosomal peptide synthetase condensation domain suggest the basis of substrate selectivity.' 
_citation.year                      2021 
_citation.database_id_CSD           ? 
_citation.pdbx_database_id_DOI      10.1038/s41467-021-22623-0 
_citation.pdbx_database_id_PubMed   33947858 
_citation.unpublished_flag          ? 
# 
loop_
_citation_author.citation_id 
_citation_author.name 
_citation_author.ordinal 
_citation_author.identifier_ORCID 
primary 'Izore, T.'          1  ? 
primary 'Candace Ho, Y.T.'   2  ? 
primary 'Kaczmarski, J.A.'   3  ? 
primary 'Gavriilidou, A.'    4  ? 
primary 'Chow, K.H.'         5  ? 
primary 'Steer, D.L.'        6  ? 
primary 'Goode, R.J.A.'      7  ? 
primary 'Schittenhelm, R.B.' 8  ? 
primary 'Tailhades, J.'      9  ? 
primary 'Tosin, M.'          10 ? 
primary 'Challis, G.L.'      11 ? 
primary 'Krenske, E.H.'      12 ? 
primary 'Ziemert, N.'        13 ? 
primary 'Jackson, C.J.'      14 ? 
primary 'Cryle, M.J.'        15 ? 
# 
loop_
_entity.id 
_entity.type 
_entity.src_method 
_entity.pdbx_description 
_entity.formula_weight 
_entity.pdbx_number_of_molecules 
_entity.pdbx_ec 
_entity.pdbx_mutation 
_entity.pdbx_fragment 
_entity.details 
1 polymer     man 'PCP domain'  9368.553 1  ? ? ? ? 
2 non-polymer syn 'SULFATE ION' 96.063   1  ? ? ? ? 
3 water       nat water         18.015   56 ? ? ? ? 
# 
_entity_name_com.entity_id   1 
_entity_name_com.name        'Non-ribosomal peptide synthase:Amino acid adenylation' 
# 
_entity_poly.entity_id                      1 
_entity_poly.type                           'polypeptide(L)' 
_entity_poly.nstd_linkage                   no 
_entity_poly.nstd_monomer                   no 
_entity_poly.pdbx_seq_one_letter_code       
;MVREPATEAEAALCAVYAEVLGLDKVGADADFFALGGDSVLTLRLVHRARSAGWEISARHVFRHPVVADLAAVAQPVTEG
SHHHHHH
;
_entity_poly.pdbx_seq_one_letter_code_can   
;MVREPATEAEAALCAVYAEVLGLDKVGADADFFALGGDSVLTLRLVHRARSAGWEISARHVFRHPVVADLAAVAQPVTEG
SHHHHHH
;
_entity_poly.pdbx_strand_id                 A 
_entity_poly.pdbx_target_identifier         ? 
# 
loop_
_pdbx_entity_nonpoly.entity_id 
_pdbx_entity_nonpoly.name 
_pdbx_entity_nonpoly.comp_id 
2 'SULFATE ION' SO4 
3 water         HOH 
# 
loop_
_entity_poly_seq.entity_id 
_entity_poly_seq.num 
_entity_poly_seq.mon_id 
_entity_poly_seq.hetero 
1 1  MET n 
1 2  VAL n 
1 3  ARG n 
1 4  GLU n 
1 5  PRO n 
1 6  ALA n 
1 7  THR n 
1 8  GLU n 
1 9  ALA n 
1 10 GLU n 
1 11 ALA n 
1 12 ALA n 
1 13 LEU n 
1 14 CYS n 
1 15 ALA n 
1 16 VAL n 
1 17 TYR n 
1 18 ALA n 
1 19 GLU n 
1 20 VAL n 
1 21 LEU n 
1 22 GLY n 
1 23 LEU n 
1 24 ASP n 
1 25 LYS n 
1 26 VAL n 
1 27 GLY n 
1 28 ALA n 
1 29 ASP n 
1 30 ALA n 
1 31 ASP n 
1 32 PHE n 
1 33 PHE n 
1 34 ALA n 
1 35 LEU n 
1 36 GLY n 
1 37 GLY n 
1 38 ASP n 
1 39 SER n 
1 40 VAL n 
1 41 LEU n 
1 42 THR n 
1 43 LEU n 
1 44 ARG n 
1 45 LEU n 
1 46 VAL n 
1 47 HIS n 
1 48 ARG n 
1 49 ALA n 
1 50 ARG n 
1 51 SER n 
1 52 ALA n 
1 53 GLY n 
1 54 TRP n 
1 55 GLU n 
1 56 ILE n 
1 57 SER n 
1 58 ALA n 
1 59 ARG n 
1 60 HIS n 
1 61 VAL n 
1 62 PHE n 
1 63 ARG n 
1 64 HIS n 
1 65 PRO n 
1 66 VAL n 
1 67 VAL n 
1 68 ALA n 
1 69 ASP n 
1 70 LEU n 
1 71 ALA n 
1 72 ALA n 
1 73 VAL n 
1 74 ALA n 
1 75 GLN n 
1 76 PRO n 
1 77 VAL n 
1 78 THR n 
1 79 GLU n 
1 80 GLY n 
1 81 SER n 
1 82 HIS n 
1 83 HIS n 
1 84 HIS n 
1 85 HIS n 
1 86 HIS n 
1 87 HIS n 
# 
_entity_src_gen.entity_id                          1 
_entity_src_gen.pdbx_src_id                        1 
_entity_src_gen.pdbx_alt_source_flag               sample 
_entity_src_gen.pdbx_seq_type                      'Biological sequence' 
_entity_src_gen.pdbx_beg_seq_num                   1 
_entity_src_gen.pdbx_end_seq_num                   87 
_entity_src_gen.gene_src_common_name               ? 
_entity_src_gen.gene_src_genus                     ? 
_entity_src_gen.pdbx_gene_src_gene                 Tfu_1867 
_entity_src_gen.gene_src_species                   ? 
_entity_src_gen.gene_src_strain                    YX 
_entity_src_gen.gene_src_tissue                    ? 
_entity_src_gen.gene_src_tissue_fraction           ? 
_entity_src_gen.gene_src_details                   ? 
_entity_src_gen.pdbx_gene_src_fragment             ? 
_entity_src_gen.pdbx_gene_src_scientific_name      'Thermobifida fusca' 
_entity_src_gen.pdbx_gene_src_ncbi_taxonomy_id     269800 
_entity_src_gen.pdbx_gene_src_variant              ? 
_entity_src_gen.pdbx_gene_src_cell_line            ? 
_entity_src_gen.pdbx_gene_src_atcc                 27730 
_entity_src_gen.pdbx_gene_src_organ                ? 
_entity_src_gen.pdbx_gene_src_organelle            ? 
_entity_src_gen.pdbx_gene_src_cell                 ? 
_entity_src_gen.pdbx_gene_src_cellular_location    ? 
_entity_src_gen.host_org_common_name               ? 
_entity_src_gen.pdbx_host_org_scientific_name      'Escherichia coli BL21(DE3)' 
_entity_src_gen.pdbx_host_org_ncbi_taxonomy_id     469008 
_entity_src_gen.host_org_genus                     ? 
_entity_src_gen.pdbx_host_org_gene                 ? 
_entity_src_gen.pdbx_host_org_organ                ? 
_entity_src_gen.host_org_species                   ? 
_entity_src_gen.pdbx_host_org_tissue               ? 
_entity_src_gen.pdbx_host_org_tissue_fraction      ? 
_entity_src_gen.pdbx_host_org_strain               ? 
_entity_src_gen.pdbx_host_org_variant              ? 
_entity_src_gen.pdbx_host_org_cell_line            ? 
_entity_src_gen.pdbx_host_org_atcc                 ? 
_entity_src_gen.pdbx_host_org_culture_collection   ? 
_entity_src_gen.pdbx_host_org_cell                 ? 
_entity_src_gen.pdbx_host_org_organelle            ? 
_entity_src_gen.pdbx_host_org_cellular_location    ? 
_entity_src_gen.pdbx_host_org_vector_type          ? 
_entity_src_gen.pdbx_host_org_vector               ? 
_entity_src_gen.host_org_details                   ? 
_entity_src_gen.expression_system_id               ? 
_entity_src_gen.plasmid_name                       ? 
_entity_src_gen.plasmid_details                    ? 
_entity_src_gen.pdbx_description                   ? 
# 
loop_
_chem_comp.id 
_chem_comp.type 
_chem_comp.mon_nstd_flag 
_chem_comp.name 
_chem_comp.pdbx_synonyms 
_chem_comp.formula 
_chem_comp.formula_weight 
ALA 'L-peptide linking' y ALANINE         ? 'C3 H7 N O2'     89.093  
ARG 'L-peptide linking' y ARGININE        ? 'C6 H15 N4 O2 1' 175.209 
ASP 'L-peptide linking' y 'ASPARTIC ACID' ? 'C4 H7 N O4'     133.103 
CYS 'L-peptide linking' y CYSTEINE        ? 'C3 H7 N O2 S'   121.158 
GLN 'L-peptide linking' y GLUTAMINE       ? 'C5 H10 N2 O3'   146.144 
GLU 'L-peptide linking' y 'GLUTAMIC ACID' ? 'C5 H9 N O4'     147.129 
GLY 'peptide linking'   y GLYCINE         ? 'C2 H5 N O2'     75.067  
HIS 'L-peptide linking' y HISTIDINE       ? 'C6 H10 N3 O2 1' 156.162 
HOH non-polymer         . WATER           ? 'H2 O'           18.015  
ILE 'L-peptide linking' y ISOLEUCINE      ? 'C6 H13 N O2'    131.173 
LEU 'L-peptide linking' y LEUCINE         ? 'C6 H13 N O2'    131.173 
LYS 'L-peptide linking' y LYSINE          ? 'C6 H15 N2 O2 1' 147.195 
MET 'L-peptide linking' y METHIONINE      ? 'C5 H11 N O2 S'  149.211 
PHE 'L-peptide linking' y PHENYLALANINE   ? 'C9 H11 N O2'    165.189 
PRO 'L-peptide linking' y PROLINE         ? 'C5 H9 N O2'     115.130 
SER 'L-peptide linking' y SERINE          ? 'C3 H7 N O3'     105.093 
SO4 non-polymer         . 'SULFATE ION'   ? 'O4 S -2'        96.063  
THR 'L-peptide linking' y THREONINE       ? 'C4 H9 N O3'     119.119 
TRP 'L-peptide linking' y TRYPTOPHAN      ? 'C11 H12 N2 O2'  204.225 
TYR 'L-peptide linking' y TYROSINE        ? 'C9 H11 N O3'    181.189 
VAL 'L-peptide linking' y VALINE          ? 'C5 H11 N O2'    117.146 
# 
loop_
_pdbx_poly_seq_scheme.asym_id 
_pdbx_poly_seq_scheme.entity_id 
_pdbx_poly_seq_scheme.seq_id 
_pdbx_poly_seq_scheme.mon_id 
_pdbx_poly_seq_scheme.ndb_seq_num 
_pdbx_poly_seq_scheme.pdb_seq_num 
_pdbx_poly_seq_scheme.auth_seq_num 
_pdbx_poly_seq_scheme.pdb_mon_id 
_pdbx_poly_seq_scheme.auth_mon_id 
_pdbx_poly_seq_scheme.pdb_strand_id 
_pdbx_poly_seq_scheme.pdb_ins_code 
_pdbx_poly_seq_scheme.hetero 
A 1 1  MET 1  3520 ?    ?   ?   A . n 
A 1 2  VAL 2  3521 3521 VAL VAL A . n 
A 1 3  ARG 3  3522 3522 ARG ARG A . n 
A 1 4  GLU 4  3523 3523 GLU GLU A . n 
A 1 5  PRO 5  3524 3524 PRO PRO A . n 
A 1 6  ALA 6  3525 3525 ALA ALA A . n 
A 1 7  THR 7  3526 3526 THR THR A . n 
A 1 8  GLU 8  3527 3527 GLU GLU A . n 
A 1 9  ALA 9  3528 3528 ALA ALA A . n 
A 1 10 GLU 10 3529 3529 GLU GLU A . n 
A 1 11 ALA 11 3530 3530 ALA ALA A . n 
A 1 12 ALA 12 3531 3531 ALA ALA A . n 
A 1 13 LEU 13 3532 3532 LEU LEU A . n 
A 1 14 CYS 14 3533 3533 CYS CYS A . n 
A 1 15 ALA 15 3534 3534 ALA ALA A . n 
A 1 16 VAL 16 3535 3535 VAL VAL A . n 
A 1 17 TYR 17 3536 3536 TYR TYR A . n 
A 1 18 ALA 18 3537 3537 ALA ALA A . n 
A 1 19 GLU 19 3538 3538 GLU GLU A . n 
A 1 20 VAL 20 3539 3539 VAL VAL A . n 
A 1 21 LEU 21 3540 3540 LEU LEU A . n 
A 1 22 GLY 22 3541 3541 GLY GLY A . n 
A 1 23 LEU 23 3542 3542 LEU LEU A . n 
A 1 24 ASP 24 3543 3543 ASP ASP A . n 
A 1 25 LYS 25 3544 3544 LYS LYS A . n 
A 1 26 VAL 26 3545 3545 VAL VAL A . n 
A 1 27 GLY 27 3546 3546 GLY GLY A . n 
A 1 28 ALA 28 3547 3547 ALA ALA A . n 
A 1 29 ASP 29 3548 3548 ASP ASP A . n 
A 1 30 ALA 30 3549 3549 ALA ALA A . n 
A 1 31 ASP 31 3550 3550 ASP ASP A . n 
A 1 32 PHE 32 3551 3551 PHE PHE A . n 
A 1 33 PHE 33 3552 3552 PHE PHE A . n 
A 1 34 ALA 34 3553 3553 ALA ALA A . n 
A 1 35 LEU 35 3554 3554 LEU LEU A . n 
A 1 36 GLY 36 3555 3555 GLY GLY A . n 
A 1 37 GLY 37 3556 3556 GLY GLY A . n 
A 1 38 ASP 38 3557 3557 ASP ASP A . n 
A 1 39 SER 39 3558 3558 SER SER A . n 
A 1 40 VAL 40 3559 3559 VAL VAL A . n 
A 1 41 LEU 41 3560 3560 LEU LEU A . n 
A 1 42 THR 42 3561 3561 THR THR A . n 
A 1 43 LEU 43 3562 3562 LEU LEU A . n 
A 1 44 ARG 44 3563 3563 ARG ARG A . n 
A 1 45 LEU 45 3564 3564 LEU LEU A . n 
A 1 46 VAL 46 3565 3565 VAL VAL A . n 
A 1 47 HIS 47 3566 3566 HIS HIS A . n 
A 1 48 ARG 48 3567 3567 ARG ARG A . n 
A 1 49 ALA 49 3568 3568 ALA ALA A . n 
A 1 50 ARG 50 3569 3569 ARG ARG A . n 
A 1 51 SER 51 3570 3570 SER SER A . n 
A 1 52 ALA 52 3571 3571 ALA ALA A . n 
A 1 53 GLY 53 3572 3572 GLY GLY A . n 
A 1 54 TRP 54 3573 3573 TRP TRP A . n 
A 1 55 GLU 55 3574 3574 GLU GLU A . n 
A 1 56 ILE 56 3575 3575 ILE ILE A . n 
A 1 57 SER 57 3576 3576 SER SER A . n 
A 1 58 ALA 58 3577 3577 ALA ALA A . n 
A 1 59 ARG 59 3578 3578 ARG ARG A . n 
A 1 60 HIS 60 3579 3579 HIS HIS A . n 
A 1 61 VAL 61 3580 3580 VAL VAL A . n 
A 1 62 PHE 62 3581 3581 PHE PHE A . n 
A 1 63 ARG 63 3582 3582 ARG ARG A . n 
A 1 64 HIS 64 3583 3583 HIS HIS A . n 
A 1 65 PRO 65 3584 3584 PRO PRO A . n 
A 1 66 VAL 66 3585 3585 VAL VAL A . n 
A 1 67 VAL 67 3586 3586 VAL VAL A . n 
A 1 68 ALA 68 3587 3587 ALA ALA A . n 
A 1 69 ASP 69 3588 3588 ASP ASP A . n 
A 1 70 LEU 70 3589 3589 LEU LEU A . n 
A 1 71 ALA 71 3590 3590 ALA ALA A . n 
A 1 72 ALA 72 3591 3591 ALA ALA A . n 
A 1 73 VAL 73 3592 3592 VAL VAL A . n 
A 1 74 ALA 74 3593 3593 ALA ALA A . n 
A 1 75 GLN 75 3594 3594 GLN GLN A . n 
A 1 76 PRO 76 3595 3595 PRO PRO A . n 
A 1 77 VAL 77 3596 3596 VAL VAL A . n 
A 1 78 THR 78 3597 3597 THR THR A . n 
A 1 79 GLU 79 3598 ?    ?   ?   A . n 
A 1 80 GLY 80 3599 ?    ?   ?   A . n 
A 1 81 SER 81 3600 ?    ?   ?   A . n 
A 1 82 HIS 82 3601 ?    ?   ?   A . n 
A 1 83 HIS 83 3602 ?    ?   ?   A . n 
A 1 84 HIS 84 3603 ?    ?   ?   A . n 
A 1 85 HIS 85 3604 ?    ?   ?   A . n 
A 1 86 HIS 86 3605 ?    ?   ?   A . n 
A 1 87 HIS 87 3606 ?    ?   ?   A . n 
# 
loop_
_pdbx_nonpoly_scheme.asym_id 
_pdbx_nonpoly_scheme.entity_id 
_pdbx_nonpoly_scheme.mon_id 
_pdbx_nonpoly_scheme.ndb_seq_num 
_pdbx_nonpoly_scheme.pdb_seq_num 
_pdbx_nonpoly_scheme.auth_seq_num 
_pdbx_nonpoly_scheme.pdb_mon_id 
_pdbx_nonpoly_scheme.auth_mon_id 
_pdbx_nonpoly_scheme.pdb_strand_id 
_pdbx_nonpoly_scheme.pdb_ins_code 
B 2 SO4 1  3701 1  SO4 SO4 A . 
C 3 HOH 1  3801 41 HOH HOH A . 
C 3 HOH 2  3802 59 HOH HOH A . 
C 3 HOH 3  3803 7  HOH HOH A . 
C 3 HOH 4  3804 49 HOH HOH A . 
C 3 HOH 5  3805 39 HOH HOH A . 
C 3 HOH 6  3806 8  HOH HOH A . 
C 3 HOH 7  3807 16 HOH HOH A . 
C 3 HOH 8  3808 11 HOH HOH A . 
C 3 HOH 9  3809 25 HOH HOH A . 
C 3 HOH 10 3810 22 HOH HOH A . 
C 3 HOH 11 3811 4  HOH HOH A . 
C 3 HOH 12 3812 9  HOH HOH A . 
C 3 HOH 13 3813 56 HOH HOH A . 
C 3 HOH 14 3814 23 HOH HOH A . 
C 3 HOH 15 3815 6  HOH HOH A . 
C 3 HOH 16 3816 19 HOH HOH A . 
C 3 HOH 17 3817 3  HOH HOH A . 
C 3 HOH 18 3818 60 HOH HOH A . 
C 3 HOH 19 3819 17 HOH HOH A . 
C 3 HOH 20 3820 27 HOH HOH A . 
C 3 HOH 21 3821 2  HOH HOH A . 
C 3 HOH 22 3822 1  HOH HOH A . 
C 3 HOH 23 3823 28 HOH HOH A . 
C 3 HOH 24 3824 26 HOH HOH A . 
C 3 HOH 25 3825 48 HOH HOH A . 
C 3 HOH 26 3826 50 HOH HOH A . 
C 3 HOH 27 3827 51 HOH HOH A . 
C 3 HOH 28 3828 44 HOH HOH A . 
C 3 HOH 29 3829 47 HOH HOH A . 
C 3 HOH 30 3830 43 HOH HOH A . 
C 3 HOH 31 3831 20 HOH HOH A . 
C 3 HOH 32 3832 36 HOH HOH A . 
C 3 HOH 33 3833 15 HOH HOH A . 
C 3 HOH 34 3834 5  HOH HOH A . 
C 3 HOH 35 3835 18 HOH HOH A . 
C 3 HOH 36 3836 54 HOH HOH A . 
C 3 HOH 37 3837 14 HOH HOH A . 
C 3 HOH 38 3838 24 HOH HOH A . 
C 3 HOH 39 3839 30 HOH HOH A . 
C 3 HOH 40 3840 42 HOH HOH A . 
C 3 HOH 41 3841 13 HOH HOH A . 
C 3 HOH 42 3842 35 HOH HOH A . 
C 3 HOH 43 3843 38 HOH HOH A . 
C 3 HOH 44 3844 34 HOH HOH A . 
C 3 HOH 45 3845 29 HOH HOH A . 
C 3 HOH 46 3846 33 HOH HOH A . 
C 3 HOH 47 3847 53 HOH HOH A . 
C 3 HOH 48 3848 46 HOH HOH A . 
C 3 HOH 49 3849 12 HOH HOH A . 
C 3 HOH 50 3850 57 HOH HOH A . 
C 3 HOH 51 3851 37 HOH HOH A . 
C 3 HOH 52 3852 40 HOH HOH A . 
C 3 HOH 53 3853 58 HOH HOH A . 
C 3 HOH 54 3854 31 HOH HOH A . 
C 3 HOH 55 3855 32 HOH HOH A . 
C 3 HOH 56 3856 55 HOH HOH A . 
# 
loop_
_software.citation_id 
_software.classification 
_software.compiler_name 
_software.compiler_version 
_software.contact_author 
_software.contact_author_email 
_software.date 
_software.description 
_software.dependencies 
_software.hardware 
_software.language 
_software.location 
_software.mods 
_software.name 
_software.os 
_software.os_version 
_software.type 
_software.version 
_software.pdbx_ordinal 
? refinement       ? ? ? ? ? ? ? ? ? ? ? PHENIX  ? ? ? 1.18.2_3874 1 
? 'data reduction' ? ? ? ? ? ? ? ? ? ? ? XDS     ? ? ? .           2 
? 'data scaling'   ? ? ? ? ? ? ? ? ? ? ? Aimless ? ? ? .           3 
? phasing          ? ? ? ? ? ? ? ? ? ? ? PHENIX  ? ? ? .           4 
# 
_cell.angle_alpha                  90.000 
_cell.angle_alpha_esd              ? 
_cell.angle_beta                   90.000 
_cell.angle_beta_esd               ? 
_cell.angle_gamma                  90.000 
_cell.angle_gamma_esd              ? 
_cell.entry_id                     7KW3 
_cell.details                      ? 
_cell.formula_units_Z              ? 
_cell.length_a                     100.914 
_cell.length_a_esd                 ? 
_cell.length_b                     100.914 
_cell.length_b_esd                 ? 
_cell.length_c                     100.914 
_cell.length_c_esd                 ? 
_cell.volume                       1027671.382 
_cell.volume_esd                   ? 
_cell.Z_PDB                        24 
_cell.reciprocal_angle_alpha       ? 
_cell.reciprocal_angle_beta        ? 
_cell.reciprocal_angle_gamma       ? 
_cell.reciprocal_angle_alpha_esd   ? 
_cell.reciprocal_angle_beta_esd    ? 
_cell.reciprocal_angle_gamma_esd   ? 
_cell.reciprocal_length_a          ? 
_cell.reciprocal_length_b          ? 
_cell.reciprocal_length_c          ? 
_cell.reciprocal_length_a_esd      ? 
_cell.reciprocal_length_b_esd      ? 
_cell.reciprocal_length_c_esd      ? 
_cell.pdbx_unique_axis             ? 
# 
_symmetry.entry_id                         7KW3 
_symmetry.cell_setting                     ? 
_symmetry.Int_Tables_number                212 
_symmetry.space_group_name_Hall            'P 4acd 2ab 3' 
_symmetry.space_group_name_H-M             'P 43 3 2' 
_symmetry.pdbx_full_space_group_name_H-M   ? 
# 
_exptl.absorpt_coefficient_mu     ? 
_exptl.absorpt_correction_T_max   ? 
_exptl.absorpt_correction_T_min   ? 
_exptl.absorpt_correction_type    ? 
_exptl.absorpt_process_details    ? 
_exptl.entry_id                   7KW3 
_exptl.crystals_number            1 
_exptl.details                    ? 
_exptl.method                     'X-RAY DIFFRACTION' 
_exptl.method_details             ? 
# 
_exptl_crystal.colour                      ? 
_exptl_crystal.density_diffrn              ? 
_exptl_crystal.density_Matthews            4.57 
_exptl_crystal.density_method              ? 
_exptl_crystal.density_percent_sol         73.09 
_exptl_crystal.description                 ? 
_exptl_crystal.F_000                       ? 
_exptl_crystal.id                          1 
_exptl_crystal.preparation                 ? 
_exptl_crystal.size_max                    ? 
_exptl_crystal.size_mid                    ? 
_exptl_crystal.size_min                    ? 
_exptl_crystal.size_rad                    ? 
_exptl_crystal.colour_lustre               ? 
_exptl_crystal.colour_modifier             ? 
_exptl_crystal.colour_primary              ? 
_exptl_crystal.density_meas                ? 
_exptl_crystal.density_meas_esd            ? 
_exptl_crystal.density_meas_gt             ? 
_exptl_crystal.density_meas_lt             ? 
_exptl_crystal.density_meas_temp           ? 
_exptl_crystal.density_meas_temp_esd       ? 
_exptl_crystal.density_meas_temp_gt        ? 
_exptl_crystal.density_meas_temp_lt        ? 
_exptl_crystal.pdbx_crystal_image_url      ? 
_exptl_crystal.pdbx_crystal_image_format   ? 
_exptl_crystal.pdbx_mosaicity              ? 
_exptl_crystal.pdbx_mosaicity_esd          ? 
# 
_exptl_crystal_grow.apparatus       ? 
_exptl_crystal_grow.atmosphere      ? 
_exptl_crystal_grow.crystal_id      1 
_exptl_crystal_grow.details         ? 
_exptl_crystal_grow.method          'VAPOR DIFFUSION, SITTING DROP' 
_exptl_crystal_grow.method_ref      ? 
_exptl_crystal_grow.pH              5.5 
_exptl_crystal_grow.pressure        ? 
_exptl_crystal_grow.pressure_esd    ? 
_exptl_crystal_grow.seeding         ? 
_exptl_crystal_grow.seeding_ref     ? 
_exptl_crystal_grow.temp            293.15 
_exptl_crystal_grow.temp_details    ? 
_exptl_crystal_grow.temp_esd        ? 
_exptl_crystal_grow.time            ? 
_exptl_crystal_grow.pdbx_details    'BIS-TRIS, Ammonium Sulfate' 
_exptl_crystal_grow.pdbx_pH_range   ? 
# 
_diffrn.ambient_environment              ? 
_diffrn.ambient_temp                     80 
_diffrn.ambient_temp_details             ? 
_diffrn.ambient_temp_esd                 ? 
_diffrn.crystal_id                       1 
_diffrn.crystal_support                  ? 
_diffrn.crystal_treatment                ? 
_diffrn.details                          ? 
_diffrn.id                               1 
_diffrn.ambient_pressure                 ? 
_diffrn.ambient_pressure_esd             ? 
_diffrn.ambient_pressure_gt              ? 
_diffrn.ambient_pressure_lt              ? 
_diffrn.ambient_temp_gt                  ? 
_diffrn.ambient_temp_lt                  ? 
_diffrn.pdbx_serial_crystal_experiment   N 
# 
_diffrn_detector.details                      ? 
_diffrn_detector.detector                     PIXEL 
_diffrn_detector.diffrn_id                    1 
_diffrn_detector.type                         'DECTRIS EIGER2 X 9M' 
_diffrn_detector.area_resol_mean              ? 
_diffrn_detector.dtime                        ? 
_diffrn_detector.pdbx_frames_total            ? 
_diffrn_detector.pdbx_collection_time_total   ? 
_diffrn_detector.pdbx_collection_date         2018-10-18 
_diffrn_detector.pdbx_frequency               ? 
# 
_diffrn_radiation.collimation                      ? 
_diffrn_radiation.diffrn_id                        1 
_diffrn_radiation.filter_edge                      ? 
_diffrn_radiation.inhomogeneity                    ? 
_diffrn_radiation.monochromator                    ? 
_diffrn_radiation.polarisn_norm                    ? 
_diffrn_radiation.polarisn_ratio                   ? 
_diffrn_radiation.probe                            ? 
_diffrn_radiation.type                             ? 
_diffrn_radiation.xray_symbol                      ? 
_diffrn_radiation.wavelength_id                    1 
_diffrn_radiation.pdbx_monochromatic_or_laue_m_l   M 
_diffrn_radiation.pdbx_wavelength_list             ? 
_diffrn_radiation.pdbx_wavelength                  ? 
_diffrn_radiation.pdbx_diffrn_protocol             'SINGLE WAVELENGTH' 
_diffrn_radiation.pdbx_analyzer                    ? 
_diffrn_radiation.pdbx_scattering_type             x-ray 
# 
_diffrn_radiation_wavelength.id           1 
_diffrn_radiation_wavelength.wavelength   0.9537 
_diffrn_radiation_wavelength.wt           1.0 
# 
_diffrn_source.current                     ? 
_diffrn_source.details                     ? 
_diffrn_source.diffrn_id                   1 
_diffrn_source.power                       ? 
_diffrn_source.size                        ? 
_diffrn_source.source                      SYNCHROTRON 
_diffrn_source.target                      ? 
_diffrn_source.type                        'AUSTRALIAN SYNCHROTRON BEAMLINE MX1' 
_diffrn_source.voltage                     ? 
_diffrn_source.take-off_angle              ? 
_diffrn_source.pdbx_wavelength_list        0.9537 
_diffrn_source.pdbx_wavelength             ? 
_diffrn_source.pdbx_synchrotron_beamline   MX1 
_diffrn_source.pdbx_synchrotron_site       'Australian Synchrotron' 
# 
_reflns.B_iso_Wilson_estimate            47.81 
_reflns.entry_id                         7KW3 
_reflns.data_reduction_details           ? 
_reflns.data_reduction_method            ? 
_reflns.d_resolution_high                2.3 
_reflns.d_resolution_low                 45.13 
_reflns.details                          ? 
_reflns.limit_h_max                      ? 
_reflns.limit_h_min                      ? 
_reflns.limit_k_max                      ? 
_reflns.limit_k_min                      ? 
_reflns.limit_l_max                      ? 
_reflns.limit_l_min                      ? 
_reflns.number_all                       ? 
_reflns.number_obs                       8284 
_reflns.observed_criterion               ? 
_reflns.observed_criterion_F_max         ? 
_reflns.observed_criterion_F_min         ? 
_reflns.observed_criterion_I_max         ? 
_reflns.observed_criterion_I_min         ? 
_reflns.observed_criterion_sigma_F       ? 
_reflns.observed_criterion_sigma_I       ? 
_reflns.percent_possible_obs             100 
_reflns.R_free_details                   ? 
_reflns.Rmerge_F_all                     ? 
_reflns.Rmerge_F_obs                     ? 
_reflns.Friedel_coverage                 ? 
_reflns.number_gt                        ? 
_reflns.threshold_expression             ? 
_reflns.pdbx_redundancy                  40.9 
_reflns.pdbx_Rmerge_I_obs                ? 
_reflns.pdbx_Rmerge_I_all                ? 
_reflns.pdbx_Rsym_value                  ? 
_reflns.pdbx_netI_over_av_sigmaI         ? 
_reflns.pdbx_netI_over_sigmaI            24.3 
_reflns.pdbx_res_netI_over_av_sigmaI_2   ? 
_reflns.pdbx_res_netI_over_sigmaI_2      ? 
_reflns.pdbx_chi_squared                 ? 
_reflns.pdbx_scaling_rejects             ? 
_reflns.pdbx_d_res_high_opt              ? 
_reflns.pdbx_d_res_low_opt               ? 
_reflns.pdbx_d_res_opt_method            ? 
_reflns.phase_calculation_details        ? 
_reflns.pdbx_Rrim_I_all                  ? 
_reflns.pdbx_Rpim_I_all                  0.03 
_reflns.pdbx_d_opt                       ? 
_reflns.pdbx_number_measured_all         ? 
_reflns.pdbx_diffrn_id                   1 
_reflns.pdbx_ordinal                     1 
_reflns.pdbx_CC_half                     1 
_reflns.pdbx_CC_star                     ? 
_reflns.pdbx_R_split                     ? 
# 
_reflns_shell.d_res_high                  2.3 
_reflns_shell.d_res_low                   2.38 
_reflns_shell.meanI_over_sigI_all         ? 
_reflns_shell.meanI_over_sigI_obs         2.1 
_reflns_shell.number_measured_all         ? 
_reflns_shell.number_measured_obs         ? 
_reflns_shell.number_possible             ? 
_reflns_shell.number_unique_all           ? 
_reflns_shell.number_unique_obs           780 
_reflns_shell.percent_possible_all        ? 
_reflns_shell.percent_possible_obs        ? 
_reflns_shell.Rmerge_F_all                ? 
_reflns_shell.Rmerge_F_obs                ? 
_reflns_shell.Rmerge_I_all                ? 
_reflns_shell.Rmerge_I_obs                ? 
_reflns_shell.meanI_over_sigI_gt          ? 
_reflns_shell.meanI_over_uI_all           ? 
_reflns_shell.meanI_over_uI_gt            ? 
_reflns_shell.number_measured_gt          ? 
_reflns_shell.number_unique_gt            ? 
_reflns_shell.percent_possible_gt         ? 
_reflns_shell.Rmerge_F_gt                 ? 
_reflns_shell.Rmerge_I_gt                 ? 
_reflns_shell.pdbx_redundancy             ? 
_reflns_shell.pdbx_Rsym_value             ? 
_reflns_shell.pdbx_chi_squared            ? 
_reflns_shell.pdbx_netI_over_sigmaI_all   ? 
_reflns_shell.pdbx_netI_over_sigmaI_obs   ? 
_reflns_shell.pdbx_Rrim_I_all             ? 
_reflns_shell.pdbx_Rpim_I_all             0.39 
_reflns_shell.pdbx_rejects                ? 
_reflns_shell.pdbx_ordinal                1 
_reflns_shell.pdbx_diffrn_id              1 
_reflns_shell.pdbx_CC_half                0.734 
_reflns_shell.pdbx_CC_star                ? 
_reflns_shell.pdbx_R_split                ? 
# 
_refine.aniso_B[1][1]                            ? 
_refine.aniso_B[1][2]                            ? 
_refine.aniso_B[1][3]                            ? 
_refine.aniso_B[2][2]                            ? 
_refine.aniso_B[2][3]                            ? 
_refine.aniso_B[3][3]                            ? 
_refine.B_iso_max                                ? 
_refine.B_iso_mean                               52.45 
_refine.B_iso_min                                ? 
_refine.correlation_coeff_Fo_to_Fc               ? 
_refine.correlation_coeff_Fo_to_Fc_free          ? 
_refine.details                                  ? 
_refine.diff_density_max                         ? 
_refine.diff_density_max_esd                     ? 
_refine.diff_density_min                         ? 
_refine.diff_density_min_esd                     ? 
_refine.diff_density_rms                         ? 
_refine.diff_density_rms_esd                     ? 
_refine.entry_id                                 7KW3 
_refine.pdbx_refine_id                           'X-RAY DIFFRACTION' 
_refine.ls_abs_structure_details                 ? 
_refine.ls_abs_structure_Flack                   ? 
_refine.ls_abs_structure_Flack_esd               ? 
_refine.ls_abs_structure_Rogers                  ? 
_refine.ls_abs_structure_Rogers_esd              ? 
_refine.ls_d_res_high                            2.30 
_refine.ls_d_res_low                             45.13 
_refine.ls_extinction_coef                       ? 
_refine.ls_extinction_coef_esd                   ? 
_refine.ls_extinction_expression                 ? 
_refine.ls_extinction_method                     ? 
_refine.ls_goodness_of_fit_all                   ? 
_refine.ls_goodness_of_fit_all_esd               ? 
_refine.ls_goodness_of_fit_obs                   ? 
_refine.ls_goodness_of_fit_obs_esd               ? 
_refine.ls_hydrogen_treatment                    ? 
_refine.ls_matrix_type                           ? 
_refine.ls_number_constraints                    ? 
_refine.ls_number_parameters                     ? 
_refine.ls_number_reflns_all                     ? 
_refine.ls_number_reflns_obs                     8248 
_refine.ls_number_reflns_R_free                  394 
_refine.ls_number_reflns_R_work                  7854 
_refine.ls_number_restraints                     ? 
_refine.ls_percent_reflns_obs                    99.90 
_refine.ls_percent_reflns_R_free                 4.78 
_refine.ls_R_factor_all                          ? 
_refine.ls_R_factor_obs                          0.1852 
_refine.ls_R_factor_R_free                       0.2060 
_refine.ls_R_factor_R_free_error                 ? 
_refine.ls_R_factor_R_free_error_details         ? 
_refine.ls_R_factor_R_work                       0.1842 
_refine.ls_R_Fsqd_factor_obs                     ? 
_refine.ls_R_I_factor_obs                        ? 
_refine.ls_redundancy_reflns_all                 ? 
_refine.ls_redundancy_reflns_obs                 ? 
_refine.ls_restrained_S_all                      ? 
_refine.ls_restrained_S_obs                      ? 
_refine.ls_shift_over_esd_max                    ? 
_refine.ls_shift_over_esd_mean                   ? 
_refine.ls_structure_factor_coef                 ? 
_refine.ls_weighting_details                     ? 
_refine.ls_weighting_scheme                      ? 
_refine.ls_wR_factor_all                         ? 
_refine.ls_wR_factor_obs                         ? 
_refine.ls_wR_factor_R_free                      ? 
_refine.ls_wR_factor_R_work                      ? 
_refine.occupancy_max                            ? 
_refine.occupancy_min                            ? 
_refine.solvent_model_details                    'FLAT BULK SOLVENT MODEL' 
_refine.solvent_model_param_bsol                 ? 
_refine.solvent_model_param_ksol                 ? 
_refine.pdbx_R_complete                          ? 
_refine.ls_R_factor_gt                           ? 
_refine.ls_goodness_of_fit_gt                    ? 
_refine.ls_goodness_of_fit_ref                   ? 
_refine.ls_shift_over_su_max                     ? 
_refine.ls_shift_over_su_max_lt                  ? 
_refine.ls_shift_over_su_mean                    ? 
_refine.ls_shift_over_su_mean_lt                 ? 
_refine.pdbx_ls_sigma_I                          ? 
_refine.pdbx_ls_sigma_F                          1.34 
_refine.pdbx_ls_sigma_Fsqd                       ? 
_refine.pdbx_data_cutoff_high_absF               ? 
_refine.pdbx_data_cutoff_high_rms_absF           ? 
_refine.pdbx_data_cutoff_low_absF                ? 
_refine.pdbx_isotropic_thermal_model             ? 
_refine.pdbx_ls_cross_valid_method               'FREE R-VALUE' 
_refine.pdbx_method_to_determine_struct          'MOLECULAR REPLACEMENT' 
_refine.pdbx_starting_model                      'model from iTasser' 
_refine.pdbx_stereochemistry_target_values       'GeoStd + Monomer Library + CDL v1.2' 
_refine.pdbx_R_Free_selection_details            ? 
_refine.pdbx_stereochem_target_val_spec_case     ? 
_refine.pdbx_overall_ESU_R                       ? 
_refine.pdbx_overall_ESU_R_Free                  ? 
_refine.pdbx_solvent_vdw_probe_radii             1.1100 
_refine.pdbx_solvent_ion_probe_radii             ? 
_refine.pdbx_solvent_shrinkage_radii             0.9000 
_refine.pdbx_real_space_R                        ? 
_refine.pdbx_density_correlation                 ? 
_refine.pdbx_pd_number_of_powder_patterns        ? 
_refine.pdbx_pd_number_of_points                 ? 
_refine.pdbx_pd_meas_number_of_points            ? 
_refine.pdbx_pd_proc_ls_prof_R_factor            ? 
_refine.pdbx_pd_proc_ls_prof_wR_factor           ? 
_refine.pdbx_pd_Marquardt_correlation_coeff      ? 
_refine.pdbx_pd_Fsqrd_R_factor                   ? 
_refine.pdbx_pd_ls_matrix_band_width             ? 
_refine.pdbx_overall_phase_error                 20.2135 
_refine.pdbx_overall_SU_R_free_Cruickshank_DPI   ? 
_refine.pdbx_overall_SU_R_free_Blow_DPI          ? 
_refine.pdbx_overall_SU_R_Blow_DPI               ? 
_refine.pdbx_TLS_residual_ADP_flag               ? 
_refine.pdbx_diffrn_id                           1 
_refine.overall_SU_B                             ? 
_refine.overall_SU_ML                            0.3063 
_refine.overall_SU_R_Cruickshank_DPI             ? 
_refine.overall_SU_R_free                        ? 
_refine.overall_FOM_free_R_set                   ? 
_refine.overall_FOM_work_R_set                   ? 
_refine.pdbx_average_fsc_overall                 ? 
_refine.pdbx_average_fsc_work                    ? 
_refine.pdbx_average_fsc_free                    ? 
# 
_refine_hist.pdbx_refine_id                   'X-RAY DIFFRACTION' 
_refine_hist.cycle_id                         LAST 
_refine_hist.details                          ? 
_refine_hist.d_res_high                       2.30 
_refine_hist.d_res_low                        45.13 
_refine_hist.number_atoms_solvent             56 
_refine_hist.number_atoms_total               634 
_refine_hist.number_reflns_all                ? 
_refine_hist.number_reflns_obs                ? 
_refine_hist.number_reflns_R_free             ? 
_refine_hist.number_reflns_R_work             ? 
_refine_hist.R_factor_all                     ? 
_refine_hist.R_factor_obs                     ? 
_refine_hist.R_factor_R_free                  ? 
_refine_hist.R_factor_R_work                  ? 
_refine_hist.pdbx_number_residues_total       ? 
_refine_hist.pdbx_B_iso_mean_ligand           ? 
_refine_hist.pdbx_B_iso_mean_solvent          ? 
_refine_hist.pdbx_number_atoms_protein        573 
_refine_hist.pdbx_number_atoms_nucleic_acid   0 
_refine_hist.pdbx_number_atoms_ligand         5 
_refine_hist.pdbx_number_atoms_lipid          ? 
_refine_hist.pdbx_number_atoms_carb           ? 
_refine_hist.pdbx_pseudo_atom_details         ? 
# 
loop_
_refine_ls_restr.pdbx_refine_id 
_refine_ls_restr.criterion 
_refine_ls_restr.dev_ideal 
_refine_ls_restr.dev_ideal_target 
_refine_ls_restr.number 
_refine_ls_restr.rejects 
_refine_ls_restr.type 
_refine_ls_restr.weight 
_refine_ls_restr.pdbx_restraint_function 
'X-RAY DIFFRACTION' ? 0.0059  ? 588 ? f_bond_d           ? ? 
'X-RAY DIFFRACTION' ? 0.8222  ? 803 ? f_angle_d          ? ? 
'X-RAY DIFFRACTION' ? 0.0451  ? 95  ? f_chiral_restr     ? ? 
'X-RAY DIFFRACTION' ? 0.0062  ? 104 ? f_plane_restr      ? ? 
'X-RAY DIFFRACTION' ? 26.8622 ? 200 ? f_dihedral_angle_d ? ? 
# 
loop_
_refine_ls_shell.pdbx_refine_id 
_refine_ls_shell.d_res_high 
_refine_ls_shell.d_res_low 
_refine_ls_shell.number_reflns_all 
_refine_ls_shell.number_reflns_obs 
_refine_ls_shell.number_reflns_R_free 
_refine_ls_shell.number_reflns_R_work 
_refine_ls_shell.percent_reflns_obs 
_refine_ls_shell.percent_reflns_R_free 
_refine_ls_shell.R_factor_all 
_refine_ls_shell.R_factor_obs 
_refine_ls_shell.R_factor_R_free 
_refine_ls_shell.R_factor_R_free_error 
_refine_ls_shell.R_factor_R_work 
_refine_ls_shell.redundancy_reflns_all 
_refine_ls_shell.redundancy_reflns_obs 
_refine_ls_shell.wR_factor_all 
_refine_ls_shell.wR_factor_obs 
_refine_ls_shell.wR_factor_R_free 
_refine_ls_shell.wR_factor_R_work 
_refine_ls_shell.pdbx_R_complete 
_refine_ls_shell.pdbx_total_number_of_bins_used 
_refine_ls_shell.pdbx_phase_error 
_refine_ls_shell.pdbx_fsc_work 
_refine_ls_shell.pdbx_fsc_free 
'X-RAY DIFFRACTION' 2.30 2.63  . . 143 2511 99.77  . . . 0.2919 . 0.2530 . . . . . . . . . . . 
'X-RAY DIFFRACTION' 2.64 3.32  . . 119 2589 99.93  . . . 0.2468 . 0.2118 . . . . . . . . . . . 
'X-RAY DIFFRACTION' 3.32 45.13 . . 132 2754 100.00 . . . 0.1750 . 0.1616 . . . . . . . . . . . 
# 
_struct.entry_id                     7KW3 
_struct.title                        'Non Ribosomal PCP domain' 
_struct.pdbx_model_details           ? 
_struct.pdbx_formula_weight          ? 
_struct.pdbx_formula_weight_method   ? 
_struct.pdbx_model_type_details      ? 
_struct.pdbx_CASP_flag               N 
# 
_struct_keywords.entry_id        7KW3 
_struct_keywords.text            'NRPS, PCP-domain, BIOSYNTHETIC PROTEIN' 
_struct_keywords.pdbx_keywords   'BIOSYNTHETIC PROTEIN' 
# 
loop_
_struct_asym.id 
_struct_asym.pdbx_blank_PDB_chainid_flag 
_struct_asym.pdbx_modified 
_struct_asym.entity_id 
_struct_asym.details 
A N N 1 ? 
B N N 2 ? 
C N N 3 ? 
# 
_struct_ref.id                         1 
_struct_ref.db_name                    UNP 
_struct_ref.db_code                    Q47NR9_THEFY 
_struct_ref.pdbx_db_accession          Q47NR9 
_struct_ref.pdbx_db_isoform            ? 
_struct_ref.entity_id                  1 
_struct_ref.pdbx_seq_one_letter_code   VREPATEAEAALCAVYAEVLGLDKVGADADFFALGGDSVLTLRLVHRARSAGWEISARHVFRHPVVADLAAVAQPVTE 
_struct_ref.pdbx_align_begin           3521 
# 
_struct_ref_seq.align_id                      1 
_struct_ref_seq.ref_id                        1 
_struct_ref_seq.pdbx_PDB_id_code              7KW3 
_struct_ref_seq.pdbx_strand_id                A 
_struct_ref_seq.seq_align_beg                 2 
_struct_ref_seq.pdbx_seq_align_beg_ins_code   ? 
_struct_ref_seq.seq_align_end                 79 
_struct_ref_seq.pdbx_seq_align_end_ins_code   ? 
_struct_ref_seq.pdbx_db_accession             Q47NR9 
_struct_ref_seq.db_align_beg                  3521 
_struct_ref_seq.pdbx_db_align_beg_ins_code    ? 
_struct_ref_seq.db_align_end                  3598 
_struct_ref_seq.pdbx_db_align_end_ins_code    ? 
_struct_ref_seq.pdbx_auth_seq_align_beg       3521 
_struct_ref_seq.pdbx_auth_seq_align_end       3598 
# 
loop_
_struct_ref_seq_dif.align_id 
_struct_ref_seq_dif.pdbx_pdb_id_code 
_struct_ref_seq_dif.mon_id 
_struct_ref_seq_dif.pdbx_pdb_strand_id 
_struct_ref_seq_dif.seq_num 
_struct_ref_seq_dif.pdbx_pdb_ins_code 
_struct_ref_seq_dif.pdbx_seq_db_name 
_struct_ref_seq_dif.pdbx_seq_db_accession_code 
_struct_ref_seq_dif.db_mon_id 
_struct_ref_seq_dif.pdbx_seq_db_seq_num 
_struct_ref_seq_dif.details 
_struct_ref_seq_dif.pdbx_auth_seq_num 
_struct_ref_seq_dif.pdbx_ordinal 
1 7KW3 MET A 1  ? UNP Q47NR9 ? ? 'initiating methionine' 3520 1 
1 7KW3 GLY A 80 ? UNP Q47NR9 ? ? 'expression tag'        3599 2 
1 7KW3 SER A 81 ? UNP Q47NR9 ? ? 'expression tag'        3600 3 
1 7KW3 HIS A 82 ? UNP Q47NR9 ? ? 'expression tag'        3601 4 
1 7KW3 HIS A 83 ? UNP Q47NR9 ? ? 'expression tag'        3602 5 
1 7KW3 HIS A 84 ? UNP Q47NR9 ? ? 'expression tag'        3603 6 
1 7KW3 HIS A 85 ? UNP Q47NR9 ? ? 'expression tag'        3604 7 
1 7KW3 HIS A 86 ? UNP Q47NR9 ? ? 'expression tag'        3605 8 
1 7KW3 HIS A 87 ? UNP Q47NR9 ? ? 'expression tag'        3606 9 
# 
_pdbx_struct_assembly.id                   1 
_pdbx_struct_assembly.details              author_defined_assembly 
_pdbx_struct_assembly.method_details       ? 
_pdbx_struct_assembly.oligomeric_details   monomeric 
_pdbx_struct_assembly.oligomeric_count     1 
# 
loop_
_pdbx_struct_assembly_prop.biol_id 
_pdbx_struct_assembly_prop.type 
_pdbx_struct_assembly_prop.value 
_pdbx_struct_assembly_prop.details 
1 'ABSA (A^2)' 80   ? 
1 MORE         -5   ? 
1 'SSA (A^2)'  4580 ? 
# 
_pdbx_struct_assembly_gen.assembly_id       1 
_pdbx_struct_assembly_gen.oper_expression   1 
_pdbx_struct_assembly_gen.asym_id_list      A,B,C 
# 
_pdbx_struct_assembly_auth_evidence.id                     1 
_pdbx_struct_assembly_auth_evidence.assembly_id            1 
_pdbx_struct_assembly_auth_evidence.experimental_support   'gel filtration' 
_pdbx_struct_assembly_auth_evidence.details                ? 
# 
_pdbx_struct_oper_list.id                   1 
_pdbx_struct_oper_list.type                 'identity operation' 
_pdbx_struct_oper_list.name                 1_555 
_pdbx_struct_oper_list.symmetry_operation   x,y,z 
_pdbx_struct_oper_list.matrix[1][1]         1.0000000000 
_pdbx_struct_oper_list.matrix[1][2]         0.0000000000 
_pdbx_struct_oper_list.matrix[1][3]         0.0000000000 
_pdbx_struct_oper_list.vector[1]            0.0000000000 
_pdbx_struct_oper_list.matrix[2][1]         0.0000000000 
_pdbx_struct_oper_list.matrix[2][2]         1.0000000000 
_pdbx_struct_oper_list.matrix[2][3]         0.0000000000 
_pdbx_struct_oper_list.vector[2]            0.0000000000 
_pdbx_struct_oper_list.matrix[3][1]         0.0000000000 
_pdbx_struct_oper_list.matrix[3][2]         0.0000000000 
_pdbx_struct_oper_list.matrix[3][3]         1.0000000000 
_pdbx_struct_oper_list.vector[3]            0.0000000000 
# 
loop_
_struct_conf.conf_type_id 
_struct_conf.id 
_struct_conf.pdbx_PDB_helix_id 
_struct_conf.beg_label_comp_id 
_struct_conf.beg_label_asym_id 
_struct_conf.beg_label_seq_id 
_struct_conf.pdbx_beg_PDB_ins_code 
_struct_conf.end_label_comp_id 
_struct_conf.end_label_asym_id 
_struct_conf.end_label_seq_id 
_struct_conf.pdbx_end_PDB_ins_code 
_struct_conf.beg_auth_comp_id 
_struct_conf.beg_auth_asym_id 
_struct_conf.beg_auth_seq_id 
_struct_conf.end_auth_comp_id 
_struct_conf.end_auth_asym_id 
_struct_conf.end_auth_seq_id 
_struct_conf.pdbx_PDB_helix_class 
_struct_conf.details 
_struct_conf.pdbx_PDB_helix_length 
HELX_P HELX_P1 AA1 THR A 7  ? GLY A 22 ? THR A 3526 GLY A 3541 1 ? 16 
HELX_P HELX_P2 AA2 ASP A 38 ? ALA A 52 ? ASP A 3557 ALA A 3571 1 ? 15 
HELX_P HELX_P3 AA3 SER A 57 ? HIS A 64 ? SER A 3576 HIS A 3583 1 ? 8  
HELX_P HELX_P4 AA4 VAL A 66 ? ALA A 74 ? VAL A 3585 ALA A 3593 1 ? 9  
# 
_struct_conf_type.id          HELX_P 
_struct_conf_type.criteria    ? 
_struct_conf_type.reference   ? 
# 
_struct_sheet.id               AA1 
_struct_sheet.type             ? 
_struct_sheet.number_strands   2 
_struct_sheet.details          ? 
# 
_struct_sheet_order.sheet_id     AA1 
_struct_sheet_order.range_id_1   1 
_struct_sheet_order.range_id_2   2 
_struct_sheet_order.offset       ? 
_struct_sheet_order.sense        anti-parallel 
# 
loop_
_struct_sheet_range.sheet_id 
_struct_sheet_range.id 
_struct_sheet_range.beg_label_comp_id 
_struct_sheet_range.beg_label_asym_id 
_struct_sheet_range.beg_label_seq_id 
_struct_sheet_range.pdbx_beg_PDB_ins_code 
_struct_sheet_range.end_label_comp_id 
_struct_sheet_range.end_label_asym_id 
_struct_sheet_range.end_label_seq_id 
_struct_sheet_range.pdbx_end_PDB_ins_code 
_struct_sheet_range.beg_auth_comp_id 
_struct_sheet_range.beg_auth_asym_id 
_struct_sheet_range.beg_auth_seq_id 
_struct_sheet_range.end_auth_comp_id 
_struct_sheet_range.end_auth_asym_id 
_struct_sheet_range.end_auth_seq_id 
AA1 1 TRP A 54 ? GLU A 55 ? TRP A 3573 GLU A 3574 
AA1 2 GLN A 75 ? PRO A 76 ? GLN A 3594 PRO A 3595 
# 
_pdbx_struct_sheet_hbond.sheet_id                AA1 
_pdbx_struct_sheet_hbond.range_id_1              1 
_pdbx_struct_sheet_hbond.range_id_2              2 
_pdbx_struct_sheet_hbond.range_1_label_atom_id   N 
_pdbx_struct_sheet_hbond.range_1_label_comp_id   GLU 
_pdbx_struct_sheet_hbond.range_1_label_asym_id   A 
_pdbx_struct_sheet_hbond.range_1_label_seq_id    55 
_pdbx_struct_sheet_hbond.range_1_PDB_ins_code    ? 
_pdbx_struct_sheet_hbond.range_1_auth_atom_id    N 
_pdbx_struct_sheet_hbond.range_1_auth_comp_id    GLU 
_pdbx_struct_sheet_hbond.range_1_auth_asym_id    A 
_pdbx_struct_sheet_hbond.range_1_auth_seq_id     3574 
_pdbx_struct_sheet_hbond.range_2_label_atom_id   O 
_pdbx_struct_sheet_hbond.range_2_label_comp_id   GLN 
_pdbx_struct_sheet_hbond.range_2_label_asym_id   A 
_pdbx_struct_sheet_hbond.range_2_label_seq_id    75 
_pdbx_struct_sheet_hbond.range_2_PDB_ins_code    ? 
_pdbx_struct_sheet_hbond.range_2_auth_atom_id    O 
_pdbx_struct_sheet_hbond.range_2_auth_comp_id    GLN 
_pdbx_struct_sheet_hbond.range_2_auth_asym_id    A 
_pdbx_struct_sheet_hbond.range_2_auth_seq_id     3594 
# 
_struct_site.id                   AC1 
_struct_site.pdbx_evidence_code   Software 
_struct_site.pdbx_auth_asym_id    A 
_struct_site.pdbx_auth_comp_id    SO4 
_struct_site.pdbx_auth_seq_id     3701 
_struct_site.pdbx_auth_ins_code   ? 
_struct_site.pdbx_num_residues    6 
_struct_site.details              'binding site for residue SO4 A 3701' 
# 
loop_
_struct_site_gen.id 
_struct_site_gen.site_id 
_struct_site_gen.pdbx_num_res 
_struct_site_gen.label_comp_id 
_struct_site_gen.label_asym_id 
_struct_site_gen.label_seq_id 
_struct_site_gen.pdbx_auth_ins_code 
_struct_site_gen.auth_comp_id 
_struct_site_gen.auth_asym_id 
_struct_site_gen.auth_seq_id 
_struct_site_gen.label_atom_id 
_struct_site_gen.label_alt_id 
_struct_site_gen.symmetry 
_struct_site_gen.details 
1 AC1 6 ARG A 59 ? ARG A 3578 . ? 9_555  ? 
2 AC1 6 ARG A 59 ? ARG A 3578 . ? 16_454 ? 
3 AC1 6 HOH C .  ? HOH A 3804 . ? 1_555  ? 
4 AC1 6 HOH C .  ? HOH A 3804 . ? 18_454 ? 
5 AC1 6 HOH C .  ? HOH A 3826 . ? 18_454 ? 
6 AC1 6 HOH C .  ? HOH A 3826 . ? 1_555  ? 
# 
_pdbx_validate_close_contact.id               1 
_pdbx_validate_close_contact.PDB_model_num    1 
_pdbx_validate_close_contact.auth_atom_id_1   O 
_pdbx_validate_close_contact.auth_asym_id_1   A 
_pdbx_validate_close_contact.auth_comp_id_1   HOH 
_pdbx_validate_close_contact.auth_seq_id_1    3804 
_pdbx_validate_close_contact.PDB_ins_code_1   ? 
_pdbx_validate_close_contact.label_alt_id_1   ? 
_pdbx_validate_close_contact.auth_atom_id_2   O 
_pdbx_validate_close_contact.auth_asym_id_2   A 
_pdbx_validate_close_contact.auth_comp_id_2   HOH 
_pdbx_validate_close_contact.auth_seq_id_2    3825 
_pdbx_validate_close_contact.PDB_ins_code_2   ? 
_pdbx_validate_close_contact.label_alt_id_2   ? 
_pdbx_validate_close_contact.dist             2.05 
# 
loop_
_pdbx_struct_special_symmetry.id 
_pdbx_struct_special_symmetry.PDB_model_num 
_pdbx_struct_special_symmetry.auth_asym_id 
_pdbx_struct_special_symmetry.auth_comp_id 
_pdbx_struct_special_symmetry.auth_seq_id 
_pdbx_struct_special_symmetry.PDB_ins_code 
_pdbx_struct_special_symmetry.label_asym_id 
_pdbx_struct_special_symmetry.label_comp_id 
_pdbx_struct_special_symmetry.label_seq_id 
1 1 A SO4 3701 ? B SO4 . 
2 1 A HOH 3817 ? C HOH . 
3 1 A HOH 3826 ? C HOH . 
4 1 A HOH 3831 ? C HOH . 
# 
loop_
_space_group_symop.id 
_space_group_symop.operation_xyz 
1  x,y,z                
2  x+3/4,-z+3/4,y+1/4   
3  x+1/4,z+3/4,-y+3/4   
4  z+1/4,y+3/4,-x+3/4   
5  -z+3/4,y+1/4,x+3/4   
6  -y+3/4,x+1/4,z+3/4   
7  y+3/4,-x+3/4,z+1/4   
8  z,x,y                
9  y,z,x                
10 -y+1/2,-z,x+1/2      
11 z+1/2,-x+1/2,-y      
12 -y,z+1/2,-x+1/2      
13 -z+1/2,-x,y+1/2      
14 -z,x+1/2,-y+1/2      
15 y+1/2,-z+1/2,-x      
16 x+1/2,-y+1/2,-z      
17 -x,y+1/2,-z+1/2      
18 -x+1/2,-y,z+1/2      
19 y+1/4,x+3/4,-z+3/4   
20 -y+1/4,-x+1/4,-z+1/4 
21 z+3/4,-y+3/4,x+1/4   
22 -z+1/4,-y+1/4,-x+1/4 
23 -x+3/4,z+1/4,y+3/4   
24 -x+1/4,-z+1/4,-y+1/4 
# 
_pdbx_refine_tls.id               1 
_pdbx_refine_tls.pdbx_refine_id   'X-RAY DIFFRACTION' 
_pdbx_refine_tls.details          ? 
_pdbx_refine_tls.method           refined 
_pdbx_refine_tls.origin_x         -0.4494206393 
_pdbx_refine_tls.origin_y         -0.014881506772 
_pdbx_refine_tls.origin_z         0.164305103212 
_pdbx_refine_tls.T[1][1]          0.301088296350 
_pdbx_refine_tls.T[1][1]_esd      ? 
_pdbx_refine_tls.T[1][2]          -0.000578432584 
_pdbx_refine_tls.T[1][2]_esd      ? 
_pdbx_refine_tls.T[1][3]          -0.008856993599 
_pdbx_refine_tls.T[1][3]_esd      ? 
_pdbx_refine_tls.T[2][2]          0.368584859085 
_pdbx_refine_tls.T[2][2]_esd      ? 
_pdbx_refine_tls.T[2][3]          -0.033118907626 
_pdbx_refine_tls.T[2][3]_esd      ? 
_pdbx_refine_tls.T[3][3]          0.377466886648 
_pdbx_refine_tls.T[3][3]_esd      ? 
_pdbx_refine_tls.L[1][1]          6.00821973952 
_pdbx_refine_tls.L[1][1]_esd      ? 
_pdbx_refine_tls.L[1][2]          1.558157061340 
_pdbx_refine_tls.L[1][2]_esd      ? 
_pdbx_refine_tls.L[1][3]          0.99470357259 
_pdbx_refine_tls.L[1][3]_esd      ? 
_pdbx_refine_tls.L[2][2]          3.63080585125 
_pdbx_refine_tls.L[2][2]_esd      ? 
_pdbx_refine_tls.L[2][3]          0.870319789657 
_pdbx_refine_tls.L[2][3]_esd      ? 
_pdbx_refine_tls.L[3][3]          4.85095287229 
_pdbx_refine_tls.L[3][3]_esd      ? 
_pdbx_refine_tls.S[1][1]          0.12726860252 
_pdbx_refine_tls.S[1][1]_esd      ? 
_pdbx_refine_tls.S[1][2]          0.097739479051 
_pdbx_refine_tls.S[1][2]_esd      ? 
_pdbx_refine_tls.S[1][3]          -0.220109484027 
_pdbx_refine_tls.S[1][3]_esd      ? 
_pdbx_refine_tls.S[2][1]          0.079969833791 
_pdbx_refine_tls.S[2][1]_esd      ? 
_pdbx_refine_tls.S[2][2]          0.160303191928 
_pdbx_refine_tls.S[2][2]_esd      ? 
_pdbx_refine_tls.S[2][3]          -0.35556530030 
_pdbx_refine_tls.S[2][3]_esd      ? 
_pdbx_refine_tls.S[3][1]          0.311915578514 
_pdbx_refine_tls.S[3][1]_esd      ? 
_pdbx_refine_tls.S[3][2]          0.343116636154 
_pdbx_refine_tls.S[3][2]_esd      ? 
_pdbx_refine_tls.S[3][3]          -0.136296281326 
_pdbx_refine_tls.S[3][3]_esd      ? 
# 
_pdbx_refine_tls_group.id                  1 
_pdbx_refine_tls_group.pdbx_refine_id      'X-RAY DIFFRACTION' 
_pdbx_refine_tls_group.refine_tls_id       1 
_pdbx_refine_tls_group.beg_label_asym_id   A 
_pdbx_refine_tls_group.beg_label_seq_id    1 
_pdbx_refine_tls_group.beg_auth_asym_id    A 
_pdbx_refine_tls_group.beg_auth_seq_id     3521 
_pdbx_refine_tls_group.beg_PDB_ins_code    ? 
_pdbx_refine_tls_group.end_label_asym_id   C 
_pdbx_refine_tls_group.end_label_seq_id    ? 
_pdbx_refine_tls_group.end_auth_asym_id    B 
_pdbx_refine_tls_group.end_auth_seq_id     1 
_pdbx_refine_tls_group.end_PDB_ins_code    ? 
_pdbx_refine_tls_group.selection           ? 
_pdbx_refine_tls_group.selection_details   all 
# 
_pdbx_entry_details.entry_id                 7KW3 
_pdbx_entry_details.has_ligand_of_interest   N 
_pdbx_entry_details.compound_details         ? 
_pdbx_entry_details.source_details           ? 
_pdbx_entry_details.nonpolymer_details       ? 
_pdbx_entry_details.sequence_details         ? 
# 
_pdbx_distant_solvent_atoms.id                                1 
_pdbx_distant_solvent_atoms.PDB_model_num                     1 
_pdbx_distant_solvent_atoms.auth_atom_id                      O 
_pdbx_distant_solvent_atoms.label_alt_id                      ? 
_pdbx_distant_solvent_atoms.auth_asym_id                      A 
_pdbx_distant_solvent_atoms.auth_comp_id                      HOH 
_pdbx_distant_solvent_atoms.auth_seq_id                       3856 
_pdbx_distant_solvent_atoms.PDB_ins_code                      ? 
_pdbx_distant_solvent_atoms.neighbor_macromolecule_distance   7.90 
_pdbx_distant_solvent_atoms.neighbor_ligand_distance          . 
# 
loop_
_pdbx_unobs_or_zero_occ_residues.id 
_pdbx_unobs_or_zero_occ_residues.PDB_model_num 
_pdbx_unobs_or_zero_occ_residues.polymer_flag 
_pdbx_unobs_or_zero_occ_residues.occupancy_flag 
_pdbx_unobs_or_zero_occ_residues.auth_asym_id 
_pdbx_unobs_or_zero_occ_residues.auth_comp_id 
_pdbx_unobs_or_zero_occ_residues.auth_seq_id 
_pdbx_unobs_or_zero_occ_residues.PDB_ins_code 
_pdbx_unobs_or_zero_occ_residues.label_asym_id 
_pdbx_unobs_or_zero_occ_residues.label_comp_id 
_pdbx_unobs_or_zero_occ_residues.label_seq_id 
1  1 Y 1 A MET 3520 ? A MET 1  
2  1 Y 1 A GLU 3598 ? A GLU 79 
3  1 Y 1 A GLY 3599 ? A GLY 80 
4  1 Y 1 A SER 3600 ? A SER 81 
5  1 Y 1 A HIS 3601 ? A HIS 82 
6  1 Y 1 A HIS 3602 ? A HIS 83 
7  1 Y 1 A HIS 3603 ? A HIS 84 
8  1 Y 1 A HIS 3604 ? A HIS 85 
9  1 Y 1 A HIS 3605 ? A HIS 86 
10 1 Y 1 A HIS 3606 ? A HIS 87 
# 
loop_
_chem_comp_atom.comp_id 
_chem_comp_atom.atom_id 
_chem_comp_atom.type_symbol 
_chem_comp_atom.pdbx_aromatic_flag 
_chem_comp_atom.pdbx_stereo_config 
_chem_comp_atom.pdbx_ordinal 
ALA N    N N N 1   
ALA CA   C N S 2   
ALA C    C N N 3   
ALA O    O N N 4   
ALA CB   C N N 5   
ALA OXT  O N N 6   
ALA H    H N N 7   
ALA H2   H N N 8   
ALA HA   H N N 9   
ALA HB1  H N N 10  
ALA HB2  H N N 11  
ALA HB3  H N N 12  
ALA HXT  H N N 13  
ARG N    N N N 14  
ARG CA   C N S 15  
ARG C    C N N 16  
ARG O    O N N 17  
ARG CB   C N N 18  
ARG CG   C N N 19  
ARG CD   C N N 20  
ARG NE   N N N 21  
ARG CZ   C N N 22  
ARG NH1  N N N 23  
ARG NH2  N N N 24  
ARG OXT  O N N 25  
ARG H    H N N 26  
ARG H2   H N N 27  
ARG HA   H N N 28  
ARG HB2  H N N 29  
ARG HB3  H N N 30  
ARG HG2  H N N 31  
ARG HG3  H N N 32  
ARG HD2  H N N 33  
ARG HD3  H N N 34  
ARG HE   H N N 35  
ARG HH11 H N N 36  
ARG HH12 H N N 37  
ARG HH21 H N N 38  
ARG HH22 H N N 39  
ARG HXT  H N N 40  
ASP N    N N N 41  
ASP CA   C N S 42  
ASP C    C N N 43  
ASP O    O N N 44  
ASP CB   C N N 45  
ASP CG   C N N 46  
ASP OD1  O N N 47  
ASP OD2  O N N 48  
ASP OXT  O N N 49  
ASP H    H N N 50  
ASP H2   H N N 51  
ASP HA   H N N 52  
ASP HB2  H N N 53  
ASP HB3  H N N 54  
ASP HD2  H N N 55  
ASP HXT  H N N 56  
CYS N    N N N 57  
CYS CA   C N R 58  
CYS C    C N N 59  
CYS O    O N N 60  
CYS CB   C N N 61  
CYS SG   S N N 62  
CYS OXT  O N N 63  
CYS H    H N N 64  
CYS H2   H N N 65  
CYS HA   H N N 66  
CYS HB2  H N N 67  
CYS HB3  H N N 68  
CYS HG   H N N 69  
CYS HXT  H N N 70  
GLN N    N N N 71  
GLN CA   C N S 72  
GLN C    C N N 73  
GLN O    O N N 74  
GLN CB   C N N 75  
GLN CG   C N N 76  
GLN CD   C N N 77  
GLN OE1  O N N 78  
GLN NE2  N N N 79  
GLN OXT  O N N 80  
GLN H    H N N 81  
GLN H2   H N N 82  
GLN HA   H N N 83  
GLN HB2  H N N 84  
GLN HB3  H N N 85  
GLN HG2  H N N 86  
GLN HG3  H N N 87  
GLN HE21 H N N 88  
GLN HE22 H N N 89  
GLN HXT  H N N 90  
GLU N    N N N 91  
GLU CA   C N S 92  
GLU C    C N N 93  
GLU O    O N N 94  
GLU CB   C N N 95  
GLU CG   C N N 96  
GLU CD   C N N 97  
GLU OE1  O N N 98  
GLU OE2  O N N 99  
GLU OXT  O N N 100 
GLU H    H N N 101 
GLU H2   H N N 102 
GLU HA   H N N 103 
GLU HB2  H N N 104 
GLU HB3  H N N 105 
GLU HG2  H N N 106 
GLU HG3  H N N 107 
GLU HE2  H N N 108 
GLU HXT  H N N 109 
GLY N    N N N 110 
GLY CA   C N N 111 
GLY C    C N N 112 
GLY O    O N N 113 
GLY OXT  O N N 114 
GLY H    H N N 115 
GLY H2   H N N 116 
GLY HA2  H N N 117 
GLY HA3  H N N 118 
GLY HXT  H N N 119 
HIS N    N N N 120 
HIS CA   C N S 121 
HIS C    C N N 122 
HIS O    O N N 123 
HIS CB   C N N 124 
HIS CG   C Y N 125 
HIS ND1  N Y N 126 
HIS CD2  C Y N 127 
HIS CE1  C Y N 128 
HIS NE2  N Y N 129 
HIS OXT  O N N 130 
HIS H    H N N 131 
HIS H2   H N N 132 
HIS HA   H N N 133 
HIS HB2  H N N 134 
HIS HB3  H N N 135 
HIS HD1  H N N 136 
HIS HD2  H N N 137 
HIS HE1  H N N 138 
HIS HE2  H N N 139 
HIS HXT  H N N 140 
HOH O    O N N 141 
HOH H1   H N N 142 
HOH H2   H N N 143 
ILE N    N N N 144 
ILE CA   C N S 145 
ILE C    C N N 146 
ILE O    O N N 147 
ILE CB   C N S 148 
ILE CG1  C N N 149 
ILE CG2  C N N 150 
ILE CD1  C N N 151 
ILE OXT  O N N 152 
ILE H    H N N 153 
ILE H2   H N N 154 
ILE HA   H N N 155 
ILE HB   H N N 156 
ILE HG12 H N N 157 
ILE HG13 H N N 158 
ILE HG21 H N N 159 
ILE HG22 H N N 160 
ILE HG23 H N N 161 
ILE HD11 H N N 162 
ILE HD12 H N N 163 
ILE HD13 H N N 164 
ILE HXT  H N N 165 
LEU N    N N N 166 
LEU CA   C N S 167 
LEU C    C N N 168 
LEU O    O N N 169 
LEU CB   C N N 170 
LEU CG   C N N 171 
LEU CD1  C N N 172 
LEU CD2  C N N 173 
LEU OXT  O N N 174 
LEU H    H N N 175 
LEU H2   H N N 176 
LEU HA   H N N 177 
LEU HB2  H N N 178 
LEU HB3  H N N 179 
LEU HG   H N N 180 
LEU HD11 H N N 181 
LEU HD12 H N N 182 
LEU HD13 H N N 183 
LEU HD21 H N N 184 
LEU HD22 H N N 185 
LEU HD23 H N N 186 
LEU HXT  H N N 187 
LYS N    N N N 188 
LYS CA   C N S 189 
LYS C    C N N 190 
LYS O    O N N 191 
LYS CB   C N N 192 
LYS CG   C N N 193 
LYS CD   C N N 194 
LYS CE   C N N 195 
LYS NZ   N N N 196 
LYS OXT  O N N 197 
LYS H    H N N 198 
LYS H2   H N N 199 
LYS HA   H N N 200 
LYS HB2  H N N 201 
LYS HB3  H N N 202 
LYS HG2  H N N 203 
LYS HG3  H N N 204 
LYS HD2  H N N 205 
LYS HD3  H N N 206 
LYS HE2  H N N 207 
LYS HE3  H N N 208 
LYS HZ1  H N N 209 
LYS HZ2  H N N 210 
LYS HZ3  H N N 211 
LYS HXT  H N N 212 
MET N    N N N 213 
MET CA   C N S 214 
MET C    C N N 215 
MET O    O N N 216 
MET CB   C N N 217 
MET CG   C N N 218 
MET SD   S N N 219 
MET CE   C N N 220 
MET OXT  O N N 221 
MET H    H N N 222 
MET H2   H N N 223 
MET HA   H N N 224 
MET HB2  H N N 225 
MET HB3  H N N 226 
MET HG2  H N N 227 
MET HG3  H N N 228 
MET HE1  H N N 229 
MET HE2  H N N 230 
MET HE3  H N N 231 
MET HXT  H N N 232 
PHE N    N N N 233 
PHE CA   C N S 234 
PHE C    C N N 235 
PHE O    O N N 236 
PHE CB   C N N 237 
PHE CG   C Y N 238 
PHE CD1  C Y N 239 
PHE CD2  C Y N 240 
PHE CE1  C Y N 241 
PHE CE2  C Y N 242 
PHE CZ   C Y N 243 
PHE OXT  O N N 244 
PHE H    H N N 245 
PHE H2   H N N 246 
PHE HA   H N N 247 
PHE HB2  H N N 248 
PHE HB3  H N N 249 
PHE HD1  H N N 250 
PHE HD2  H N N 251 
PHE HE1  H N N 252 
PHE HE2  H N N 253 
PHE HZ   H N N 254 
PHE HXT  H N N 255 
PRO N    N N N 256 
PRO CA   C N S 257 
PRO C    C N N 258 
PRO O    O N N 259 
PRO CB   C N N 260 
PRO CG   C N N 261 
PRO CD   C N N 262 
PRO OXT  O N N 263 
PRO H    H N N 264 
PRO HA   H N N 265 
PRO HB2  H N N 266 
PRO HB3  H N N 267 
PRO HG2  H N N 268 
PRO HG3  H N N 269 
PRO HD2  H N N 270 
PRO HD3  H N N 271 
PRO HXT  H N N 272 
SER N    N N N 273 
SER CA   C N S 274 
SER C    C N N 275 
SER O    O N N 276 
SER CB   C N N 277 
SER OG   O N N 278 
SER OXT  O N N 279 
SER H    H N N 280 
SER H2   H N N 281 
SER HA   H N N 282 
SER HB2  H N N 283 
SER HB3  H N N 284 
SER HG   H N N 285 
SER HXT  H N N 286 
SO4 S    S N N 287 
SO4 O1   O N N 288 
SO4 O2   O N N 289 
SO4 O3   O N N 290 
SO4 O4   O N N 291 
THR N    N N N 292 
THR CA   C N S 293 
THR C    C N N 294 
THR O    O N N 295 
THR CB   C N R 296 
THR OG1  O N N 297 
THR CG2  C N N 298 
THR OXT  O N N 299 
THR H    H N N 300 
THR H2   H N N 301 
THR HA   H N N 302 
THR HB   H N N 303 
THR HG1  H N N 304 
THR HG21 H N N 305 
THR HG22 H N N 306 
THR HG23 H N N 307 
THR HXT  H N N 308 
TRP N    N N N 309 
TRP CA   C N S 310 
TRP C    C N N 311 
TRP O    O N N 312 
TRP CB   C N N 313 
TRP CG   C Y N 314 
TRP CD1  C Y N 315 
TRP CD2  C Y N 316 
TRP NE1  N Y N 317 
TRP CE2  C Y N 318 
TRP CE3  C Y N 319 
TRP CZ2  C Y N 320 
TRP CZ3  C Y N 321 
TRP CH2  C Y N 322 
TRP OXT  O N N 323 
TRP H    H N N 324 
TRP H2   H N N 325 
TRP HA   H N N 326 
TRP HB2  H N N 327 
TRP HB3  H N N 328 
TRP HD1  H N N 329 
TRP HE1  H N N 330 
TRP HE3  H N N 331 
TRP HZ2  H N N 332 
TRP HZ3  H N N 333 
TRP HH2  H N N 334 
TRP HXT  H N N 335 
TYR N    N N N 336 
TYR CA   C N S 337 
TYR C    C N N 338 
TYR O    O N N 339 
TYR CB   C N N 340 
TYR CG   C Y N 341 
TYR CD1  C Y N 342 
TYR CD2  C Y N 343 
TYR CE1  C Y N 344 
TYR CE2  C Y N 345 
TYR CZ   C Y N 346 
TYR OH   O N N 347 
TYR OXT  O N N 348 
TYR H    H N N 349 
TYR H2   H N N 350 
TYR HA   H N N 351 
TYR HB2  H N N 352 
TYR HB3  H N N 353 
TYR HD1  H N N 354 
TYR HD2  H N N 355 
TYR HE1  H N N 356 
TYR HE2  H N N 357 
TYR HH   H N N 358 
TYR HXT  H N N 359 
VAL N    N N N 360 
VAL CA   C N S 361 
VAL C    C N N 362 
VAL O    O N N 363 
VAL CB   C N N 364 
VAL CG1  C N N 365 
VAL CG2  C N N 366 
VAL OXT  O N N 367 
VAL H    H N N 368 
VAL H2   H N N 369 
VAL HA   H N N 370 
VAL HB   H N N 371 
VAL HG11 H N N 372 
VAL HG12 H N N 373 
VAL HG13 H N N 374 
VAL HG21 H N N 375 
VAL HG22 H N N 376 
VAL HG23 H N N 377 
VAL HXT  H N N 378 
# 
loop_
_chem_comp_bond.comp_id 
_chem_comp_bond.atom_id_1 
_chem_comp_bond.atom_id_2 
_chem_comp_bond.value_order 
_chem_comp_bond.pdbx_aromatic_flag 
_chem_comp_bond.pdbx_stereo_config 
_chem_comp_bond.pdbx_ordinal 
ALA N   CA   sing N N 1   
ALA N   H    sing N N 2   
ALA N   H2   sing N N 3   
ALA CA  C    sing N N 4   
ALA CA  CB   sing N N 5   
ALA CA  HA   sing N N 6   
ALA C   O    doub N N 7   
ALA C   OXT  sing N N 8   
ALA CB  HB1  sing N N 9   
ALA CB  HB2  sing N N 10  
ALA CB  HB3  sing N N 11  
ALA OXT HXT  sing N N 12  
ARG N   CA   sing N N 13  
ARG N   H    sing N N 14  
ARG N   H2   sing N N 15  
ARG CA  C    sing N N 16  
ARG CA  CB   sing N N 17  
ARG CA  HA   sing N N 18  
ARG C   O    doub N N 19  
ARG C   OXT  sing N N 20  
ARG CB  CG   sing N N 21  
ARG CB  HB2  sing N N 22  
ARG CB  HB3  sing N N 23  
ARG CG  CD   sing N N 24  
ARG CG  HG2  sing N N 25  
ARG CG  HG3  sing N N 26  
ARG CD  NE   sing N N 27  
ARG CD  HD2  sing N N 28  
ARG CD  HD3  sing N N 29  
ARG NE  CZ   sing N N 30  
ARG NE  HE   sing N N 31  
ARG CZ  NH1  sing N N 32  
ARG CZ  NH2  doub N N 33  
ARG NH1 HH11 sing N N 34  
ARG NH1 HH12 sing N N 35  
ARG NH2 HH21 sing N N 36  
ARG NH2 HH22 sing N N 37  
ARG OXT HXT  sing N N 38  
ASP N   CA   sing N N 39  
ASP N   H    sing N N 40  
ASP N   H2   sing N N 41  
ASP CA  C    sing N N 42  
ASP CA  CB   sing N N 43  
ASP CA  HA   sing N N 44  
ASP C   O    doub N N 45  
ASP C   OXT  sing N N 46  
ASP CB  CG   sing N N 47  
ASP CB  HB2  sing N N 48  
ASP CB  HB3  sing N N 49  
ASP CG  OD1  doub N N 50  
ASP CG  OD2  sing N N 51  
ASP OD2 HD2  sing N N 52  
ASP OXT HXT  sing N N 53  
CYS N   CA   sing N N 54  
CYS N   H    sing N N 55  
CYS N   H2   sing N N 56  
CYS CA  C    sing N N 57  
CYS CA  CB   sing N N 58  
CYS CA  HA   sing N N 59  
CYS C   O    doub N N 60  
CYS C   OXT  sing N N 61  
CYS CB  SG   sing N N 62  
CYS CB  HB2  sing N N 63  
CYS CB  HB3  sing N N 64  
CYS SG  HG   sing N N 65  
CYS OXT HXT  sing N N 66  
GLN N   CA   sing N N 67  
GLN N   H    sing N N 68  
GLN N   H2   sing N N 69  
GLN CA  C    sing N N 70  
GLN CA  CB   sing N N 71  
GLN CA  HA   sing N N 72  
GLN C   O    doub N N 73  
GLN C   OXT  sing N N 74  
GLN CB  CG   sing N N 75  
GLN CB  HB2  sing N N 76  
GLN CB  HB3  sing N N 77  
GLN CG  CD   sing N N 78  
GLN CG  HG2  sing N N 79  
GLN CG  HG3  sing N N 80  
GLN CD  OE1  doub N N 81  
GLN CD  NE2  sing N N 82  
GLN NE2 HE21 sing N N 83  
GLN NE2 HE22 sing N N 84  
GLN OXT HXT  sing N N 85  
GLU N   CA   sing N N 86  
GLU N   H    sing N N 87  
GLU N   H2   sing N N 88  
GLU CA  C    sing N N 89  
GLU CA  CB   sing N N 90  
GLU CA  HA   sing N N 91  
GLU C   O    doub N N 92  
GLU C   OXT  sing N N 93  
GLU CB  CG   sing N N 94  
GLU CB  HB2  sing N N 95  
GLU CB  HB3  sing N N 96  
GLU CG  CD   sing N N 97  
GLU CG  HG2  sing N N 98  
GLU CG  HG3  sing N N 99  
GLU CD  OE1  doub N N 100 
GLU CD  OE2  sing N N 101 
GLU OE2 HE2  sing N N 102 
GLU OXT HXT  sing N N 103 
GLY N   CA   sing N N 104 
GLY N   H    sing N N 105 
GLY N   H2   sing N N 106 
GLY CA  C    sing N N 107 
GLY CA  HA2  sing N N 108 
GLY CA  HA3  sing N N 109 
GLY C   O    doub N N 110 
GLY C   OXT  sing N N 111 
GLY OXT HXT  sing N N 112 
HIS N   CA   sing N N 113 
HIS N   H    sing N N 114 
HIS N   H2   sing N N 115 
HIS CA  C    sing N N 116 
HIS CA  CB   sing N N 117 
HIS CA  HA   sing N N 118 
HIS C   O    doub N N 119 
HIS C   OXT  sing N N 120 
HIS CB  CG   sing N N 121 
HIS CB  HB2  sing N N 122 
HIS CB  HB3  sing N N 123 
HIS CG  ND1  sing Y N 124 
HIS CG  CD2  doub Y N 125 
HIS ND1 CE1  doub Y N 126 
HIS ND1 HD1  sing N N 127 
HIS CD2 NE2  sing Y N 128 
HIS CD2 HD2  sing N N 129 
HIS CE1 NE2  sing Y N 130 
HIS CE1 HE1  sing N N 131 
HIS NE2 HE2  sing N N 132 
HIS OXT HXT  sing N N 133 
HOH O   H1   sing N N 134 
HOH O   H2   sing N N 135 
ILE N   CA   sing N N 136 
ILE N   H    sing N N 137 
ILE N   H2   sing N N 138 
ILE CA  C    sing N N 139 
ILE CA  CB   sing N N 140 
ILE CA  HA   sing N N 141 
ILE C   O    doub N N 142 
ILE C   OXT  sing N N 143 
ILE CB  CG1  sing N N 144 
ILE CB  CG2  sing N N 145 
ILE CB  HB   sing N N 146 
ILE CG1 CD1  sing N N 147 
ILE CG1 HG12 sing N N 148 
ILE CG1 HG13 sing N N 149 
ILE CG2 HG21 sing N N 150 
ILE CG2 HG22 sing N N 151 
ILE CG2 HG23 sing N N 152 
ILE CD1 HD11 sing N N 153 
ILE CD1 HD12 sing N N 154 
ILE CD1 HD13 sing N N 155 
ILE OXT HXT  sing N N 156 
LEU N   CA   sing N N 157 
LEU N   H    sing N N 158 
LEU N   H2   sing N N 159 
LEU CA  C    sing N N 160 
LEU CA  CB   sing N N 161 
LEU CA  HA   sing N N 162 
LEU C   O    doub N N 163 
LEU C   OXT  sing N N 164 
LEU CB  CG   sing N N 165 
LEU CB  HB2  sing N N 166 
LEU CB  HB3  sing N N 167 
LEU CG  CD1  sing N N 168 
LEU CG  CD2  sing N N 169 
LEU CG  HG   sing N N 170 
LEU CD1 HD11 sing N N 171 
LEU CD1 HD12 sing N N 172 
LEU CD1 HD13 sing N N 173 
LEU CD2 HD21 sing N N 174 
LEU CD2 HD22 sing N N 175 
LEU CD2 HD23 sing N N 176 
LEU OXT HXT  sing N N 177 
LYS N   CA   sing N N 178 
LYS N   H    sing N N 179 
LYS N   H2   sing N N 180 
LYS CA  C    sing N N 181 
LYS CA  CB   sing N N 182 
LYS CA  HA   sing N N 183 
LYS C   O    doub N N 184 
LYS C   OXT  sing N N 185 
LYS CB  CG   sing N N 186 
LYS CB  HB2  sing N N 187 
LYS CB  HB3  sing N N 188 
LYS CG  CD   sing N N 189 
LYS CG  HG2  sing N N 190 
LYS CG  HG3  sing N N 191 
LYS CD  CE   sing N N 192 
LYS CD  HD2  sing N N 193 
LYS CD  HD3  sing N N 194 
LYS CE  NZ   sing N N 195 
LYS CE  HE2  sing N N 196 
LYS CE  HE3  sing N N 197 
LYS NZ  HZ1  sing N N 198 
LYS NZ  HZ2  sing N N 199 
LYS NZ  HZ3  sing N N 200 
LYS OXT HXT  sing N N 201 
MET N   CA   sing N N 202 
MET N   H    sing N N 203 
MET N   H2   sing N N 204 
MET CA  C    sing N N 205 
MET CA  CB   sing N N 206 
MET CA  HA   sing N N 207 
MET C   O    doub N N 208 
MET C   OXT  sing N N 209 
MET CB  CG   sing N N 210 
MET CB  HB2  sing N N 211 
MET CB  HB3  sing N N 212 
MET CG  SD   sing N N 213 
MET CG  HG2  sing N N 214 
MET CG  HG3  sing N N 215 
MET SD  CE   sing N N 216 
MET CE  HE1  sing N N 217 
MET CE  HE2  sing N N 218 
MET CE  HE3  sing N N 219 
MET OXT HXT  sing N N 220 
PHE N   CA   sing N N 221 
PHE N   H    sing N N 222 
PHE N   H2   sing N N 223 
PHE CA  C    sing N N 224 
PHE CA  CB   sing N N 225 
PHE CA  HA   sing N N 226 
PHE C   O    doub N N 227 
PHE C   OXT  sing N N 228 
PHE CB  CG   sing N N 229 
PHE CB  HB2  sing N N 230 
PHE CB  HB3  sing N N 231 
PHE CG  CD1  doub Y N 232 
PHE CG  CD2  sing Y N 233 
PHE CD1 CE1  sing Y N 234 
PHE CD1 HD1  sing N N 235 
PHE CD2 CE2  doub Y N 236 
PHE CD2 HD2  sing N N 237 
PHE CE1 CZ   doub Y N 238 
PHE CE1 HE1  sing N N 239 
PHE CE2 CZ   sing Y N 240 
PHE CE2 HE2  sing N N 241 
PHE CZ  HZ   sing N N 242 
PHE OXT HXT  sing N N 243 
PRO N   CA   sing N N 244 
PRO N   CD   sing N N 245 
PRO N   H    sing N N 246 
PRO CA  C    sing N N 247 
PRO CA  CB   sing N N 248 
PRO CA  HA   sing N N 249 
PRO C   O    doub N N 250 
PRO C   OXT  sing N N 251 
PRO CB  CG   sing N N 252 
PRO CB  HB2  sing N N 253 
PRO CB  HB3  sing N N 254 
PRO CG  CD   sing N N 255 
PRO CG  HG2  sing N N 256 
PRO CG  HG3  sing N N 257 
PRO CD  HD2  sing N N 258 
PRO CD  HD3  sing N N 259 
PRO OXT HXT  sing N N 260 
SER N   CA   sing N N 261 
SER N   H    sing N N 262 
SER N   H2   sing N N 263 
SER CA  C    sing N N 264 
SER CA  CB   sing N N 265 
SER CA  HA   sing N N 266 
SER C   O    doub N N 267 
SER C   OXT  sing N N 268 
SER CB  OG   sing N N 269 
SER CB  HB2  sing N N 270 
SER CB  HB3  sing N N 271 
SER OG  HG   sing N N 272 
SER OXT HXT  sing N N 273 
SO4 S   O1   doub N N 274 
SO4 S   O2   doub N N 275 
SO4 S   O3   sing N N 276 
SO4 S   O4   sing N N 277 
THR N   CA   sing N N 278 
THR N   H    sing N N 279 
THR N   H2   sing N N 280 
THR CA  C    sing N N 281 
THR CA  CB   sing N N 282 
THR CA  HA   sing N N 283 
THR C   O    doub N N 284 
THR C   OXT  sing N N 285 
THR CB  OG1  sing N N 286 
THR CB  CG2  sing N N 287 
THR CB  HB   sing N N 288 
THR OG1 HG1  sing N N 289 
THR CG2 HG21 sing N N 290 
THR CG2 HG22 sing N N 291 
THR CG2 HG23 sing N N 292 
THR OXT HXT  sing N N 293 
TRP N   CA   sing N N 294 
TRP N   H    sing N N 295 
TRP N   H2   sing N N 296 
TRP CA  C    sing N N 297 
TRP CA  CB   sing N N 298 
TRP CA  HA   sing N N 299 
TRP C   O    doub N N 300 
TRP C   OXT  sing N N 301 
TRP CB  CG   sing N N 302 
TRP CB  HB2  sing N N 303 
TRP CB  HB3  sing N N 304 
TRP CG  CD1  doub Y N 305 
TRP CG  CD2  sing Y N 306 
TRP CD1 NE1  sing Y N 307 
TRP CD1 HD1  sing N N 308 
TRP CD2 CE2  doub Y N 309 
TRP CD2 CE3  sing Y N 310 
TRP NE1 CE2  sing Y N 311 
TRP NE1 HE1  sing N N 312 
TRP CE2 CZ2  sing Y N 313 
TRP CE3 CZ3  doub Y N 314 
TRP CE3 HE3  sing N N 315 
TRP CZ2 CH2  doub Y N 316 
TRP CZ2 HZ2  sing N N 317 
TRP CZ3 CH2  sing Y N 318 
TRP CZ3 HZ3  sing N N 319 
TRP CH2 HH2  sing N N 320 
TRP OXT HXT  sing N N 321 
TYR N   CA   sing N N 322 
TYR N   H    sing N N 323 
TYR N   H2   sing N N 324 
TYR CA  C    sing N N 325 
TYR CA  CB   sing N N 326 
TYR CA  HA   sing N N 327 
TYR C   O    doub N N 328 
TYR C   OXT  sing N N 329 
TYR CB  CG   sing N N 330 
TYR CB  HB2  sing N N 331 
TYR CB  HB3  sing N N 332 
TYR CG  CD1  doub Y N 333 
TYR CG  CD2  sing Y N 334 
TYR CD1 CE1  sing Y N 335 
TYR CD1 HD1  sing N N 336 
TYR CD2 CE2  doub Y N 337 
TYR CD2 HD2  sing N N 338 
TYR CE1 CZ   doub Y N 339 
TYR CE1 HE1  sing N N 340 
TYR CE2 CZ   sing Y N 341 
TYR CE2 HE2  sing N N 342 
TYR CZ  OH   sing N N 343 
TYR OH  HH   sing N N 344 
TYR OXT HXT  sing N N 345 
VAL N   CA   sing N N 346 
VAL N   H    sing N N 347 
VAL N   H2   sing N N 348 
VAL CA  C    sing N N 349 
VAL CA  CB   sing N N 350 
VAL CA  HA   sing N N 351 
VAL C   O    doub N N 352 
VAL C   OXT  sing N N 353 
VAL CB  CG1  sing N N 354 
VAL CB  CG2  sing N N 355 
VAL CB  HB   sing N N 356 
VAL CG1 HG11 sing N N 357 
VAL CG1 HG12 sing N N 358 
VAL CG1 HG13 sing N N 359 
VAL CG2 HG21 sing N N 360 
VAL CG2 HG22 sing N N 361 
VAL CG2 HG23 sing N N 362 
VAL OXT HXT  sing N N 363 
# 
loop_
_pdbx_audit_support.funding_organization 
_pdbx_audit_support.country 
_pdbx_audit_support.grant_number 
_pdbx_audit_support.ordinal 
'Australian Research Council (ARC)'                               Australia DP190101272 1 
'National Health and Medical Research Council (NHMRC, Australia)' Australia APP1140619  2 
# 
_pdbx_initial_refinement_model.accession_code   ? 
_pdbx_initial_refinement_model.id               1 
_pdbx_initial_refinement_model.entity_id_list   ? 
_pdbx_initial_refinement_model.type             'in silico model' 
_pdbx_initial_refinement_model.source_name      ITasser 
_pdbx_initial_refinement_model.details          'model from iTasser' 
# 
_space_group.name_H-M_alt     'P 43 3 2' 
_space_group.name_Hall        'P 4acd 2ab 3' 
_space_group.IT_number        212 
_space_group.crystal_system   cubic 
_space_group.id               1 
# 
_atom_sites.entry_id                    7KW3 
_atom_sites.Cartn_transf_matrix[1][1]   ? 
_atom_sites.Cartn_transf_matrix[1][2]   ? 
_atom_sites.Cartn_transf_matrix[1][3]   ? 
_atom_sites.Cartn_transf_matrix[2][1]   ? 
_atom_sites.Cartn_transf_matrix[2][2]   ? 
_atom_sites.Cartn_transf_matrix[2][3]   ? 
_atom_sites.Cartn_transf_matrix[3][1]   ? 
_atom_sites.Cartn_transf_matrix[3][2]   ? 
_atom_sites.Cartn_transf_matrix[3][3]   ? 
_atom_sites.Cartn_transf_vector[1]      ? 
_atom_sites.Cartn_transf_vector[2]      ? 
_atom_sites.Cartn_transf_vector[3]      ? 
_atom_sites.fract_transf_matrix[1][1]   -0.00632377 
_atom_sites.fract_transf_matrix[1][2]   -0.00538465 
_atom_sites.fract_transf_matrix[1][3]   0.00540405 
_atom_sites.fract_transf_matrix[2][1]   0.00583518 
_atom_sites.fract_transf_matrix[2][2]   -0.00793567 
_atom_sites.fract_transf_matrix[2][3]   -0.00107890 
_atom_sites.fract_transf_matrix[3][1]   0.00491414 
_atom_sites.fract_transf_matrix[3][2]   0.00249378 
_atom_sites.fract_transf_matrix[3][3]   0.00823532 
_atom_sites.fract_transf_vector[1]      -0.175780 
_atom_sites.fract_transf_vector[2]      0.003501 
_atom_sites.fract_transf_vector[3]      -0.001998 
_atom_sites.solution_primary            ? 
_atom_sites.solution_secondary          ? 
_atom_sites.solution_hydrogens          ? 
_atom_sites.special_details             ? 
# 
loop_
_atom_type.symbol 
_atom_type.scat_dispersion_real 
_atom_type.scat_dispersion_imag 
_atom_type.scat_Cromer_Mann_a1 
_atom_type.scat_Cromer_Mann_a2 
_atom_type.scat_Cromer_Mann_a3 
_atom_type.scat_Cromer_Mann_a4 
_atom_type.scat_Cromer_Mann_b1 
_atom_type.scat_Cromer_Mann_b2 
_atom_type.scat_Cromer_Mann_b3 
_atom_type.scat_Cromer_Mann_b4 
_atom_type.scat_Cromer_Mann_c 
_atom_type.scat_source 
_atom_type.scat_dispersion_source 
C ? ? 3.54356 2.42580 ? ? 25.62398 1.50364  ? ? 0.0 
;2-Gaussian fit: Grosse-Kunstleve RW, Sauter NK, Adams PD: Newsletter of the IUCr Commission on Crystallographic Computing 2004, 3, 22-31.
;
? 
N ? ? 4.01032 2.96436 ? ? 19.97189 1.75589  ? ? 0.0 
;2-Gaussian fit: Grosse-Kunstleve RW, Sauter NK, Adams PD: Newsletter of the IUCr Commission on Crystallographic Computing 2004, 3, 22-31.
;
? 
O ? ? 4.49882 3.47563 ? ? 15.80542 1.70748  ? ? 0.0 
;2-Gaussian fit: Grosse-Kunstleve RW, Sauter NK, Adams PD: Newsletter of the IUCr Commission on Crystallographic Computing 2004, 3, 22-31.
;
? 
S ? ? 9.55732 6.39887 ? ? 1.23737  29.19336 ? ? 0.0 
;2-Gaussian fit: Grosse-Kunstleve RW, Sauter NK, Adams PD: Newsletter of the IUCr Commission on Crystallographic Computing 2004, 3, 22-31.
;
? 
# 
loop_
_atom_site.group_PDB 
_atom_site.id 
_atom_site.type_symbol 
_atom_site.label_atom_id 
_atom_site.label_alt_id 
_atom_site.label_comp_id 
_atom_site.label_asym_id 
_atom_site.label_entity_id 
_atom_site.label_seq_id 
_atom_site.pdbx_PDB_ins_code 
_atom_site.Cartn_x 
_atom_site.Cartn_y 
_atom_site.Cartn_z 
_atom_site.occupancy 
_atom_site.B_iso_or_equiv 
_atom_site.pdbx_formal_charge 
_atom_site.auth_seq_id 
_atom_site.auth_comp_id 
_atom_site.auth_asym_id 
_atom_site.auth_atom_id 
_atom_site.pdbx_PDB_model_num 
ATOM   1   N N   . VAL A 1 2  ? 6.85700   -13.51292 -7.85175  1.000 81.84116  ? 3521 VAL A N   1 
ATOM   2   C CA  . VAL A 1 2  ? 6.20212   -12.37655 -7.20868  1.000 86.36954  ? 3521 VAL A CA  1 
ATOM   3   C C   . VAL A 1 2  ? 4.73501   -12.29733 -7.64333  1.000 82.95566  ? 3521 VAL A C   1 
ATOM   4   O O   . VAL A 1 2  ? 4.42704   -12.46202 -8.82568  1.000 76.58154  ? 3521 VAL A O   1 
ATOM   5   C CB  . VAL A 1 2  ? 6.96856   -11.06907 -7.50203  1.000 85.37315  ? 3521 VAL A CB  1 
ATOM   6   C CG1 . VAL A 1 2  ? 6.11405   -9.83108  -7.20214  1.000 72.83418  ? 3521 VAL A CG1 1 
ATOM   7   C CG2 . VAL A 1 2  ? 8.25669   -11.03988 -6.68931  1.000 83.07532  ? 3521 VAL A CG2 1 
ATOM   8   N N   . ARG A 1 3  ? 3.84188   -12.04674 -6.67601  1.000 75.57214  ? 3522 ARG A N   1 
ATOM   9   C CA  . ARG A 1 3  ? 2.40190   -12.21732 -6.87281  1.000 75.60109  ? 3522 ARG A CA  1 
ATOM   10  C C   . ARG A 1 3  ? 1.76890   -10.95882 -7.46414  1.000 65.36972  ? 3522 ARG A C   1 
ATOM   11  O O   . ARG A 1 3  ? 1.77383   -9.89385  -6.83661  1.000 61.82325  ? 3522 ARG A O   1 
ATOM   12  C CB  . ARG A 1 3  ? 1.71559   -12.57565 -5.55552  1.000 71.89120  ? 3522 ARG A CB  1 
ATOM   13  C CG  . ARG A 1 3  ? 0.19476   -12.41562 -5.60077  1.000 78.92705  ? 3522 ARG A CG  1 
ATOM   14  C CD  . ARG A 1 3  ? -0.46207  -12.83318 -4.30104  1.000 74.39952  ? 3522 ARG A CD  1 
ATOM   15  N NE  . ARG A 1 3  ? -0.01918  -14.16490 -3.91460  1.000 83.23564  ? 3522 ARG A NE  1 
ATOM   16  C CZ  . ARG A 1 3  ? -0.26444  -14.71886 -2.73320  1.000 81.84219  ? 3522 ARG A CZ  1 
ATOM   17  N NH1 . ARG A 1 3  ? 0.18768   -15.94488 -2.46695  1.000 82.94239  ? 3522 ARG A NH1 1 
ATOM   18  N NH2 . ARG A 1 3  ? -0.96333  -14.04749 -1.82188  1.000 79.34345  ? 3522 ARG A NH2 1 
ATOM   19  N N   . GLU A 1 4  ? 1.19634   -11.09972 -8.65696  1.000 63.22872  ? 3523 GLU A N   1 
ATOM   20  C CA  . GLU A 1 4  ? 0.53885   -9.99303  -9.32903  1.000 61.79711  ? 3523 GLU A CA  1 
ATOM   21  C C   . GLU A 1 4  ? -0.70262  -9.54094  -8.56341  1.000 58.06685  ? 3523 GLU A C   1 
ATOM   22  O O   . GLU A 1 4  ? -1.42266  -10.35817 -7.98627  1.000 55.60814  ? 3523 GLU A O   1 
ATOM   23  C CB  . GLU A 1 4  ? 0.13457   -10.39671 -10.74529 1.000 57.74363  ? 3523 GLU A CB  1 
ATOM   24  C CG  . GLU A 1 4  ? 1.30054   -10.44124 -11.73201 1.000 59.64325  ? 3523 GLU A CG  1 
ATOM   25  C CD  . GLU A 1 4  ? 2.11348   -9.14268  -11.75214 1.000 61.88349  ? 3523 GLU A CD  1 
ATOM   26  O OE1 . GLU A 1 4  ? 3.34819   -9.20060  -11.55422 1.000 66.06758  ? 3523 GLU A OE1 1 
ATOM   27  O OE2 . GLU A 1 4  ? 1.51701   -8.06620  -11.96138 1.000 59.21603  ? 3523 GLU A OE2 1 
ATOM   28  N N   . PRO A 1 5  ? -0.98522  -8.24601  -8.56477  1.000 53.17465  ? 3524 PRO A N   1 
ATOM   29  C CA  . PRO A 1 5  ? -2.24126  -7.77152  -7.97558  1.000 51.74745  ? 3524 PRO A CA  1 
ATOM   30  C C   . PRO A 1 5  ? -3.43557  -8.32421  -8.73572  1.000 50.32469  ? 3524 PRO A C   1 
ATOM   31  O O   . PRO A 1 5  ? -3.37963  -8.57078  -9.94535  1.000 48.62185  ? 3524 PRO A O   1 
ATOM   32  C CB  . PRO A 1 5  ? -2.14584  -6.25234  -8.12061  1.000 46.39774  ? 3524 PRO A CB  1 
ATOM   33  C CG  . PRO A 1 5  ? -1.30211  -6.06957  -9.33943  1.000 52.22888  ? 3524 PRO A CG  1 
ATOM   34  C CD  . PRO A 1 5  ? -0.30369  -7.20182  -9.34505  1.000 50.48658  ? 3524 PRO A CD  1 
ATOM   35  N N   . ALA A 1 6  ? -4.52399  -8.54757  -8.00751  1.000 47.43935  ? 3525 ALA A N   1 
ATOM   36  C CA  . ALA A 1 6  ? -5.71584  -9.11555  -8.61747  1.000 47.90779  ? 3525 ALA A CA  1 
ATOM   37  C C   . ALA A 1 6  ? -6.87611  -8.13685  -8.66935  1.000 44.45248  ? 3525 ALA A C   1 
ATOM   38  O O   . ALA A 1 6  ? -7.91081  -8.46046  -9.25752  1.000 48.18758  ? 3525 ALA A O   1 
ATOM   39  C CB  . ALA A 1 6  ? -6.14425  -10.39315 -7.87961  1.000 46.22336  ? 3525 ALA A CB  1 
ATOM   40  N N   . THR A 1 7  ? -6.73628  -6.96188  -8.06512  1.000 44.07313  ? 3526 THR A N   1 
ATOM   41  C CA  . THR A 1 7  ? -7.74322  -5.91518  -8.13808  1.000 43.80700  ? 3526 THR A CA  1 
ATOM   42  C C   . THR A 1 7  ? -7.03945  -4.59440  -8.39531  1.000 44.26890  ? 3526 THR A C   1 
ATOM   43  O O   . THR A 1 7  ? -5.82915  -4.46149  -8.18913  1.000 40.77760  ? 3526 THR A O   1 
ATOM   44  C CB  . THR A 1 7  ? -8.58658  -5.79626  -6.84633  1.000 43.19255  ? 3526 THR A CB  1 
ATOM   45  O OG1 . THR A 1 7  ? -7.76016  -5.35188  -5.75577  1.000 40.89076  ? 3526 THR A OG1 1 
ATOM   46  C CG2 . THR A 1 7  ? -9.21833  -7.12079  -6.49085  1.000 46.20674  ? 3526 THR A CG2 1 
ATOM   47  N N   . GLU A 1 8  ? -7.82377  -3.61959  -8.85204  1.000 40.71976  ? 3527 GLU A N   1 
ATOM   48  C CA  . GLU A 1 8  ? -7.31995  -2.26568  -9.05405  1.000 44.68790  ? 3527 GLU A CA  1 
ATOM   49  C C   . GLU A 1 8  ? -6.69663  -1.69402  -7.77677  1.000 42.98576  ? 3527 GLU A C   1 
ATOM   50  O O   . GLU A 1 8  ? -5.62296  -1.08161  -7.82413  1.000 43.66981  ? 3527 GLU A O   1 
ATOM   51  C CB  . GLU A 1 8  ? -8.46365  -1.38797  -9.56011  1.000 46.59610  ? 3527 GLU A CB  1 
ATOM   52  C CG  . GLU A 1 8  ? -8.03195  -0.08904  -10.14831 1.000 64.77783  ? 3527 GLU A CG  1 
ATOM   53  C CD  . GLU A 1 8  ? -7.51946  -0.22587  -11.57452 1.000 56.34228  ? 3527 GLU A CD  1 
ATOM   54  O OE1 . GLU A 1 8  ? -8.01287  -1.08634  -12.34689 1.000 53.15639  ? 3527 GLU A OE1 1 
ATOM   55  O OE2 . GLU A 1 8  ? -6.61482  0.55411   -11.91911 1.000 60.97716  ? 3527 GLU A OE2 1 
ATOM   56  N N   . ALA A 1 9  ? -7.34017  -1.90753  -6.61560  1.000 42.67339  ? 3528 ALA A N   1 
ATOM   57  C CA  . ALA A 1 9  ? -6.78592  -1.40430  -5.35458  1.000 37.93038  ? 3528 ALA A CA  1 
ATOM   58  C C   . ALA A 1 9  ? -5.45268  -2.07152  -5.01873  1.000 40.52202  ? 3528 ALA A C   1 
ATOM   59  O O   . ALA A 1 9  ? -4.49295  -1.38962  -4.63562  1.000 45.04069  ? 3528 ALA A O   1 
ATOM   60  C CB  . ALA A 1 9  ? -7.77879  -1.60605  -4.21008  1.000 39.11774  ? 3528 ALA A CB  1 
ATOM   61  N N   . GLU A 1 10 ? -5.37051  -3.40005  -5.16060  1.000 38.73972  ? 3529 GLU A N   1 
ATOM   62  C CA  . GLU A 1 10 ? -4.09086  -4.08513  -4.98273  1.000 42.14153  ? 3529 GLU A CA  1 
ATOM   63  C C   . GLU A 1 10 ? -3.02441  -3.52099  -5.90950  1.000 41.44675  ? 3529 GLU A C   1 
ATOM   64  O O   . GLU A 1 10 ? -1.90098  -3.25555  -5.47357  1.000 43.51785  ? 3529 GLU A O   1 
ATOM   65  C CB  . GLU A 1 10 ? -4.25218  -5.58926  -5.20707  1.000 42.20929  ? 3529 GLU A CB  1 
ATOM   66  C CG  . GLU A 1 10 ? -5.05218  -6.26873  -4.12121  1.000 41.31550  ? 3529 GLU A CG  1 
ATOM   67  C CD  . GLU A 1 10 ? -5.17224  -7.76925  -4.30134  1.000 45.31924  ? 3529 GLU A CD  1 
ATOM   68  O OE1 . GLU A 1 10 ? -5.94278  -8.35562  -3.52314  1.000 49.68614  ? 3529 GLU A OE1 1 
ATOM   69  O OE2 . GLU A 1 10 ? -4.50437  -8.36589  -5.18742  1.000 44.42421  ? 3529 GLU A OE2 1 
ATOM   70  N N   . ALA A 1 11 ? -3.36378  -3.30657  -7.18630  1.000 44.30998  ? 3530 ALA A N   1 
ATOM   71  C CA  . ALA A 1 11 ? -2.37016  -2.83559  -8.14825  1.000 44.41796  ? 3530 ALA A CA  1 
ATOM   72  C C   . ALA A 1 11 ? -1.89137  -1.43669  -7.80697  1.000 43.53945  ? 3530 ALA A C   1 
ATOM   73  O O   . ALA A 1 11 ? -0.69367  -1.14291  -7.90699  1.000 44.57916  ? 3530 ALA A O   1 
ATOM   74  C CB  . ALA A 1 11 ? -2.93968  -2.87256  -9.56205  1.000 38.03427  ? 3530 ALA A CB  1 
ATOM   75  N N   . ALA A 1 12 ? -2.80864  -0.56570  -7.39119  1.000 38.55301  ? 3531 ALA A N   1 
ATOM   76  C CA  . ALA A 1 12 ? -2.40338  0.77583   -7.00506  1.000 41.10215  ? 3531 ALA A CA  1 
ATOM   77  C C   . ALA A 1 12 ? -1.48777  0.73802   -5.78446  1.000 42.10901  ? 3531 ALA A C   1 
ATOM   78  O O   . ALA A 1 12 ? -0.45445  1.41950   -5.75661  1.000 42.57353  ? 3531 ALA A O   1 
ATOM   79  C CB  . ALA A 1 12 ? -3.63732  1.63673   -6.74665  1.000 42.18467  ? 3531 ALA A CB  1 
ATOM   80  N N   . LEU A 1 13 ? -1.82463  -0.08944  -4.78614  1.000 39.76972  ? 3532 LEU A N   1 
ATOM   81  C CA  . LEU A 1 13 ? -1.02185  -0.12172  -3.56457  1.000 40.99261  ? 3532 LEU A CA  1 
ATOM   82  C C   . LEU A 1 13 ? 0.33906   -0.77756  -3.80325  1.000 46.17488  ? 3532 LEU A C   1 
ATOM   83  O O   . LEU A 1 13 ? 1.34486   -0.34051  -3.22842  1.000 46.04897  ? 3532 LEU A O   1 
ATOM   84  C CB  . LEU A 1 13 ? -1.78366  -0.82754  -2.43479  1.000 40.54638  ? 3532 LEU A CB  1 
ATOM   85  C CG  . LEU A 1 13 ? -2.94069  -0.03159  -1.81559  1.000 36.51179  ? 3532 LEU A CG  1 
ATOM   86  C CD1 . LEU A 1 13 ? -3.71530  -0.84858  -0.80370  1.000 40.76695  ? 3532 LEU A CD1 1 
ATOM   87  C CD2 . LEU A 1 13 ? -2.42970  1.23785   -1.18734  1.000 39.96128  ? 3532 LEU A CD2 1 
ATOM   88  N N   . CYS A 1 14 ? 0.39571   -1.82178  -4.63966  1.000 40.06917  ? 3533 CYS A N   1 
ATOM   89  C CA  . CYS A 1 14 ? 1.68854   -2.37924  -5.03254  1.000 45.34663  ? 3533 CYS A CA  1 
ATOM   90  C C   . CYS A 1 14 ? 2.59757   -1.29560  -5.59254  1.000 47.55931  ? 3533 CYS A C   1 
ATOM   91  O O   . CYS A 1 14 ? 3.76300   -1.17393  -5.19935  1.000 53.19629  ? 3533 CYS A O   1 
ATOM   92  C CB  . CYS A 1 14 ? 1.51508   -3.48584  -6.07960  1.000 46.30546  ? 3533 CYS A CB  1 
ATOM   93  S SG  . CYS A 1 14 ? 0.88398   -5.05328  -5.47822  1.000 56.20891  ? 3533 CYS A SG  1 
ATOM   94  N N   . ALA A 1 15 ? 2.07859   -0.50652  -6.53144  1.000 42.95721  ? 3534 ALA A N   1 
ATOM   95  C CA  . ALA A 1 15 ? 2.89251   0.52456   -7.15385  1.000 47.11714  ? 3534 ALA A CA  1 
ATOM   96  C C   . ALA A 1 15 ? 3.34327   1.54943   -6.12458  1.000 48.64818  ? 3534 ALA A C   1 
ATOM   97  O O   . ALA A 1 15 ? 4.50231   1.98314   -6.13704  1.000 49.29688  ? 3534 ALA A O   1 
ATOM   98  C CB  . ALA A 1 15 ? 2.11328   1.18823   -8.29311  1.000 41.75110  ? 3534 ALA A CB  1 
ATOM   99  N N   . VAL A 1 16 ? 2.44731   1.92291   -5.20350  1.000 46.20468  ? 3535 VAL A N   1 
ATOM   100 C CA  . VAL A 1 16 ? 2.78001   2.93511   -4.20713  1.000 45.29113  ? 3535 VAL A CA  1 
ATOM   101 C C   . VAL A 1 16 ? 3.77419   2.38665   -3.18306  1.000 46.13694  ? 3535 VAL A C   1 
ATOM   102 O O   . VAL A 1 16 ? 4.69748   3.09564   -2.76853  1.000 48.38227  ? 3535 VAL A O   1 
ATOM   103 C CB  . VAL A 1 16 ? 1.49571   3.47209   -3.54780  1.000 46.89677  ? 3535 VAL A CB  1 
ATOM   104 C CG1 . VAL A 1 16 ? 1.83263   4.34497   -2.34481  1.000 46.60579  ? 3535 VAL A CG1 1 
ATOM   105 C CG2 . VAL A 1 16 ? 0.69237   4.28255   -4.55183  1.000 42.14884  ? 3535 VAL A CG2 1 
ATOM   106 N N   . TYR A 1 17 ? 3.61122   1.12128   -2.76335  1.000 45.05229  ? 3536 TYR A N   1 
ATOM   107 C CA  . TYR A 1 17 ? 4.61959   0.48074   -1.91502  1.000 45.55279  ? 3536 TYR A CA  1 
ATOM   108 C C   . TYR A 1 17 ? 5.99518   0.55089   -2.55796  1.000 50.11237  ? 3536 TYR A C   1 
ATOM   109 O O   . TYR A 1 17 ? 6.98248   0.90648   -1.90671  1.000 49.41863  ? 3536 TYR A O   1 
ATOM   110 C CB  . TYR A 1 17 ? 4.29025   -0.98858  -1.66849  1.000 43.41529  ? 3536 TYR A CB  1 
ATOM   111 C CG  . TYR A 1 17 ? 3.39226   -1.33217  -0.51156  1.000 45.17089  ? 3536 TYR A CG  1 
ATOM   112 C CD1 . TYR A 1 17 ? 2.24646   -0.59541  -0.23997  1.000 43.33659  ? 3536 TYR A CD1 1 
ATOM   113 C CD2 . TYR A 1 17 ? 3.65744   -2.45179  0.27141   1.000 48.00623  ? 3536 TYR A CD2 1 
ATOM   114 C CE1 . TYR A 1 17 ? 1.40520   -0.94586  0.80276   1.000 46.47167  ? 3536 TYR A CE1 1 
ATOM   115 C CE2 . TYR A 1 17 ? 2.82442   -2.81337  1.31280   1.000 46.27216  ? 3536 TYR A CE2 1 
ATOM   116 C CZ  . TYR A 1 17 ? 1.69760   -2.06252  1.57190   1.000 48.41928  ? 3536 TYR A CZ  1 
ATOM   117 O OH  . TYR A 1 17 ? 0.85969   -2.43255  2.60030   1.000 42.66585  ? 3536 TYR A OH  1 
ATOM   118 N N   . ALA A 1 18 ? 6.08211   0.16823   -3.83297  1.000 45.77579  ? 3537 ALA A N   1 
ATOM   119 C CA  . ALA A 1 18 ? 7.36985   0.15720   -4.51226  1.000 53.10450  ? 3537 ALA A CA  1 
ATOM   120 C C   . ALA A 1 18 ? 7.95620   1.55884   -4.57731  1.000 52.43419  ? 3537 ALA A C   1 
ATOM   121 O O   . ALA A 1 18 ? 9.15192   1.75201   -4.33204  1.000 51.48299  ? 3537 ALA A O   1 
ATOM   122 C CB  . ALA A 1 18 ? 7.21881   -0.43661  -5.91441  1.000 52.54361  ? 3537 ALA A CB  1 
ATOM   123 N N   . GLU A 1 19 ? 7.11885   2.55493   -4.87080  1.000 47.51489  ? 3538 GLU A N   1 
ATOM   124 C CA  . GLU A 1 19 ? 7.61442   3.92118   -4.96756  1.000 50.13312  ? 3538 GLU A CA  1 
ATOM   125 C C   . GLU A 1 19 ? 8.05923   4.44283   -3.60445  1.000 54.69256  ? 3538 GLU A C   1 
ATOM   126 O O   . GLU A 1 19 ? 9.11315   5.07738   -3.48972  1.000 55.31340  ? 3538 GLU A O   1 
ATOM   127 C CB  . GLU A 1 19 ? 6.53393   4.82223   -5.56586  1.000 52.44892  ? 3538 GLU A CB  1 
ATOM   128 C CG  . GLU A 1 19 ? 6.90456   6.30382   -5.58579  1.000 71.42487  ? 3538 GLU A CG  1 
ATOM   129 C CD  . GLU A 1 19 ? 5.67206   7.21122   -5.54562  1.000 97.76548  ? 3538 GLU A CD  1 
ATOM   130 O OE1 . GLU A 1 19 ? 5.81909   8.39252   -5.16002  1.000 101.31005 ? 3538 GLU A OE1 1 
ATOM   131 O OE2 . GLU A 1 19 ? 4.55565   6.74575   -5.89116  1.000 96.63505  ? 3538 GLU A OE2 1 
ATOM   132 N N   . VAL A 1 20 ? 7.27671   4.16981   -2.55885  1.000 47.98490  ? 3539 VAL A N   1 
ATOM   133 C CA  . VAL A 1 20 ? 7.57631   4.70774   -1.23466  1.000 49.82429  ? 3539 VAL A CA  1 
ATOM   134 C C   . VAL A 1 20 ? 8.78481   4.00564   -0.63281  1.000 51.27775  ? 3539 VAL A C   1 
ATOM   135 O O   . VAL A 1 20 ? 9.63612   4.64234   -0.00319  1.000 50.55543  ? 3539 VAL A O   1 
ATOM   136 C CB  . VAL A 1 20 ? 6.33894   4.58936   -0.32111  1.000 45.75273  ? 3539 VAL A CB  1 
ATOM   137 C CG1 . VAL A 1 20 ? 6.72434   4.67205   1.13545   1.000 48.92492  ? 3539 VAL A CG1 1 
ATOM   138 C CG2 . VAL A 1 20 ? 5.33632   5.67444   -0.65137  1.000 48.82557  ? 3539 VAL A CG2 1 
ATOM   139 N N   . LEU A 1 21 ? 8.87567   2.68545   -0.80377  1.000 49.11888  ? 3540 LEU A N   1 
ATOM   140 C CA  . LEU A 1 21 ? 9.97901   1.91504   -0.24421  1.000 51.61756  ? 3540 LEU A CA  1 
ATOM   141 C C   . LEU A 1 21 ? 11.22683  1.94316   -1.11750  1.000 54.76335  ? 3540 LEU A C   1 
ATOM   142 O O   . LEU A 1 21 ? 12.25930  1.40170   -0.70552  1.000 52.63188  ? 3540 LEU A O   1 
ATOM   143 C CB  . LEU A 1 21 ? 9.55127   0.46079   -0.01128  1.000 53.02625  ? 3540 LEU A CB  1 
ATOM   144 C CG  . LEU A 1 21 ? 8.44899   0.24025   1.02347   1.000 51.05331  ? 3540 LEU A CG  1 
ATOM   145 C CD1 . LEU A 1 21 ? 7.83794   -1.13964  0.85040   1.000 50.70647  ? 3540 LEU A CD1 1 
ATOM   146 C CD2 . LEU A 1 21 ? 9.00132   0.40978   2.42962   1.000 56.07812  ? 3540 LEU A CD2 1 
ATOM   147 N N   . GLY A 1 22 ? 11.16859  2.56330   -2.29727  1.000 52.90201  ? 3541 GLY A N   1 
ATOM   148 C CA  . GLY A 1 22 ? 12.33517  2.61368   -3.16138  1.000 53.50641  ? 3541 GLY A CA  1 
ATOM   149 C C   . GLY A 1 22 ? 12.64738  1.32338   -3.88294  1.000 57.78381  ? 3541 GLY A C   1 
ATOM   150 O O   . GLY A 1 22 ? 13.78629  1.11475   -4.29545  1.000 63.95392  ? 3541 GLY A O   1 
ATOM   151 N N   . LEU A 1 23 ? 11.66359  0.45228   -4.05035  1.000 58.02743  ? 3542 LEU A N   1 
ATOM   152 C CA  . LEU A 1 23 ? 11.84260  -0.82900  -4.70987  1.000 61.02431  ? 3542 LEU A CA  1 
ATOM   153 C C   . LEU A 1 23 ? 11.35317  -0.74519  -6.15167  1.000 67.74372  ? 3542 LEU A C   1 
ATOM   154 O O   . LEU A 1 23 ? 10.61107  0.16768   -6.52823  1.000 65.81357  ? 3542 LEU A O   1 
ATOM   155 C CB  . LEU A 1 23 ? 11.10071  -1.93033  -3.94457  1.000 57.66210  ? 3542 LEU A CB  1 
ATOM   156 C CG  . LEU A 1 23 ? 11.58859  -2.11707  -2.50429  1.000 62.10918  ? 3542 LEU A CG  1 
ATOM   157 C CD1 . LEU A 1 23 ? 10.66440  -3.01463  -1.69126  1.000 50.23908  ? 3542 LEU A CD1 1 
ATOM   158 C CD2 . LEU A 1 23 ? 13.02130  -2.66943  -2.49130  1.000 55.08157  ? 3542 LEU A CD2 1 
ATOM   159 N N   . ASP A 1 24 ? 11.80719  -1.70359  -6.96828  1.000 72.35662  ? 3543 ASP A N   1 
ATOM   160 C CA  . ASP A 1 24 ? 11.39038  -1.75675  -8.36861  1.000 73.47284  ? 3543 ASP A CA  1 
ATOM   161 C C   . ASP A 1 24 ? 9.93464   -2.18192  -8.49235  1.000 70.16911  ? 3543 ASP A C   1 
ATOM   162 O O   . ASP A 1 24 ? 9.13466   -1.53838  -9.18210  1.000 66.09264  ? 3543 ASP A O   1 
ATOM   163 C CB  . ASP A 1 24 ? 12.28452  -2.72243  -9.14442  1.000 77.52123  ? 3543 ASP A CB  1 
ATOM   164 C CG  . ASP A 1 24 ? 13.72994  -2.27936  -9.16611  1.000 111.52317 ? 3543 ASP A CG  1 
ATOM   165 O OD1 . ASP A 1 24 ? 13.99466  -1.13042  -8.74425  1.000 117.88940 ? 3543 ASP A OD1 1 
ATOM   166 O OD2 . ASP A 1 24 ? 14.59679  -3.07707  -9.59304  1.000 116.03426 ? 3543 ASP A OD2 1 
ATOM   167 N N   . LYS A 1 25 ? 9.58442   -3.28073  -7.84163  1.000 68.46782  ? 3544 LYS A N   1 
ATOM   168 C CA  . LYS A 1 25 ? 8.24566   -3.82616  -7.91429  1.000 68.93774  ? 3544 LYS A CA  1 
ATOM   169 C C   . LYS A 1 25 ? 8.02277   -4.61235  -6.63821  1.000 66.52635  ? 3544 LYS A C   1 
ATOM   170 O O   . LYS A 1 25 ? 8.97269   -5.09718  -6.01596  1.000 67.95242  ? 3544 LYS A O   1 
ATOM   171 C CB  . LYS A 1 25 ? 8.07323   -4.70598  -9.16093  1.000 67.90066  ? 3544 LYS A CB  1 
ATOM   172 C CG  . LYS A 1 25 ? 6.65673   -5.14637  -9.47627  1.000 69.47526  ? 3544 LYS A CG  1 
ATOM   173 C CD  . LYS A 1 25 ? 6.62870   -5.88213  -10.81790 1.000 67.46402  ? 3544 LYS A CD  1 
ATOM   174 C CE  . LYS A 1 25 ? 5.30203   -6.57349  -11.06024 1.000 60.63509  ? 3544 LYS A CE  1 
ATOM   175 N NZ  . LYS A 1 25 ? 5.20298   -7.01536  -12.47820 1.000 68.10977  ? 3544 LYS A NZ  1 
ATOM   176 N N   . VAL A 1 26 ? 6.76112   -4.72887  -6.25974  1.000 60.34469  ? 3545 VAL A N   1 
ATOM   177 C CA  . VAL A 1 26 ? 6.35944   -5.30006  -4.98459  1.000 55.16753  ? 3545 VAL A CA  1 
ATOM   178 C C   . VAL A 1 26 ? 5.13876   -6.18354  -5.23672  1.000 63.47984  ? 3545 VAL A C   1 
ATOM   179 O O   . VAL A 1 26 ? 4.26766   -5.84000  -6.04597  1.000 57.06372  ? 3545 VAL A O   1 
ATOM   180 C CB  . VAL A 1 26 ? 6.08364   -4.16120  -3.97659  1.000 59.10782  ? 3545 VAL A CB  1 
ATOM   181 C CG1 . VAL A 1 26 ? 5.03915   -4.53907  -2.97250  1.000 54.62370  ? 3545 VAL A CG1 1 
ATOM   182 C CG2 . VAL A 1 26 ? 7.37227   -3.73936  -3.30136  1.000 57.67805  ? 3545 VAL A CG2 1 
ATOM   183 N N   . GLY A 1 27 ? 5.09409   -7.34921  -4.57372  1.000 61.44912  ? 3546 GLY A N   1 
ATOM   184 C CA  . GLY A 1 27 ? 4.00213   -8.27528  -4.78613  1.000 61.07753  ? 3546 GLY A CA  1 
ATOM   185 C C   . GLY A 1 27 ? 2.75689   -7.93020  -3.98587  1.000 58.08580  ? 3546 GLY A C   1 
ATOM   186 O O   . GLY A 1 27 ? 2.78009   -7.19298  -2.99907  1.000 56.10709  ? 3546 GLY A O   1 
ATOM   187 N N   . ALA A 1 28 ? 1.63065   -8.48850  -4.42059  1.000 56.49337  ? 3547 ALA A N   1 
ATOM   188 C CA  . ALA A 1 28 ? 0.39103   -8.24497  -3.69581  1.000 55.65931  ? 3547 ALA A CA  1 
ATOM   189 C C   . ALA A 1 28 ? 0.38538   -8.85342  -2.29727  1.000 51.47045  ? 3547 ALA A C   1 
ATOM   190 O O   . ALA A 1 28 ? -0.49529  -8.51979  -1.50333  1.000 52.63908  ? 3547 ALA A O   1 
ATOM   191 C CB  . ALA A 1 28 ? -0.79410  -8.77658  -4.49844  1.000 52.49855  ? 3547 ALA A CB  1 
ATOM   192 N N   . ASP A 1 29 ? 1.32898   -9.73239  -1.97710  1.000 50.72268  ? 3548 ASP A N   1 
ATOM   193 C CA  . ASP A 1 29 ? 1.44973   -10.30375 -0.64651  1.000 52.74840  ? 3548 ASP A CA  1 
ATOM   194 C C   . ASP A 1 29 ? 2.53406   -9.62418  0.19116   1.000 55.17579  ? 3548 ASP A C   1 
ATOM   195 O O   . ASP A 1 29 ? 2.87260   -10.12011 1.26875   1.000 52.47344  ? 3548 ASP A O   1 
ATOM   196 C CB  . ASP A 1 29 ? 1.72621   -11.80391 -0.75454  1.000 59.58627  ? 3548 ASP A CB  1 
ATOM   197 C CG  . ASP A 1 29 ? 2.96212   -12.11227 -1.59921  1.000 64.97207  ? 3548 ASP A CG  1 
ATOM   198 O OD1 . ASP A 1 29 ? 3.59781   -11.17702 -2.14901  1.000 60.97967  ? 3548 ASP A OD1 1 
ATOM   199 O OD2 . ASP A 1 29 ? 3.29700   -13.30550 -1.71304  1.000 73.74934  ? 3548 ASP A OD2 1 
ATOM   200 N N   . ALA A 1 30 ? 3.07644   -8.50197  -0.26843  1.000 53.94000  ? 3549 ALA A N   1 
ATOM   201 C CA  . ALA A 1 30 ? 4.16511   -7.84704  0.44031   1.000 56.66215  ? 3549 ALA A CA  1 
ATOM   202 C C   . ALA A 1 30 ? 3.69052   -7.20344  1.73722   1.000 54.16023  ? 3549 ALA A C   1 
ATOM   203 O O   . ALA A 1 30 ? 2.60393   -6.61407  1.80215   1.000 47.32759  ? 3549 ALA A O   1 
ATOM   204 C CB  . ALA A 1 30 ? 4.80713   -6.78997  -0.44697  1.000 57.72330  ? 3549 ALA A CB  1 
ATOM   205 N N   . ASP A 1 31 ? 4.52701   -7.32418  2.76789   1.000 56.08670  ? 3550 ASP A N   1 
ATOM   206 C CA  . ASP A 1 31 ? 4.29337   -6.73095  4.07786   1.000 51.65049  ? 3550 ASP A CA  1 
ATOM   207 C C   . ASP A 1 31 ? 5.06991   -5.42508  4.14659   1.000 50.88104  ? 3550 ASP A C   1 
ATOM   208 O O   . ASP A 1 31 ? 6.30153   -5.42949  4.02213   1.000 56.86782  ? 3550 ASP A O   1 
ATOM   209 C CB  . ASP A 1 31 ? 4.74122   -7.68371  5.18942   1.000 55.63489  ? 3550 ASP A CB  1 
ATOM   210 C CG  . ASP A 1 31 ? 4.42666   -7.15719  6.58967   1.000 59.50600  ? 3550 ASP A CG  1 
ATOM   211 O OD1 . ASP A 1 31 ? 4.88899   -6.04974  6.94485   1.000 56.03551  ? 3550 ASP A OD1 1 
ATOM   212 O OD2 . ASP A 1 31 ? 3.71520   -7.86438  7.33990   1.000 64.62086  ? 3550 ASP A OD2 1 
ATOM   213 N N   . PHE A 1 32 ? 4.35388   -4.31930  4.37316   1.000 48.85573  ? 3551 PHE A N   1 
ATOM   214 C CA  . PHE A 1 32 ? 4.97790   -2.99802  4.30978   1.000 48.19817  ? 3551 PHE A CA  1 
ATOM   215 C C   . PHE A 1 32 ? 6.12396   -2.86514  5.31299   1.000 51.65301  ? 3551 PHE A C   1 
ATOM   216 O O   . PHE A 1 32 ? 7.19413   -2.33935  4.97794   1.000 54.77755  ? 3551 PHE A O   1 
ATOM   217 C CB  . PHE A 1 32 ? 3.91892   -1.91765  4.53703   1.000 45.18086  ? 3551 PHE A CB  1 
ATOM   218 C CG  . PHE A 1 32 ? 4.40469   -0.51909  4.28742   1.000 47.20844  ? 3551 PHE A CG  1 
ATOM   219 C CD1 . PHE A 1 32 ? 4.68863   -0.08472  2.99885   1.000 49.89609  ? 3551 PHE A CD1 1 
ATOM   220 C CD2 . PHE A 1 32 ? 4.55092   0.37786   5.33835   1.000 46.88977  ? 3551 PHE A CD2 1 
ATOM   221 C CE1 . PHE A 1 32 ? 5.12263   1.21630   2.76142   1.000 43.28852  ? 3551 PHE A CE1 1 
ATOM   222 C CE2 . PHE A 1 32 ? 4.97899   1.68543   5.10688   1.000 45.33423  ? 3551 PHE A CE2 1 
ATOM   223 C CZ  . PHE A 1 32 ? 5.26843   2.10233   3.81590   1.000 40.67510  ? 3551 PHE A CZ  1 
ATOM   224 N N   . PHE A 1 33 ? 5.94033   -3.36852  6.53453   1.000 47.16716  ? 3552 PHE A N   1 
ATOM   225 C CA  . PHE A 1 33 ? 6.99327   -3.22262  7.53433   1.000 55.11406  ? 3552 PHE A CA  1 
ATOM   226 C C   . PHE A 1 33 ? 8.08838   -4.26957  7.38152   1.000 57.94452  ? 3552 PHE A C   1 
ATOM   227 O O   . PHE A 1 33 ? 9.24562   -3.99901  7.72091   1.000 58.10115  ? 3552 PHE A O   1 
ATOM   228 C CB  . PHE A 1 33 ? 6.37651   -3.23705  8.93507   1.000 53.27359  ? 3552 PHE A CB  1 
ATOM   229 C CG  . PHE A 1 33 ? 5.43257   -2.10034  9.14729   1.000 55.87596  ? 3552 PHE A CG  1 
ATOM   230 C CD1 . PHE A 1 33 ? 5.91805   -0.82376  9.43694   1.000 54.75066  ? 3552 PHE A CD1 1 
ATOM   231 C CD2 . PHE A 1 33 ? 4.07166   -2.27601  8.94959   1.000 46.88191  ? 3552 PHE A CD2 1 
ATOM   232 C CE1 . PHE A 1 33 ? 5.05264   0.24759   9.58052   1.000 57.39748  ? 3552 PHE A CE1 1 
ATOM   233 C CE2 . PHE A 1 33 ? 3.19376   -1.21043  9.09153   1.000 50.28343  ? 3552 PHE A CE2 1 
ATOM   234 C CZ  . PHE A 1 33 ? 3.68695   0.05763   9.40782   1.000 53.21993  ? 3552 PHE A CZ  1 
ATOM   235 N N   . ALA A 1 34 ? 7.77056   -5.44514  6.84333   1.000 58.62304  ? 3553 ALA A N   1 
ATOM   236 C CA  . ALA A 1 34 ? 8.83504   -6.39610  6.54384   1.000 61.61282  ? 3553 ALA A CA  1 
ATOM   237 C C   . ALA A 1 34 ? 9.78015   -5.85762  5.47592   1.000 58.06980  ? 3553 ALA A C   1 
ATOM   238 O O   . ALA A 1 34 ? 10.94993  -6.25135  5.43368   1.000 64.62024  ? 3553 ALA A O   1 
ATOM   239 C CB  . ALA A 1 34 ? 8.23913   -7.73436  6.10380   1.000 61.67108  ? 3553 ALA A CB  1 
ATOM   240 N N   . LEU A 1 35 ? 9.29405   -4.96884  4.61014   1.000 58.90244  ? 3554 LEU A N   1 
ATOM   241 C CA  . LEU A 1 35 ? 10.07502  -4.39465  3.52228   1.000 58.27016  ? 3554 LEU A CA  1 
ATOM   242 C C   . LEU A 1 35 ? 10.74775  -3.08572  3.90482   1.000 61.16337  ? 3554 LEU A C   1 
ATOM   243 O O   . LEU A 1 35 ? 11.29754  -2.40412  3.03234   1.000 62.87809  ? 3554 LEU A O   1 
ATOM   244 C CB  . LEU A 1 35 ? 9.18259   -4.17189  2.30070   1.000 54.89146  ? 3554 LEU A CB  1 
ATOM   245 C CG  . LEU A 1 35 ? 8.73112   -5.46875  1.65380   1.000 55.28105  ? 3554 LEU A CG  1 
ATOM   246 C CD1 . LEU A 1 35 ? 7.88650   -5.15864  0.44758   1.000 51.37871  ? 3554 LEU A CD1 1 
ATOM   247 C CD2 . LEU A 1 35 ? 9.96359   -6.26894  1.27116   1.000 56.51286  ? 3554 LEU A CD2 1 
ATOM   248 N N   . GLY A 1 36 ? 10.69901  -2.70998  5.17765   1.000 58.99424  ? 3555 GLY A N   1 
ATOM   249 C CA  . GLY A 1 36 ? 11.36071  -1.51638  5.64975   1.000 61.36223  ? 3555 GLY A CA  1 
ATOM   250 C C   . GLY A 1 36 ? 10.45925  -0.35079  6.00806   1.000 62.43777  ? 3555 GLY A C   1 
ATOM   251 O O   . GLY A 1 36 ? 10.97141  0.75632   6.20601   1.000 59.42826  ? 3555 GLY A O   1 
ATOM   252 N N   . GLY A 1 37 ? 9.14644   -0.55353  6.10514   1.000 55.20033  ? 3556 GLY A N   1 
ATOM   253 C CA  . GLY A 1 37 ? 8.26071   0.54324   6.45383   1.000 54.56679  ? 3556 GLY A CA  1 
ATOM   254 C C   . GLY A 1 37 ? 8.48769   1.05049   7.86848   1.000 53.39232  ? 3556 GLY A C   1 
ATOM   255 O O   . GLY A 1 37 ? 8.99950   0.35136   8.73984   1.000 55.87863  ? 3556 GLY A O   1 
ATOM   256 N N   . ASP A 1 38 ? 8.10540   2.30538   8.08621   1.000 52.38385  ? 3557 ASP A N   1 
ATOM   257 C CA  . ASP A 1 38 ? 8.12052   2.93719   9.40502   1.000 52.36959  ? 3557 ASP A CA  1 
ATOM   258 C C   . ASP A 1 38 ? 7.14215   4.11061   9.36886   1.000 45.69634  ? 3557 ASP A C   1 
ATOM   259 O O   . ASP A 1 38 ? 6.45795   4.32729   8.36382   1.000 51.53234  ? 3557 ASP A O   1 
ATOM   260 C CB  . ASP A 1 38 ? 9.54140   3.37395   9.78674   1.000 51.23251  ? 3557 ASP A CB  1 
ATOM   261 C CG  . ASP A 1 38 ? 10.11918  4.41410   8.81927   1.000 54.19376  ? 3557 ASP A CG  1 
ATOM   262 O OD1 . ASP A 1 38 ? 9.36095   5.00205   8.00836   1.000 49.40310  ? 3557 ASP A OD1 1 
ATOM   263 O OD2 . ASP A 1 38 ? 11.34661  4.63745   8.86528   1.000 62.24595  ? 3557 ASP A OD2 1 
ATOM   264 N N   . SER A 1 39 ? 7.12395   4.90825   10.44225  1.000 51.93868  ? 3558 SER A N   1 
ATOM   265 C CA  . SER A 1 39 ? 6.13954   5.98588   10.55566  1.000 51.39668  ? 3558 SER A CA  1 
ATOM   266 C C   . SER A 1 39 ? 6.25989   6.99456   9.42045   1.000 50.21065  ? 3558 SER A C   1 
ATOM   267 O O   . SER A 1 39 ? 5.24355   7.42461   8.86433   1.000 51.11142  ? 3558 SER A O   1 
ATOM   268 C CB  . SER A 1 39 ? 6.27363   6.68947   11.90129  1.000 51.62336  ? 3558 SER A CB  1 
ATOM   269 O OG  . SER A 1 39 ? 5.74285   5.88262   12.93442  1.000 54.55852  ? 3558 SER A OG  1 
ATOM   270 N N   . VAL A 1 40 ? 7.48750   7.38516   9.06227   1.000 45.11790  ? 3559 VAL A N   1 
ATOM   271 C CA  . VAL A 1 40 ? 7.67907   8.32071   7.95837   1.000 40.93284  ? 3559 VAL A CA  1 
ATOM   272 C C   . VAL A 1 40 ? 7.13114   7.73003   6.66485   1.000 47.70376  ? 3559 VAL A C   1 
ATOM   273 O O   . VAL A 1 40 ? 6.38013   8.37774   5.92410   1.000 47.02666  ? 3559 VAL A O   1 
ATOM   274 C CB  . VAL A 1 40 ? 9.16795   8.68195   7.80386   1.000 48.07572  ? 3559 VAL A CB  1 
ATOM   275 C CG1 . VAL A 1 40 ? 9.33202   9.66089   6.66720   1.000 46.75280  ? 3559 VAL A CG1 1 
ATOM   276 C CG2 . VAL A 1 40 ? 9.75278   9.24608   9.10741   1.000 53.15731  ? 3559 VAL A CG2 1 
ATOM   277 N N   . LEU A 1 41 ? 7.51512   6.49323   6.36442   1.000 45.52342  ? 3560 LEU A N   1 
ATOM   278 C CA  . LEU A 1 41 ? 7.10018   5.90990   5.09913   1.000 46.14658  ? 3560 LEU A CA  1 
ATOM   279 C C   . LEU A 1 41 ? 5.60850   5.60259   5.08591   1.000 46.07169  ? 3560 LEU A C   1 
ATOM   280 O O   . LEU A 1 41 ? 4.99158   5.60636   4.01289   1.000 43.99402  ? 3560 LEU A O   1 
ATOM   281 C CB  . LEU A 1 41 ? 7.92518   4.66045   4.81382   1.000 46.26151  ? 3560 LEU A CB  1 
ATOM   282 C CG  . LEU A 1 41 ? 9.41883   4.96308   4.67781   1.000 54.47274  ? 3560 LEU A CG  1 
ATOM   283 C CD1 . LEU A 1 41 ? 10.19868  3.69007   4.40821   1.000 52.45058  ? 3560 LEU A CD1 1 
ATOM   284 C CD2 . LEU A 1 41 ? 9.66409   5.98474   3.57330   1.000 54.16537  ? 3560 LEU A CD2 1 
ATOM   285 N N   . THR A 1 42 ? 5.01778   5.34635   6.25903   1.000 43.52508  ? 3561 THR A N   1 
ATOM   286 C CA  . THR A 1 42 ? 3.57459   5.13520   6.34184   1.000 44.23064  ? 3561 THR A CA  1 
ATOM   287 C C   . THR A 1 42 ? 2.83047   6.40887   5.97051   1.000 45.10443  ? 3561 THR A C   1 
ATOM   288 O O   . THR A 1 42 ? 1.87786   6.38194   5.17906   1.000 42.34068  ? 3561 THR A O   1 
ATOM   289 C CB  . THR A 1 42 ? 3.18609   4.67918   7.75426   1.000 48.91594  ? 3561 THR A CB  1 
ATOM   290 O OG1 . THR A 1 42 ? 3.75090   3.39544   8.02548   1.000 43.55133  ? 3561 THR A OG1 1 
ATOM   291 C CG2 . THR A 1 42 ? 1.67479   4.58068   7.90275   1.000 44.25585  ? 3561 THR A CG2 1 
ATOM   292 N N   . LEU A 1 43 ? 3.26296   7.53805   6.53670   1.000 44.05929  ? 3562 LEU A N   1 
ATOM   293 C CA  . LEU A 1 43 ? 2.71504   8.83479   6.16130   1.000 45.84631  ? 3562 LEU A CA  1 
ATOM   294 C C   . LEU A 1 43 ? 2.73950   9.01442   4.64756   1.000 47.26133  ? 3562 LEU A C   1 
ATOM   295 O O   . LEU A 1 43 ? 1.74329   9.42062   4.04200   1.000 43.97512  ? 3562 LEU A O   1 
ATOM   296 C CB  . LEU A 1 43 ? 3.50105   9.95115   6.85557   1.000 45.71085  ? 3562 LEU A CB  1 
ATOM   297 C CG  . LEU A 1 43 ? 2.88640   11.34984  6.76381   1.000 51.83783  ? 3562 LEU A CG  1 
ATOM   298 C CD1 . LEU A 1 43 ? 1.58443   11.37151  7.52569   1.000 59.79828  ? 3562 LEU A CD1 1 
ATOM   299 C CD2 . LEU A 1 43 ? 3.80366   12.41556  7.31034   1.000 48.31721  ? 3562 LEU A CD2 1 
ATOM   300 N N   . ARG A 1 44 ? 3.87008   8.69088   4.01573   1.000 44.47203  ? 3563 ARG A N   1 
ATOM   301 C CA  . ARG A 1 44 ? 3.98153   8.87257   2.57127   1.000 47.57140  ? 3563 ARG A CA  1 
ATOM   302 C C   . ARG A 1 44 ? 3.06658   7.92206   1.81812   1.000 46.81066  ? 3563 ARG A C   1 
ATOM   303 O O   . ARG A 1 44 ? 2.45066   8.31200   0.81903   1.000 45.87101  ? 3563 ARG A O   1 
ATOM   304 C CB  . ARG A 1 44 ? 5.42719   8.68150   2.12394   1.000 44.80285  ? 3563 ARG A CB  1 
ATOM   305 C CG  . ARG A 1 44 ? 6.32039   9.77563   2.62044   1.000 44.60755  ? 3563 ARG A CG  1 
ATOM   306 C CD  . ARG A 1 44 ? 7.77030   9.47595   2.32554   1.000 45.95528  ? 3563 ARG A CD  1 
ATOM   307 N NE  . ARG A 1 44 ? 8.62281   10.40778  3.03607   1.000 46.25122  ? 3563 ARG A NE  1 
ATOM   308 C CZ  . ARG A 1 44 ? 9.94976   10.35193  3.03543   1.000 47.83235  ? 3563 ARG A CZ  1 
ATOM   309 N NH1 . ARG A 1 44 ? 10.56842  9.39832   2.35733   1.000 46.77535  ? 3563 ARG A NH1 1 
ATOM   310 N NH2 . ARG A 1 44 ? 10.65583  11.24435  3.71717   1.000 45.94413  ? 3563 ARG A NH2 1 
ATOM   311 N N   . LEU A 1 45 ? 2.98580   6.66846   2.27163   1.000 43.20477  ? 3564 LEU A N   1 
ATOM   312 C CA  . LEU A 1 45 ? 2.09043   5.69770   1.65078   1.000 41.08840  ? 3564 LEU A CA  1 
ATOM   313 C C   . LEU A 1 45 ? 0.64648   6.19201   1.66094   1.000 42.99721  ? 3564 LEU A C   1 
ATOM   314 O O   . LEU A 1 45 ? -0.05533  6.08238   0.65187   1.000 41.95010  ? 3564 LEU A O   1 
ATOM   315 C CB  . LEU A 1 45 ? 2.21338   4.35162   2.37200   1.000 39.89454  ? 3564 LEU A CB  1 
ATOM   316 C CG  . LEU A 1 45 ? 1.13306   3.27952   2.21946   1.000 39.89324  ? 3564 LEU A CG  1 
ATOM   317 C CD1 . LEU A 1 45 ? 0.97185   2.86070   0.76601   1.000 38.96743  ? 3564 LEU A CD1 1 
ATOM   318 C CD2 . LEU A 1 45 ? 1.47696   2.06846   3.06662   1.000 42.64123  ? 3564 LEU A CD2 1 
ATOM   319 N N   . VAL A 1 46 ? 0.19215   6.75529   2.78717   1.000 41.21067  ? 3565 VAL A N   1 
ATOM   320 C CA  . VAL A 1 46 ? -1.17942  7.26047   2.87903   1.000 42.65209  ? 3565 VAL A CA  1 
ATOM   321 C C   . VAL A 1 46 ? -1.43308  8.34494   1.83040   1.000 44.56631  ? 3565 VAL A C   1 
ATOM   322 O O   . VAL A 1 46 ? -2.42575  8.29105   1.09535   1.000 42.09003  ? 3565 VAL A O   1 
ATOM   323 C CB  . VAL A 1 46 ? -1.47398  7.77683   4.30113   1.000 43.07650  ? 3565 VAL A CB  1 
ATOM   324 C CG1 . VAL A 1 46 ? -2.76935  8.60664   4.31715   1.000 35.05838  ? 3565 VAL A CG1 1 
ATOM   325 C CG2 . VAL A 1 46 ? -1.54722  6.61980   5.29611   1.000 38.16320  ? 3565 VAL A CG2 1 
ATOM   326 N N   . HIS A 1 47 ? -0.54640  9.35160   1.75733   1.000 41.84169  ? 3566 HIS A N   1 
ATOM   327 C CA  . HIS A 1 47 ? -0.68321  10.42000  0.76154   1.000 45.11891  ? 3566 HIS A CA  1 
ATOM   328 C C   . HIS A 1 47 ? -0.67356  9.87862   -0.66010  1.000 43.11056  ? 3566 HIS A C   1 
ATOM   329 O O   . HIS A 1 47 ? -1.46396  10.31440  -1.50425  1.000 41.34322  ? 3566 HIS A O   1 
ATOM   330 C CB  . HIS A 1 47 ? 0.45829   11.43047  0.87461   1.000 51.29752  ? 3566 HIS A CB  1 
ATOM   331 C CG  . HIS A 1 47 ? 0.59082   12.07248  2.21438   1.000 63.53922  ? 3566 HIS A CG  1 
ATOM   332 N ND1 . HIS A 1 47 ? -0.49512  12.35759  3.01734   1.000 67.19188  ? 3566 HIS A ND1 1 
ATOM   333 C CD2 . HIS A 1 47 ? 1.68393   12.50485  2.88838   1.000 63.83930  ? 3566 HIS A CD2 1 
ATOM   334 C CE1 . HIS A 1 47 ? -0.07566  12.94033  4.12842   1.000 68.74378  ? 3566 HIS A CE1 1 
ATOM   335 N NE2 . HIS A 1 47 ? 1.24152   13.04171  4.07607   1.000 67.72188  ? 3566 HIS A NE2 1 
ATOM   336 N N   . ARG A 1 48 ? 0.26384   8.98509   -0.96609  1.000 40.39201  ? 3567 ARG A N   1 
ATOM   337 C CA  . ARG A 1 48 ? 0.42508   8.57347   -2.35150  1.000 45.60083  ? 3567 ARG A CA  1 
ATOM   338 C C   . ARG A 1 48 ? -0.67583  7.61180   -2.76632  1.000 44.79331  ? 3567 ARG A C   1 
ATOM   339 O O   . ARG A 1 48 ? -1.09994  7.62563   -3.92667  1.000 44.41993  ? 3567 ARG A O   1 
ATOM   340 C CB  . ARG A 1 48 ? 1.82771   7.99053   -2.55821  1.000 46.01911  ? 3567 ARG A CB  1 
ATOM   341 C CG  . ARG A 1 48 ? 2.88625   9.09180   -2.77702  1.000 58.35126  ? 3567 ARG A CG  1 
ATOM   342 C CD  . ARG A 1 48 ? 4.33179   8.68922   -2.43342  1.000 76.75097  ? 3567 ARG A CD  1 
ATOM   343 N NE  . ARG A 1 48 ? 5.07143   9.82205   -1.84693  1.000 97.06981  ? 3567 ARG A NE  1 
ATOM   344 C CZ  . ARG A 1 48 ? 6.39302   9.88074   -1.63713  1.000 85.92568  ? 3567 ARG A CZ  1 
ATOM   345 N NH1 . ARG A 1 48 ? 7.19642   8.86832   -1.97077  1.000 71.96263  ? 3567 ARG A NH1 1 
ATOM   346 N NH2 . ARG A 1 48 ? 6.91759   10.97504  -1.08585  1.000 74.83293  ? 3567 ARG A NH2 1 
ATOM   347 N N   . ALA A 1 49 ? -1.18802  6.82286   -1.82056  1.000 41.02144  ? 3568 ALA A N   1 
ATOM   348 C CA  . ALA A 1 49 ? -2.36000  5.99896   -2.09359  1.000 43.39762  ? 3568 ALA A CA  1 
ATOM   349 C C   . ALA A 1 49 ? -3.56103  6.86159   -2.46237  1.000 45.49780  ? 3568 ALA A C   1 
ATOM   350 O O   . ALA A 1 49 ? -4.30265  6.54441   -3.40168  1.000 41.63054  ? 3568 ALA A O   1 
ATOM   351 C CB  . ALA A 1 49 ? -2.67932  5.12083   -0.87937  1.000 37.37119  ? 3568 ALA A CB  1 
ATOM   352 N N   . ARG A 1 50 ? -3.76568  7.96446   -1.73976  1.000 38.42769  ? 3569 ARG A N   1 
ATOM   353 C CA  . ARG A 1 50 ? -4.85975  8.85175   -2.09453  1.000 40.03460  ? 3569 ARG A CA  1 
ATOM   354 C C   . ARG A 1 50 ? -4.65592  9.42746   -3.49179  1.000 42.43565  ? 3569 ARG A C   1 
ATOM   355 O O   . ARG A 1 50 ? -5.60028  9.47886   -4.28919  1.000 44.37364  ? 3569 ARG A O   1 
ATOM   356 C CB  . ARG A 1 50 ? -5.01039  9.96593   -1.04934  1.000 39.94690  ? 3569 ARG A CB  1 
ATOM   357 C CG  . ARG A 1 50 ? -5.81097  11.15411  -1.54149  1.000 40.93432  ? 3569 ARG A CG  1 
ATOM   358 C CD  . ARG A 1 50 ? -6.01482  12.19588  -0.45792  1.000 49.58998  ? 3569 ARG A CD  1 
ATOM   359 N NE  . ARG A 1 50 ? -7.17091  11.83592  0.35189   1.000 65.06499  ? 3569 ARG A NE  1 
ATOM   360 C CZ  . ARG A 1 50 ? -8.43223  12.11215  0.01418   1.000 79.73387  ? 3569 ARG A CZ  1 
ATOM   361 N NH1 . ARG A 1 50 ? -8.70171  12.76714  -1.11934  1.000 66.67709  ? 3569 ARG A NH1 1 
ATOM   362 N NH2 . ARG A 1 50 ? -9.42999  11.74339  0.81554   1.000 78.37373  ? 3569 ARG A NH2 1 
ATOM   363 N N   . SER A 1 51 ? -3.42634  9.85182   -3.81663  1.000 39.55154  ? 3570 SER A N   1 
ATOM   364 C CA  . SER A 1 51 ? -3.15363  10.31410  -5.17576  1.000 44.85969  ? 3570 SER A CA  1 
ATOM   365 C C   . SER A 1 51 ? -3.48533  9.24221   -6.20555  1.000 43.82817  ? 3570 SER A C   1 
ATOM   366 O O   . SER A 1 51 ? -3.94316  9.56656   -7.30156  1.000 43.97187  ? 3570 SER A O   1 
ATOM   367 C CB  . SER A 1 51 ? -1.69119  10.74023  -5.33176  1.000 45.76877  ? 3570 SER A CB  1 
ATOM   368 O OG  . SER A 1 51 ? -1.37265  11.83533  -4.49806  1.000 55.62530  ? 3570 SER A OG  1 
ATOM   369 N N   . ALA A 1 52 ? -3.28932  7.96985   -5.86629  1.000 40.28739  ? 3571 ALA A N   1 
ATOM   370 C CA  . ALA A 1 52 ? -3.61041  6.87685   -6.77350  1.000 42.06087  ? 3571 ALA A CA  1 
ATOM   371 C C   . ALA A 1 52 ? -5.07039  6.44595   -6.70589  1.000 44.10986  ? 3571 ALA A C   1 
ATOM   372 O O   . ALA A 1 52 ? -5.43125  5.44598   -7.32948  1.000 47.32403  ? 3571 ALA A O   1 
ATOM   373 C CB  . ALA A 1 52 ? -2.70653  5.67635   -6.49701  1.000 33.97825  ? 3571 ALA A CB  1 
ATOM   374 N N   . GLY A 1 53 ? -5.91423  7.16280   -5.97969  1.000 40.95213  ? 3572 GLY A N   1 
ATOM   375 C CA  . GLY A 1 53 ? -7.33445  6.89336   -5.98747  1.000 38.69998  ? 3572 GLY A CA  1 
ATOM   376 C C   . GLY A 1 53 ? -7.88251  6.10660   -4.81381  1.000 42.02463  ? 3572 GLY A C   1 
ATOM   377 O O   . GLY A 1 53 ? -9.05932  5.73442   -4.84780  1.000 42.29896  ? 3572 GLY A O   1 
ATOM   378 N N   . TRP A 1 54 ? -7.08787  5.86018   -3.77206  1.000 36.67650  ? 3573 TRP A N   1 
ATOM   379 C CA  . TRP A 1 54 ? -7.49558  4.97196   -2.69100  1.000 37.99365  ? 3573 TRP A CA  1 
ATOM   380 C C   . TRP A 1 54 ? -7.24335  5.61913   -1.33256  1.000 41.07670  ? 3573 TRP A C   1 
ATOM   381 O O   . TRP A 1 54 ? -6.13198  6.07337   -1.03257  1.000 39.23131  ? 3573 TRP A O   1 
ATOM   382 C CB  . TRP A 1 54 ? -6.79692  3.60483   -2.83245  1.000 35.62685  ? 3573 TRP A CB  1 
ATOM   383 C CG  . TRP A 1 54 ? -7.25322  2.97756   -4.11606  1.000 40.96244  ? 3573 TRP A CG  1 
ATOM   384 C CD1 . TRP A 1 54 ? -6.62501  3.04327   -5.33631  1.000 41.77983  ? 3573 TRP A CD1 1 
ATOM   385 C CD2 . TRP A 1 54 ? -8.49166  2.28635   -4.34085  1.000 38.33940  ? 3573 TRP A CD2 1 
ATOM   386 N NE1 . TRP A 1 54 ? -7.37899  2.40205   -6.28944  1.000 43.48546  ? 3573 TRP A NE1 1 
ATOM   387 C CE2 . TRP A 1 54 ? -8.52791  1.92939   -5.71089  1.000 37.58815  ? 3573 TRP A CE2 1 
ATOM   388 C CE3 . TRP A 1 54 ? -9.56161  1.91571   -3.51348  1.000 38.08770  ? 3573 TRP A CE3 1 
ATOM   389 C CZ2 . TRP A 1 54 ? -9.59972  1.23034   -6.27853  1.000 40.11074  ? 3573 TRP A CZ2 1 
ATOM   390 C CZ3 . TRP A 1 54 ? -10.63093 1.21564   -4.07629  1.000 40.30172  ? 3573 TRP A CZ3 1 
ATOM   391 C CH2 . TRP A 1 54 ? -10.64082 0.88249   -5.45179  1.000 41.78564  ? 3573 TRP A CH2 1 
ATOM   392 N N   . GLU A 1 55 ? -8.29345  5.65957   -0.52422  1.000 37.18809  ? 3574 GLU A N   1 
ATOM   393 C CA  . GLU A 1 55 ? -8.28701  6.30591   0.77866   1.000 38.91456  ? 3574 GLU A CA  1 
ATOM   394 C C   . GLU A 1 55 ? -7.97121  5.27048   1.84815   1.000 40.62017  ? 3574 GLU A C   1 
ATOM   395 O O   . GLU A 1 55 ? -8.73320  4.31699   2.02936   1.000 40.30813  ? 3574 GLU A O   1 
ATOM   396 C CB  . GLU A 1 55 ? -9.64442  6.94385   1.05923   1.000 38.59974  ? 3574 GLU A CB  1 
ATOM   397 C CG  . GLU A 1 55 ? -9.61327  8.43433   1.11532   1.000 53.65226  ? 3574 GLU A CG  1 
ATOM   398 C CD  . GLU A 1 55 ? -10.83309 9.00711   1.79328   1.000 57.29633  ? 3574 GLU A CD  1 
ATOM   399 O OE1 . GLU A 1 55 ? -10.67297 9.64444   2.85418   1.000 61.44018  ? 3574 GLU A OE1 1 
ATOM   400 O OE2 . GLU A 1 55 ? -11.94925 8.82231   1.26554   1.000 55.93354  ? 3574 GLU A OE2 1 
ATOM   401 N N   . ILE A 1 56 ? -6.85881  5.46290   2.55357   1.000 38.53477  ? 3575 ILE A N   1 
ATOM   402 C CA  . ILE A 1 56 ? -6.50654  4.64901   3.70859   1.000 37.42975  ? 3575 ILE A CA  1 
ATOM   403 C C   . ILE A 1 56 ? -6.01769  5.56724   4.81710   1.000 43.87387  ? 3575 ILE A C   1 
ATOM   404 O O   . ILE A 1 56 ? -5.71365  6.74315   4.59606   1.000 43.47523  ? 3575 ILE A O   1 
ATOM   405 C CB  . ILE A 1 56 ? -5.42519  3.59851   3.39411   1.000 39.03181  ? 3575 ILE A CB  1 
ATOM   406 C CG1 . ILE A 1 56 ? -4.23236  4.26712   2.71670   1.000 37.21276  ? 3575 ILE A CG1 1 
ATOM   407 C CG2 . ILE A 1 56 ? -6.00643  2.47304   2.54717   1.000 36.27252  ? 3575 ILE A CG2 1 
ATOM   408 C CD1 . ILE A 1 56 ? -3.04263  3.35582   2.50794   1.000 37.44480  ? 3575 ILE A CD1 1 
ATOM   409 N N   . SER A 1 57 ? -5.94122  5.01071   6.02172   1.000 43.13049  ? 3576 SER A N   1 
ATOM   410 C CA  . SER A 1 57 ? -5.33994  5.68162   7.16417   1.000 39.50006  ? 3576 SER A CA  1 
ATOM   411 C C   . SER A 1 57 ? -4.03733  5.00198   7.57406   1.000 43.68086  ? 3576 SER A C   1 
ATOM   412 O O   . SER A 1 57 ? -3.77493  3.83679   7.24638   1.000 42.70336  ? 3576 SER A O   1 
ATOM   413 C CB  . SER A 1 57 ? -6.28909  5.68888   8.36019   1.000 43.94647  ? 3576 SER A CB  1 
ATOM   414 O OG  . SER A 1 57 ? -6.35873  4.38462   8.92414   1.000 44.39211  ? 3576 SER A OG  1 
ATOM   415 N N   . ALA A 1 58 ? -3.23058  5.74978   8.33267   1.000 45.46327  ? 3577 ALA A N   1 
ATOM   416 C CA  . ALA A 1 58 ? -2.05127  5.16493   8.95860   1.000 40.97407  ? 3577 ALA A CA  1 
ATOM   417 C C   . ALA A 1 58 ? -2.42541  3.96275   9.81537   1.000 44.94482  ? 3577 ALA A C   1 
ATOM   418 O O   . ALA A 1 58 ? -1.71389  2.95523   9.81687   1.000 44.91425  ? 3577 ALA A O   1 
ATOM   419 C CB  . ALA A 1 58 ? -1.32275  6.21859   9.80318   1.000 41.08942  ? 3577 ALA A CB  1 
ATOM   420 N N   . ARG A 1 59 ? -3.53323  4.05723   10.56634  1.000 43.95385  ? 3578 ARG A N   1 
ATOM   421 C CA  . ARG A 1 59 ? -3.98063  2.92242   11.37043  1.000 45.78458  ? 3578 ARG A CA  1 
ATOM   422 C C   . ARG A 1 59 ? -4.27437  1.70144   10.50071  1.000 45.70914  ? 3578 ARG A C   1 
ATOM   423 O O   . ARG A 1 59 ? -4.00090  0.56645   10.90723  1.000 46.34942  ? 3578 ARG A O   1 
ATOM   424 C CB  . ARG A 1 59 ? -5.20850  3.30369   12.20713  1.000 47.98352  ? 3578 ARG A CB  1 
ATOM   425 C CG  . ARG A 1 59 ? -4.82775  3.89362   13.55155  1.000 56.53070  ? 3578 ARG A CG  1 
ATOM   426 C CD  . ARG A 1 59 ? -6.00118  4.12645   14.47302  1.000 61.63294  ? 3578 ARG A CD  1 
ATOM   427 N NE  . ARG A 1 59 ? -5.53437  4.79556   15.68061  1.000 75.13476  ? 3578 ARG A NE  1 
ATOM   428 C CZ  . ARG A 1 59 ? -5.36753  6.11086   15.79085  1.000 78.08902  ? 3578 ARG A CZ  1 
ATOM   429 N NH1 . ARG A 1 59 ? -5.64961  6.90837   14.76653  1.000 72.14109  ? 3578 ARG A NH1 1 
ATOM   430 N NH2 . ARG A 1 59 ? -4.92997  6.63043   16.93342  1.000 78.60986  ? 3578 ARG A NH2 1 
ATOM   431 N N   . HIS A 1 60 ? -4.82635  1.90995   9.30285   1.000 40.91405  ? 3579 HIS A N   1 
ATOM   432 C CA  . HIS A 1 60 ? -5.02787  0.79547   8.37856   1.000 42.69244  ? 3579 HIS A CA  1 
ATOM   433 C C   . HIS A 1 60 ? -3.70764  0.11317   8.04184   1.000 44.74394  ? 3579 HIS A C   1 
ATOM   434 O O   . HIS A 1 60 ? -3.62084  -1.12281  8.01947   1.000 40.58430  ? 3579 HIS A O   1 
ATOM   435 C CB  . HIS A 1 60 ? -5.71096  1.28251   7.09567   1.000 38.92792  ? 3579 HIS A CB  1 
ATOM   436 C CG  . HIS A 1 60 ? -7.12709  1.71633   7.29258   1.000 45.23624  ? 3579 HIS A CG  1 
ATOM   437 N ND1 . HIS A 1 60 ? -7.72444  2.68022   6.50947   1.000 45.92572  ? 3579 HIS A ND1 1 
ATOM   438 C CD2 . HIS A 1 60 ? -8.07070  1.30972   8.17661   1.000 45.51587  ? 3579 HIS A CD2 1 
ATOM   439 C CE1 . HIS A 1 60 ? -8.97597  2.84852   6.90111   1.000 44.83243  ? 3579 HIS A CE1 1 
ATOM   440 N NE2 . HIS A 1 60 ? -9.21071  2.03030   7.91160   1.000 46.30093  ? 3579 HIS A NE2 1 
ATOM   441 N N   . VAL A 1 61 ? -2.66490  0.90392   7.77828   1.000 40.62205  ? 3580 VAL A N   1 
ATOM   442 C CA  . VAL A 1 61 ? -1.37879  0.32762   7.40649   1.000 42.33864  ? 3580 VAL A CA  1 
ATOM   443 C C   . VAL A 1 61 ? -0.80130  -0.48850  8.55676   1.000 46.24810  ? 3580 VAL A C   1 
ATOM   444 O O   . VAL A 1 61 ? -0.34838  -1.62349  8.36128   1.000 44.71252  ? 3580 VAL A O   1 
ATOM   445 C CB  . VAL A 1 61 ? -0.41827  1.43812   6.95333   1.000 44.09684  ? 3580 VAL A CB  1 
ATOM   446 C CG1 . VAL A 1 61 ? 0.98246   0.87034   6.69615   1.000 37.57582  ? 3580 VAL A CG1 1 
ATOM   447 C CG2 . VAL A 1 61 ? -0.99300  2.13614   5.71412   1.000 36.48674  ? 3580 VAL A CG2 1 
ATOM   448 N N   . PHE A 1 62 ? -0.82749  0.06115   9.77625   1.000 43.28584  ? 3581 PHE A N   1 
ATOM   449 C CA  . PHE A 1 62 ? -0.25951  -0.66975  10.90289  1.000 47.15223  ? 3581 PHE A CA  1 
ATOM   450 C C   . PHE A 1 62 ? -1.05366  -1.93475  11.19836  1.000 50.60379  ? 3581 PHE A C   1 
ATOM   451 O O   . PHE A 1 62 ? -0.47120  -2.96611  11.55061  1.000 45.83250  ? 3581 PHE A O   1 
ATOM   452 C CB  . PHE A 1 62 ? -0.17348  0.24260   12.13297  1.000 44.20616  ? 3581 PHE A CB  1 
ATOM   453 C CG  . PHE A 1 62 ? 0.98811   1.21026   12.08003  1.000 56.06744  ? 3581 PHE A CG  1 
ATOM   454 C CD1 . PHE A 1 62 ? 2.23982   0.85149   12.57342  1.000 69.04386  ? 3581 PHE A CD1 1 
ATOM   455 C CD2 . PHE A 1 62 ? 0.83618   2.46393   11.51603  1.000 55.73051  ? 3581 PHE A CD2 1 
ATOM   456 C CE1 . PHE A 1 62 ? 3.31571   1.73583   12.51753  1.000 67.07348  ? 3581 PHE A CE1 1 
ATOM   457 C CE2 . PHE A 1 62 ? 1.89017   3.34600   11.45326  1.000 54.78137  ? 3581 PHE A CE2 1 
ATOM   458 C CZ  . PHE A 1 62 ? 3.14032   2.98305   11.95367  1.000 62.42651  ? 3581 PHE A CZ  1 
ATOM   459 N N   . ARG A 1 63 ? -2.36962  -1.89268  11.01225  1.000 47.90005  ? 3582 ARG A N   1 
ATOM   460 C CA  . ARG A 1 63 ? -3.19633  -3.05777  11.29618  1.000 52.60795  ? 3582 ARG A CA  1 
ATOM   461 C C   . ARG A 1 63 ? -3.21483  -4.05748  10.13097  1.000 52.18080  ? 3582 ARG A C   1 
ATOM   462 O O   . ARG A 1 63 ? -3.35385  -5.26078  10.36196  1.000 51.53345  ? 3582 ARG A O   1 
ATOM   463 C CB  . ARG A 1 63 ? -4.60855  -2.58285  11.67005  1.000 55.73593  ? 3582 ARG A CB  1 
ATOM   464 C CG  . ARG A 1 63 ? -5.68481  -3.63516  11.60904  1.000 70.65959  ? 3582 ARG A CG  1 
ATOM   465 C CD  . ARG A 1 63 ? -6.03426  -4.24237  12.95980  1.000 82.39768  ? 3582 ARG A CD  1 
ATOM   466 N NE  . ARG A 1 63 ? -6.76581  -5.49321  12.75653  1.000 90.73231  ? 3582 ARG A NE  1 
ATOM   467 C CZ  . ARG A 1 63 ? -7.35658  -6.19488  13.71719  1.000 102.60971 ? 3582 ARG A CZ  1 
ATOM   468 N NH1 . ARG A 1 63 ? -7.31795  -5.77366  14.97774  1.000 107.20337 ? 3582 ARG A NH1 1 
ATOM   469 N NH2 . ARG A 1 63 ? -7.99075  -7.32058  13.41055  1.000 98.93459  ? 3582 ARG A NH2 1 
ATOM   470 N N   . HIS A 1 64 ? -3.04401  -3.60547  8.88665   1.000 47.05735  ? 3583 HIS A N   1 
ATOM   471 C CA  . HIS A 1 64 ? -3.10514  -4.48192  7.71169   1.000 49.93691  ? 3583 HIS A CA  1 
ATOM   472 C C   . HIS A 1 64 ? -1.92820  -4.19797  6.79234   1.000 45.55031  ? 3583 HIS A C   1 
ATOM   473 O O   . HIS A 1 64 ? -2.09986  -3.63005  5.71071   1.000 43.34611  ? 3583 HIS A O   1 
ATOM   474 C CB  . HIS A 1 64 ? -4.41498  -4.29500  6.94659   1.000 42.87242  ? 3583 HIS A CB  1 
ATOM   475 C CG  . HIS A 1 64 ? -5.63112  -4.40867  7.80608   1.000 49.26833  ? 3583 HIS A CG  1 
ATOM   476 N ND1 . HIS A 1 64 ? -6.01654  -5.59471  8.39402   1.000 54.14097  ? 3583 HIS A ND1 1 
ATOM   477 C CD2 . HIS A 1 64 ? -6.54931  -3.48697  8.17736   1.000 47.45954  ? 3583 HIS A CD2 1 
ATOM   478 C CE1 . HIS A 1 64 ? -7.12128  -5.39857  9.09109   1.000 54.68312  ? 3583 HIS A CE1 1 
ATOM   479 N NE2 . HIS A 1 64 ? -7.46882  -4.12977  8.97045   1.000 57.66362  ? 3583 HIS A NE2 1 
ATOM   480 N N   . PRO A 1 65 ? -0.71470  -4.57154  7.19516   1.000 45.33998  ? 3584 PRO A N   1 
ATOM   481 C CA  . PRO A 1 65 ? 0.46656   -4.16231  6.41219   1.000 45.74962  ? 3584 PRO A CA  1 
ATOM   482 C C   . PRO A 1 65 ? 0.64094   -4.91636  5.09614   1.000 47.30551  ? 3584 PRO A C   1 
ATOM   483 O O   . PRO A 1 65 ? 1.43612   -4.47153  4.25776   1.000 45.52278  ? 3584 PRO A O   1 
ATOM   484 C CB  . PRO A 1 65 ? 1.63625   -4.41970  7.37250   1.000 44.39156  ? 3584 PRO A CB  1 
ATOM   485 C CG  . PRO A 1 65 ? 1.12366   -5.45895  8.33319   1.000 50.61614  ? 3584 PRO A CG  1 
ATOM   486 C CD  . PRO A 1 65 ? -0.35927  -5.23064  8.46541   1.000 47.77644  ? 3584 PRO A CD  1 
ATOM   487 N N   . VAL A 1 66 ? -0.07126  -6.01496  4.87623   1.000 43.73546  ? 3585 VAL A N   1 
ATOM   488 C CA  . VAL A 1 66 ? 0.01719   -6.73270  3.60833   1.000 42.63059  ? 3585 VAL A CA  1 
ATOM   489 C C   . VAL A 1 66 ? -0.86434  -6.03556  2.57501   1.000 45.90588  ? 3585 VAL A C   1 
ATOM   490 O O   . VAL A 1 66 ? -2.02368  -5.71005  2.85706   1.000 43.59880  ? 3585 VAL A O   1 
ATOM   491 C CB  . VAL A 1 66 ? -0.38976  -8.20205  3.78904   1.000 48.33085  ? 3585 VAL A CB  1 
ATOM   492 C CG1 . VAL A 1 66 ? -0.36852  -8.92228  2.45314   1.000 44.55077  ? 3585 VAL A CG1 1 
ATOM   493 C CG2 . VAL A 1 66 ? 0.55278   -8.88790  4.77980   1.000 48.46272  ? 3585 VAL A CG2 1 
ATOM   494 N N   . VAL A 1 67 ? -0.30942  -5.82816  1.36930   1.000 45.61899  ? 3586 VAL A N   1 
ATOM   495 C CA  . VAL A 1 67 ? -0.99282  -5.10055  0.29135   1.000 42.96883  ? 3586 VAL A CA  1 
ATOM   496 C C   . VAL A 1 67 ? -2.43580  -5.58250  0.13467   1.000 42.06855  ? 3586 VAL A C   1 
ATOM   497 O O   . VAL A 1 67 ? -3.38227  -4.79066  0.17901   1.000 41.25739  ? 3586 VAL A O   1 
ATOM   498 C CB  . VAL A 1 67 ? -0.21960  -5.24208  -1.03650  1.000 47.83446  ? 3586 VAL A CB  1 
ATOM   499 C CG1 . VAL A 1 67 ? -1.02838  -4.68387  -2.20633  1.000 40.47463  ? 3586 VAL A CG1 1 
ATOM   500 C CG2 . VAL A 1 67 ? 1.14831   -4.55150  -0.97231  1.000 45.30601  ? 3586 VAL A CG2 1 
ATOM   501 N N   . ALA A 1 68 ? -2.61992  -6.89277  -0.04823  1.000 41.30211  ? 3587 ALA A N   1 
ATOM   502 C CA  . ALA A 1 68 ? -3.95776  -7.41150  -0.31755  1.000 45.80368  ? 3587 ALA A CA  1 
ATOM   503 C C   . ALA A 1 68 ? -4.90981  -7.10770  0.83338   1.000 43.36367  ? 3587 ALA A C   1 
ATOM   504 O O   . ALA A 1 68 ? -6.08821  -6.80678  0.61107   1.000 43.91229  ? 3587 ALA A O   1 
ATOM   505 C CB  . ALA A 1 68 ? -3.90433  -8.92094  -0.59164  1.000 40.35621  ? 3587 ALA A CB  1 
ATOM   506 N N   . ASP A 1 69 ? -4.42464  -7.19596  2.07307   1.000 44.19655  ? 3588 ASP A N   1 
ATOM   507 C CA  . ASP A 1 69 ? -5.26942  -6.86790  3.21516   1.000 40.91888  ? 3588 ASP A CA  1 
ATOM   508 C C   . ASP A 1 69 ? -5.58339  -5.37626  3.26262   1.000 43.83767  ? 3588 ASP A C   1 
ATOM   509 O O   . ASP A 1 69 ? -6.71165  -4.98079  3.57848   1.000 44.80648  ? 3588 ASP A O   1 
ATOM   510 C CB  . ASP A 1 69 ? -4.58518  -7.32000  4.50009   1.000 46.40046  ? 3588 ASP A CB  1 
ATOM   511 C CG  . ASP A 1 69 ? -4.41721  -8.82054  4.55721   1.000 55.97694  ? 3588 ASP A CG  1 
ATOM   512 O OD1 . ASP A 1 69 ? -5.29985  -9.52402  4.01422   1.000 57.73197  ? 3588 ASP A OD1 1 
ATOM   513 O OD2 . ASP A 1 69 ? -3.40385  -9.29076  5.12674   1.000 57.93119  ? 3588 ASP A OD2 1 
ATOM   514 N N   . LEU A 1 70 ? -4.59313  -4.53578  2.94791   1.000 38.80997  ? 3589 LEU A N   1 
ATOM   515 C CA  . LEU A 1 70 ? -4.80812  -3.09741  2.95915   1.000 38.23595  ? 3589 LEU A CA  1 
ATOM   516 C C   . LEU A 1 70 ? -5.79059  -2.68793  1.86498   1.000 43.42961  ? 3589 LEU A C   1 
ATOM   517 O O   . LEU A 1 70 ? -6.64987  -1.82358  2.08301   1.000 40.08813  ? 3589 LEU A O   1 
ATOM   518 C CB  . LEU A 1 70 ? -3.46017  -2.38067  2.80716   1.000 36.38010  ? 3589 LEU A CB  1 
ATOM   519 C CG  . LEU A 1 70 ? -3.47102  -0.85560  2.89527   1.000 40.68697  ? 3589 LEU A CG  1 
ATOM   520 C CD1 . LEU A 1 70 ? -4.06021  -0.40766  4.23665   1.000 32.82856  ? 3589 LEU A CD1 1 
ATOM   521 C CD2 . LEU A 1 70 ? -2.06065  -0.30793  2.71380   1.000 36.39103  ? 3589 LEU A CD2 1 
ATOM   522 N N   . ALA A 1 71 ? -5.69242  -3.31858  0.68763   1.000 42.27243  ? 3590 ALA A N   1 
ATOM   523 C CA  . ALA A 1 71 ? -6.61381  -3.00903  -0.39910  1.000 40.06870  ? 3590 ALA A CA  1 
ATOM   524 C C   . ALA A 1 71 ? -8.04993  -3.30809  -0.00643  1.000 38.39760  ? 3590 ALA A C   1 
ATOM   525 O O   . ALA A 1 71 ? -8.97051  -2.61272  -0.44680  1.000 40.86655  ? 3590 ALA A O   1 
ATOM   526 C CB  . ALA A 1 71 ? -6.22745  -3.79105  -1.65659  1.000 36.28072  ? 3590 ALA A CB  1 
ATOM   527 N N   . ALA A 1 72 ? -8.25811  -4.31859  0.84249   1.000 38.35845  ? 3591 ALA A N   1 
ATOM   528 C CA  . ALA A 1 72 ? -9.61372  -4.71292  1.20567   1.000 40.57288  ? 3591 ALA A CA  1 
ATOM   529 C C   . ALA A 1 72 ? -10.29621 -3.69852  2.12623   1.000 44.29450  ? 3591 ALA A C   1 
ATOM   530 O O   . ALA A 1 72 ? -11.53136 -3.62132  2.13398   1.000 47.73047  ? 3591 ALA A O   1 
ATOM   531 C CB  . ALA A 1 72 ? -9.60214  -6.09885  1.85951   1.000 42.83717  ? 3591 ALA A CB  1 
ATOM   532 N N   . VAL A 1 73 ? -9.53660  -2.93146  2.92350   1.000 38.84438  ? 3592 VAL A N   1 
ATOM   533 C CA  . VAL A 1 73 ? -10.15524 -1.88713  3.74999   1.000 43.19899  ? 3592 VAL A CA  1 
ATOM   534 C C   . VAL A 1 73 ? -10.12926 -0.50552  3.11005   1.000 45.31321  ? 3592 VAL A C   1 
ATOM   535 O O   . VAL A 1 73 ? -10.79114 0.40943   3.63090   1.000 46.17041  ? 3592 VAL A O   1 
ATOM   536 C CB  . VAL A 1 73 ? -9.52279  -1.78571  5.15599   1.000 46.61250  ? 3592 VAL A CB  1 
ATOM   537 C CG1 . VAL A 1 73 ? -9.75240  -3.06965  5.93760   1.000 42.65620  ? 3592 VAL A CG1 1 
ATOM   538 C CG2 . VAL A 1 73 ? -8.05064  -1.44623  5.06412   1.000 39.67465  ? 3592 VAL A CG2 1 
ATOM   539 N N   . ALA A 1 74 ? -9.39983  -0.31769  2.01330   1.000 38.72476  ? 3593 ALA A N   1 
ATOM   540 C CA  . ALA A 1 74 ? -9.37726  0.97636   1.35179   1.000 37.83660  ? 3593 ALA A CA  1 
ATOM   541 C C   . ALA A 1 74 ? -10.76405 1.34524   0.83572   1.000 39.26720  ? 3593 ALA A C   1 
ATOM   542 O O   . ALA A 1 74 ? -11.61912 0.49099   0.58770   1.000 41.69786  ? 3593 ALA A O   1 
ATOM   543 C CB  . ALA A 1 74 ? -8.37845  0.97574   0.19255   1.000 36.29733  ? 3593 ALA A CB  1 
ATOM   544 N N   . GLN A 1 75 ? -10.98852 2.64494   0.70161   1.000 35.91910  ? 3594 GLN A N   1 
ATOM   545 C CA  . GLN A 1 75 ? -12.15075 3.10757   -0.01857  1.000 38.46747  ? 3594 GLN A CA  1 
ATOM   546 C C   . GLN A 1 75 ? -11.70191 3.84238   -1.27153  1.000 37.38681  ? 3594 GLN A C   1 
ATOM   547 O O   . GLN A 1 75 ? -10.65649 4.49977   -1.26319  1.000 41.86520  ? 3594 GLN A O   1 
ATOM   548 C CB  . GLN A 1 75 ? -13.03520 4.04618   0.83296   1.000 38.03088  ? 3594 GLN A CB  1 
ATOM   549 C CG  . GLN A 1 75 ? -13.62261 3.41417   2.05819   1.000 35.76288  ? 3594 GLN A CG  1 
ATOM   550 C CD  . GLN A 1 75 ? -14.70913 2.40236   1.74409   1.000 40.51293  ? 3594 GLN A CD  1 
ATOM   551 O OE1 . GLN A 1 75 ? -15.01107 2.14134   0.58650   1.000 37.35824  ? 3594 GLN A OE1 1 
ATOM   552 N NE2 . GLN A 1 75 ? -15.30277 1.82911   2.78401   1.000 36.23405  ? 3594 GLN A NE2 1 
ATOM   553 N N   . PRO A 1 76 ? -12.43162 3.71594   -2.36986  1.000 39.00668  ? 3595 PRO A N   1 
ATOM   554 C CA  . PRO A 1 76 ? -12.13797 4.56143   -3.53205  1.000 40.71710  ? 3595 PRO A CA  1 
ATOM   555 C C   . PRO A 1 76 ? -12.28594 6.01985   -3.14186  1.000 45.86663  ? 3595 PRO A C   1 
ATOM   556 O O   . PRO A 1 76 ? -13.15909 6.37883   -2.34588  1.000 44.78755  ? 3595 PRO A O   1 
ATOM   557 C CB  . PRO A 1 76 ? -13.19497 4.14317   -4.56405  1.000 36.78881  ? 3595 PRO A CB  1 
ATOM   558 C CG  . PRO A 1 76 ? -14.27749 3.46726   -3.75602  1.000 36.69903  ? 3595 PRO A CG  1 
ATOM   559 C CD  . PRO A 1 76 ? -13.59465 2.84166   -2.57495  1.000 37.91284  ? 3595 PRO A CD  1 
ATOM   560 N N   . VAL A 1 77 ? -11.40317 6.85833   -3.68476  1.000 43.82751  ? 3596 VAL A N   1 
ATOM   561 C CA  . VAL A 1 77 ? -11.51243 8.28946   -3.44293  1.000 51.39475  ? 3596 VAL A CA  1 
ATOM   562 C C   . VAL A 1 77 ? -12.79073 8.80804   -4.07791  1.000 56.29466  ? 3596 VAL A C   1 
ATOM   563 O O   . VAL A 1 77 ? -13.07933 8.52922   -5.24788  1.000 61.19185  ? 3596 VAL A O   1 
ATOM   564 C CB  . VAL A 1 77 ? -10.27989 9.02573   -3.98489  1.000 51.55191  ? 3596 VAL A CB  1 
ATOM   565 C CG1 . VAL A 1 77 ? -10.57465 10.50391  -4.10772  1.000 51.46561  ? 3596 VAL A CG1 1 
ATOM   566 C CG2 . VAL A 1 77 ? -9.09958  8.80597   -3.05945  1.000 46.13052  ? 3596 VAL A CG2 1 
ATOM   567 N N   . THR A 1 78 ? -13.56184 9.56659   -3.30328  1.000 62.68298  ? 3597 THR A N   1 
ATOM   568 C CA  . THR A 1 78 ? -14.85886 10.10244  -3.72294  1.000 71.65000  ? 3597 THR A CA  1 
ATOM   569 C C   . THR A 1 78 ? -14.82313 10.92721  -5.02471  1.000 82.65591  ? 3597 THR A C   1 
ATOM   570 O O   . THR A 1 78 ? -14.24433 12.01462  -5.08514  1.000 83.27530  ? 3597 THR A O   1 
ATOM   571 C CB  . THR A 1 78 ? -15.45044 10.97013  -2.59429  1.000 87.64364  ? 3597 THR A CB  1 
ATOM   572 O OG1 . THR A 1 78 ? -14.56698 12.07334  -2.32005  1.000 79.67955  ? 3597 THR A OG1 1 
ATOM   573 C CG2 . THR A 1 78 ? -15.64245 10.11706  -1.32022  1.000 61.40859  ? 3597 THR A CG2 1 
HETATM 574 S S   . SO4 B 2 .  ? -0.85493  -16.44264 -7.94689  0.509 140.31279 ? 3701 SO4 A S   1 
HETATM 575 O O1  . SO4 B 2 .  ? -1.86759  -15.54416 -7.39744  0.509 109.55203 ? 3701 SO4 A O1  1 
HETATM 576 O O2  . SO4 B 2 .  ? -1.14931  -16.68260 -9.35818  0.509 108.81399 ? 3701 SO4 A O2  1 
HETATM 577 O O3  . SO4 B 2 .  ? -0.87039  -17.70663 -7.21219  0.509 112.87838 ? 3701 SO4 A O3  1 
HETATM 578 O O4  . SO4 B 2 .  ? 0.46797   -15.83395 -7.81786  0.509 112.97192 ? 3701 SO4 A O4  1 
HETATM 579 O O   . HOH C 3 .  ? 7.49885   -14.21030 -10.15317 1.000 82.12092  ? 3801 HOH A O   1 
HETATM 580 O O   . HOH C 3 .  ? -8.49746  10.50024  3.77271   1.000 57.52428  ? 3802 HOH A O   1 
HETATM 581 O O   . HOH C 3 .  ? -7.46624  -7.23171  -1.81765  1.000 44.10350  ? 3803 HOH A O   1 
HETATM 582 O O   . HOH C 3 .  ? -0.16580  -13.46507 -8.52145  1.000 112.36671 ? 3804 HOH A O   1 
HETATM 583 O O   . HOH C 3 .  ? -6.95420  11.09324  -5.73040  1.000 49.46943  ? 3805 HOH A O   1 
HETATM 584 O O   . HOH C 3 .  ? -13.86372 7.88493   -0.14465  1.000 45.87075  ? 3806 HOH A O   1 
HETATM 585 O O   . HOH C 3 .  ? -4.90190  0.61934   -10.00583 1.000 52.21996  ? 3807 HOH A O   1 
HETATM 586 O O   . HOH C 3 .  ? -8.38398  4.50230   10.63811  1.000 50.22193  ? 3808 HOH A O   1 
HETATM 587 O O   . HOH C 3 .  ? -3.03856  -9.25177  -12.49093 1.000 50.97959  ? 3809 HOH A O   1 
HETATM 588 O O   . HOH C 3 .  ? 0.86834   -2.38290  -9.69156  1.000 51.97615  ? 3810 HOH A O   1 
HETATM 589 O O   . HOH C 3 .  ? -6.01194  9.11821   5.81421   1.000 49.86794  ? 3811 HOH A O   1 
HETATM 590 O O   . HOH C 3 .  ? -8.88826  -5.18773  -3.31506  1.000 39.19386  ? 3812 HOH A O   1 
HETATM 591 O O   . HOH C 3 .  ? 5.80414   1.84789   -8.49252  1.000 59.00087  ? 3813 HOH A O   1 
HETATM 592 O O   . HOH C 3 .  ? -3.33802  -10.78355 -5.58874  1.000 56.23547  ? 3814 HOH A O   1 
HETATM 593 O O   . HOH C 3 .  ? 0.35796   8.04445   -6.19190  1.000 49.69047  ? 3815 HOH A O   1 
HETATM 594 O O   . HOH C 3 .  ? -10.02803 -2.51587  -6.59894  1.000 44.91769  ? 3816 HOH A O   1 
HETATM 595 O O   . HOH C 3 .  ? -15.05027 -0.44740  -0.39681  0.33  42.78226  ? 3817 HOH A O   1 
HETATM 596 O O   . HOH C 3 .  ? -7.03133  6.63178   12.37877  1.000 60.95573  ? 3818 HOH A O   1 
HETATM 597 O O   . HOH C 3 .  ? -10.42395 4.96085   -7.13867  1.000 50.68364  ? 3819 HOH A O   1 
HETATM 598 O O   . HOH C 3 .  ? 2.89716   -6.30392  -8.42754  1.000 59.78224  ? 3820 HOH A O   1 
HETATM 599 O O   . HOH C 3 .  ? -5.14842  7.31332   1.34034   1.000 37.47333  ? 3821 HOH A O   1 
HETATM 600 O O   . HOH C 3 .  ? -1.97807  -7.50153  6.74399   1.000 46.22524  ? 3822 HOH A O   1 
HETATM 601 O O   . HOH C 3 .  ? -12.06005 10.69633  -0.84732  1.000 61.91875  ? 3823 HOH A O   1 
HETATM 602 O O   . HOH C 3 .  ? 9.65075   7.45783   0.25037   1.000 52.83577  ? 3824 HOH A O   1 
HETATM 603 O O   . HOH C 3 .  ? 1.19146   -13.55711 -10.05524 1.000 78.50398  ? 3825 HOH A O   1 
HETATM 604 O O   . HOH C 3 .  ? 1.78917   -17.75093 -6.19580  0.50  99.86900  ? 3826 HOH A O   1 
HETATM 605 O O   . HOH C 3 .  ? 5.37535   -11.37222 -4.37955  1.000 77.44841  ? 3827 HOH A O   1 
HETATM 606 O O   . HOH C 3 .  ? 5.30822   -4.76118  -14.24975 1.000 61.35514  ? 3828 HOH A O   1 
HETATM 607 O O   . HOH C 3 .  ? 6.98937   -8.38344  -2.67584  1.000 66.89981  ? 3829 HOH A O   1 
HETATM 608 O O   . HOH C 3 .  ? -4.60699  -8.08970  8.16504   1.000 57.91390  ? 3830 HOH A O   1 
HETATM 609 O O   . HOH C 3 .  ? -13.40421 -4.47429  4.27500   0.33  45.38982  ? 3831 HOH A O   1 
HETATM 610 O O   . HOH C 3 .  ? 5.08851   -2.66265  -7.60330  1.000 59.14993  ? 3832 HOH A O   1 
HETATM 611 O O   . HOH C 3 .  ? -7.62368  -9.30919  1.13487   1.000 53.03712  ? 3833 HOH A O   1 
HETATM 612 O O   . HOH C 3 .  ? -4.03353  8.62514   8.69485   1.000 52.08526  ? 3834 HOH A O   1 
HETATM 613 O O   . HOH C 3 .  ? -4.49891  6.82202   11.29363  1.000 47.45795  ? 3835 HOH A O   1 
HETATM 614 O O   . HOH C 3 .  ? -6.18285  9.76514   2.32516   1.000 48.35679  ? 3836 HOH A O   1 
HETATM 615 O O   . HOH C 3 .  ? -13.94052 -3.21156  0.33792   1.000 43.01313  ? 3837 HOH A O   1 
HETATM 616 O O   . HOH C 3 .  ? 2.58393   7.33293   10.32033  1.000 51.81325  ? 3838 HOH A O   1 
HETATM 617 O O   . HOH C 3 .  ? -10.74123 3.47957   4.14992   1.000 46.35278  ? 3839 HOH A O   1 
HETATM 618 O O   . HOH C 3 .  ? 13.24920  -0.52583  1.65506   1.000 69.96997  ? 3840 HOH A O   1 
HETATM 619 O O   . HOH C 3 .  ? -6.78768  2.94818   -9.22108  1.000 49.02969  ? 3841 HOH A O   1 
HETATM 620 O O   . HOH C 3 .  ? 7.02495   -9.09071  2.23685   1.000 58.48312  ? 3842 HOH A O   1 
HETATM 621 O O   . HOH C 3 .  ? 6.06314   -0.89725  -9.68071  1.000 63.27622  ? 3843 HOH A O   1 
HETATM 622 O O   . HOH C 3 .  ? -9.76124  -2.30626  10.20923  1.000 65.51114  ? 3844 HOH A O   1 
HETATM 623 O O   . HOH C 3 .  ? -2.77181  6.94793   13.33430  1.000 58.42204  ? 3845 HOH A O   1 
HETATM 624 O O   . HOH C 3 .  ? 9.91906   6.81451   11.17283  1.000 58.99054  ? 3846 HOH A O   1 
HETATM 625 O O   . HOH C 3 .  ? 3.41392   12.25596  0.36751   1.000 60.32495  ? 3847 HOH A O   1 
HETATM 626 O O   . HOH C 3 .  ? -2.71641  -12.01857 -11.51521 1.000 70.46411  ? 3848 HOH A O   1 
HETATM 627 O O   . HOH C 3 .  ? -8.63441  1.89769   11.72321  1.000 44.76675  ? 3849 HOH A O   1 
HETATM 628 O O   . HOH C 3 .  ? 3.13913   -3.81362  -9.18519  1.000 62.81780  ? 3850 HOH A O   1 
HETATM 629 O O   . HOH C 3 .  ? -0.94716  3.18813   -9.39856  1.000 61.86523  ? 3851 HOH A O   1 
HETATM 630 O O   . HOH C 3 .  ? -4.88238  -12.34639 -10.75657 1.000 80.79458  ? 3852 HOH A O   1 
HETATM 631 O O   . HOH C 3 .  ? 4.35936   -2.92957  -12.24529 1.000 66.56477  ? 3853 HOH A O   1 
HETATM 632 O O   . HOH C 3 .  ? -3.39733  2.74220   -10.15680 1.000 53.85304  ? 3854 HOH A O   1 
HETATM 633 O O   . HOH C 3 .  ? -0.39961  -9.18337  8.64041   1.000 65.52629  ? 3855 HOH A O   1 
HETATM 634 O O   . HOH C 3 .  ? -7.26948  19.71848  -4.59098  1.000 71.37080  ? 3856 HOH A O   1 
# 
loop_
_atom_site_anisotrop.id 
_atom_site_anisotrop.type_symbol 
_atom_site_anisotrop.pdbx_label_atom_id 
_atom_site_anisotrop.pdbx_label_alt_id 
_atom_site_anisotrop.pdbx_label_comp_id 
_atom_site_anisotrop.pdbx_label_asym_id 
_atom_site_anisotrop.pdbx_label_seq_id 
_atom_site_anisotrop.pdbx_PDB_ins_code 
_atom_site_anisotrop.U[1][1] 
_atom_site_anisotrop.U[2][2] 
_atom_site_anisotrop.U[3][3] 
_atom_site_anisotrop.U[1][2] 
_atom_site_anisotrop.U[1][3] 
_atom_site_anisotrop.U[2][3] 
_atom_site_anisotrop.pdbx_auth_seq_id 
_atom_site_anisotrop.pdbx_auth_comp_id 
_atom_site_anisotrop.pdbx_auth_asym_id 
_atom_site_anisotrop.pdbx_auth_atom_id 
1   N N   . VAL A 2  ? 0.89539 0.91352 1.30068 0.22471  -0.00604 -0.40482 3521 VAL A N   
2   C CA  . VAL A 2  ? 0.96375 0.98889 1.32901 0.19811  -0.00810 -0.35866 3521 VAL A CA  
3   C C   . VAL A 2  ? 0.95221 0.94354 1.25619 0.16399  -0.00485 -0.34509 3521 VAL A C   
4   O O   . VAL A 2  ? 0.87296 0.87959 1.15719 0.15242  0.01339  -0.37820 3521 VAL A O   
5   C CB  . VAL A 2  ? 0.92147 1.03347 1.28886 0.18758  0.01556  -0.35834 3521 VAL A CB  
6   C CG1 . VAL A 2  ? 0.77889 0.89643 1.09206 0.15211  0.01877  -0.31403 3521 VAL A CG1 
7   C CG2 . VAL A 2  ? 0.86234 1.00456 1.28958 0.21664  0.00410  -0.35736 3521 VAL A CG2 
8   N N   . ARG A 3  ? 0.88165 0.83301 1.15673 0.14752  -0.02271 -0.29782 3522 ARG A N   
9   C CA  . ARG A 3  ? 0.91039 0.82251 1.13960 0.11933  -0.02619 -0.28347 3522 ARG A CA  
10  C C   . ARG A 3  ? 0.77915 0.73964 0.96496 0.08957  -0.00725 -0.27043 3522 ARG A C   
11  O O   . ARG A 3  ? 0.72955 0.71404 0.90542 0.08142  -0.00631 -0.23835 3522 ARG A O   
12  C CB  . ARG A 3  ? 0.88604 0.73868 1.10683 0.11422  -0.05226 -0.24025 3522 ARG A CB  
13  C CG  . ARG A 3  ? 0.99720 0.82944 1.17223 0.08024  -0.05286 -0.21814 3522 ARG A CG  
14  C CD  . ARG A 3  ? 0.96029 0.73975 1.12680 0.07198  -0.07532 -0.17737 3522 ARG A CD  
15  N NE  . ARG A 3  ? 1.08324 0.80019 1.27915 0.09202  -0.09640 -0.18401 3522 ARG A NE  
16  C CZ  . ARG A 3  ? 1.08348 0.74859 1.27756 0.08990  -0.11980 -0.14797 3522 ARG A CZ  
17  N NH1 . ARG A 3  ? 1.10869 0.71106 1.33168 0.10998  -0.14158 -0.15307 3522 ARG A NH1 
18  N NH2 . ARG A 3  ? 1.05861 0.73440 1.22167 0.06755  -0.12158 -0.10712 3522 ARG A NH2 
19  N N   . GLU A 4  ? 0.75716 0.72851 0.91674 0.07331  0.00539  -0.29521 3523 GLU A N   
20  C CA  . GLU A 4  ? 0.73909 0.75229 0.85662 0.04593  0.01918  -0.28148 3523 GLU A CA  
21  C C   . GLU A 4  ? 0.70862 0.69692 0.80074 0.02692  0.00555  -0.23793 3523 GLU A C   
22  O O   . GLU A 4  ? 0.69400 0.63194 0.78692 0.02402  -0.01097 -0.22861 3523 GLU A O   
23  C CB  . GLU A 4  ? 0.69132 0.71935 0.78332 0.03195  0.03084  -0.31743 3523 GLU A CB  
24  C CG  . GLU A 4  ? 0.69399 0.77255 0.79963 0.04298  0.05359  -0.36131 3523 GLU A CG  
25  C CD  . GLU A 4  ? 0.70175 0.84142 0.80813 0.03962  0.07019  -0.34434 3523 GLU A CD  
26  O OE1 . GLU A 4  ? 0.73230 0.89842 0.87955 0.06068  0.07874  -0.36201 3523 GLU A OE1 
27  O OE2 . GLU A 4  ? 0.67333 0.83392 0.74269 0.01579  0.07337  -0.31323 3523 GLU A OE2 
28  N N   . PRO A 5  ? 0.64200 0.66537 0.71304 0.01292  0.01275  -0.21184 3524 PRO A N   
29  C CA  . PRO A 5  ? 0.63577 0.64443 0.68596 -0.00382 0.00257  -0.17696 3524 PRO A CA  
30  C C   . PRO A 5  ? 0.62919 0.62694 0.65598 -0.02265 -0.00214 -0.18561 3524 PRO A C   
31  O O   . PRO A 5  ? 0.60600 0.62293 0.61847 -0.02903 0.00594  -0.21364 3524 PRO A O   
32  C CB  . PRO A 5  ? 0.55858 0.60912 0.59520 -0.01166 0.01292  -0.15642 3524 PRO A CB  
33  C CG  . PRO A 5  ? 0.62104 0.71087 0.65255 -0.01235 0.02993  -0.18257 3524 PRO A CG  
34  C CD  . PRO A 5  ? 0.59224 0.67144 0.65457 0.00802  0.03180  -0.21695 3524 PRO A CD  
35  N N   . ALA A 6  ? 0.60298 0.57386 0.62565 -0.03371 -0.01513 -0.16299 3525 ALA A N   
36  C CA  . ALA A 6  ? 0.61726 0.57992 0.62310 -0.05429 -0.02205 -0.17010 3525 ALA A CA  
37  C C   . ALA A 6  ? 0.56882 0.56255 0.55762 -0.07115 -0.02409 -0.14343 3525 ALA A C   
38  O O   . ALA A 6  ? 0.61838 0.61793 0.59460 -0.08965 -0.03089 -0.14814 3525 ALA A O   
39  C CB  . ALA A 6  ? 0.61026 0.51685 0.62917 -0.05809 -0.03636 -0.16988 3525 ALA A CB  
40  N N   . THR A 7  ? 0.55635 0.57027 0.54795 -0.06455 -0.01979 -0.11761 3526 THR A N   
41  C CA  . THR A 7  ? 0.54616 0.58988 0.52843 -0.07448 -0.02191 -0.09431 3526 THR A CA  
42  C C   . THR A 7  ? 0.54468 0.61530 0.52203 -0.06599 -0.01256 -0.08393 3526 THR A C   
43  O O   . THR A 7  ? 0.49879 0.56641 0.48417 -0.05398 -0.00407 -0.09073 3526 THR A O   
44  C CB  . THR A 7  ? 0.53725 0.57113 0.53272 -0.07745 -0.02770 -0.07044 3526 THR A CB  
45  O OG1 . THR A 7  ? 0.50801 0.53123 0.51442 -0.06292 -0.02303 -0.05933 3526 THR A OG1 
46  C CG2 . THR A 7  ? 0.58403 0.58759 0.58403 -0.09049 -0.03645 -0.07614 3526 THR A CG2 
47  N N   . GLU A 8  ? 0.49445 0.59138 0.46134 -0.07304 -0.01588 -0.06642 3527 GLU A N   
48  C CA  . GLU A 8  ? 0.54041 0.65504 0.50249 -0.06813 -0.00987 -0.05046 3527 GLU A CA  
49  C C   . GLU A 8  ? 0.51701 0.61693 0.49934 -0.05531 -0.00483 -0.03992 3527 GLU A C   
50  O O   . GLU A 8  ? 0.52377 0.62830 0.50718 -0.05068 0.00394  -0.04002 3527 GLU A O   
51  C CB  . GLU A 8  ? 0.55999 0.69635 0.51410 -0.07475 -0.02003 -0.02933 3527 GLU A CB  
52  C CG  . GLU A 8  ? 0.78989 0.93967 0.73170 -0.07447 -0.01748 -0.01161 3527 GLU A CG  
53  C CD  . GLU A 8  ? 0.68704 0.85778 0.59593 -0.08751 -0.01344 -0.02091 3527 GLU A CD  
54  O OE1 . GLU A 8  ? 0.64823 0.83122 0.54025 -0.09807 -0.01893 -0.03692 3527 GLU A OE1 
55  O OE2 . GLU A 8  ? 0.74708 0.92417 0.64560 -0.08977 -0.00402 -0.01298 3527 GLU A OE2 
56  N N   . ALA A 9  ? 0.51277 0.59862 0.51001 -0.05230 -0.00983 -0.03201 3528 ALA A N   
57  C CA  . ALA A 9  ? 0.45170 0.52657 0.46291 -0.04234 -0.00612 -0.02435 3528 ALA A CA  
58  C C   . ALA A 9  ? 0.48717 0.54781 0.50469 -0.03453 -0.00255 -0.03804 3528 ALA A C   
59  O O   . ALA A 9  ? 0.54050 0.60530 0.56553 -0.02781 0.00252  -0.03656 3528 ALA A O   
60  C CB  . ALA A 9  ? 0.46567 0.53473 0.48589 -0.04419 -0.01050 -0.01502 3528 ALA A CB  
61  N N   . GLU A 10 ? 0.47001 0.51359 0.48833 -0.03492 -0.00665 -0.05233 3529 GLU A N   
62  C CA  . GLU A 10 ? 0.51283 0.54447 0.54388 -0.02292 -0.00557 -0.06769 3529 GLU A CA  
63  C C   . GLU A 10 ? 0.49462 0.55341 0.52676 -0.01942 0.00617  -0.08087 3529 GLU A C   
64  O O   . GLU A 10 ? 0.51284 0.57920 0.56144 -0.00958 0.00976  -0.08414 3529 GLU A O   
65  C CB  . GLU A 10 ? 0.52216 0.52583 0.55578 -0.02305 -0.01287 -0.08380 3529 GLU A CB  
66  C CG  . GLU A 10 ? 0.52085 0.49383 0.55512 -0.02907 -0.02442 -0.06798 3529 GLU A CG  
67  C CD  . GLU A 10 ? 0.58300 0.51754 0.62138 -0.03122 -0.03382 -0.08172 3529 GLU A CD  
68  O OE1 . GLU A 10 ? 0.64794 0.55673 0.68317 -0.04253 -0.04298 -0.06603 3529 GLU A OE1 
69  O OE2 . GLU A 10 ? 0.57112 0.50046 0.61634 -0.02285 -0.03153 -0.10888 3529 GLU A OE2 
70  N N   . ALA A 11 ? 0.53047 0.60902 0.54409 -0.02997 0.01197  -0.08744 3530 ALA A N   
71  C CA  . ALA A 11 ? 0.52313 0.63228 0.53227 -0.03187 0.02558  -0.09953 3530 ALA A CA  
72  C C   . ALA A 11 ? 0.50615 0.62968 0.51847 -0.03428 0.03094  -0.07974 3530 ALA A C   
73  O O   . ALA A 11 ? 0.50857 0.65204 0.53318 -0.03210 0.04126  -0.08845 3530 ALA A O   
74  C CB  . ALA A 11 ? 0.44553 0.57424 0.42536 -0.04676 0.02885  -0.10685 3530 ALA A CB  
75  N N   . ALA A 12 ? 0.44834 0.56282 0.45367 -0.03889 0.02405  -0.05524 3531 ALA A N   
76  C CA  . ALA A 12 ? 0.47757 0.59617 0.48797 -0.04110 0.02746  -0.03848 3531 ALA A CA  
77  C C   . ALA A 12 ? 0.48436 0.59645 0.51914 -0.03086 0.02747  -0.04371 3531 ALA A C   
78  O O   . ALA A 12 ? 0.48206 0.60875 0.52680 -0.03386 0.03476  -0.04475 3531 ALA A O   
79  C CB  . ALA A 12 ? 0.49707 0.60423 0.50153 -0.04327 0.01878  -0.01608 3531 ALA A CB  
80  N N   . LEU A 13 ? 0.45829 0.55098 0.50182 -0.02127 0.01830  -0.04614 3532 LEU A N   
81  C CA  . LEU A 13 ? 0.46922 0.55723 0.53108 -0.01244 0.01417  -0.04753 3532 LEU A CA  
82  C C   . LEU A 13 ? 0.52288 0.62664 0.60491 -0.00370 0.01727  -0.06649 3532 LEU A C   
83  O O   . LEU A 13 ? 0.51048 0.62843 0.61073 -0.00046 0.01735  -0.06849 3532 LEU A O   
84  C CB  . LEU A 13 ? 0.47226 0.53643 0.53189 -0.00797 0.00270  -0.04029 3532 LEU A CB  
85  C CG  . LEU A 13 ? 0.42628 0.48525 0.47573 -0.01404 0.00166  -0.02523 3532 LEU A CG  
86  C CD1 . LEU A 13 ? 0.48716 0.53053 0.53127 -0.01468 -0.00625 -0.01870 3532 LEU A CD1 
87  C CD2 . LEU A 13 ? 0.46573 0.53149 0.52112 -0.01445 0.00472  -0.02195 3532 LEU A CD2 
88  N N   . CYS A 14 ? 0.44514 0.54957 0.52773 0.00070  0.01949  -0.08353 3533 CYS A N   
89  C CA  . CYS A 14 ? 0.49620 0.62303 0.60374 0.01151  0.02542  -0.10711 3533 CYS A CA  
90  C C   . CYS A 14 ? 0.50884 0.67626 0.62194 0.00118  0.04077  -0.10954 3533 CYS A C   
91  O O   . CYS A 14 ? 0.56249 0.75395 0.70478 0.00785  0.04244  -0.11822 3533 CYS A O   
92  C CB  . CYS A 14 ? 0.51054 0.63473 0.61413 0.01512  0.02960  -0.13068 3533 CYS A CB  
93  S SG  . CYS A 14 ? 0.65095 0.72442 0.76031 0.02808  0.01110  -0.13509 3533 CYS A SG  
94  N N   . ALA A 15 ? 0.45645 0.63341 0.54232 -0.01691 0.05074  -0.10021 3534 ALA A N   
95  C CA  . ALA A 15 ? 0.49748 0.70934 0.58343 -0.03247 0.06571  -0.09809 3534 ALA A CA  
96  C C   . ALA A 15 ? 0.51279 0.72140 0.61423 -0.03606 0.06117  -0.08322 3534 ALA A C   
97  O O   . ALA A 15 ? 0.50307 0.74392 0.62607 -0.04210 0.06993  -0.09054 3534 ALA A O   
98  C CB  . ALA A 15 ? 0.44136 0.65562 0.48937 -0.05224 0.07203  -0.08314 3534 ALA A CB  
99  N N   . VAL A 16 ? 0.49640 0.67013 0.58905 -0.03342 0.04813  -0.06557 3535 VAL A N   
100 C CA  . VAL A 16 ? 0.48318 0.65095 0.58673 -0.03797 0.04366  -0.05566 3535 VAL A CA  
101 C C   . VAL A 16 ? 0.47958 0.66052 0.61290 -0.02527 0.03589  -0.06883 3535 VAL A C   
102 O O   . VAL A 16 ? 0.49542 0.69568 0.64721 -0.03268 0.03712  -0.07110 3535 VAL A O   
103 C CB  . VAL A 16 ? 0.52103 0.65329 0.60754 -0.03739 0.03424  -0.03860 3535 VAL A CB  
104 C CG1 . VAL A 16 ? 0.51621 0.64059 0.61402 -0.03952 0.02886  -0.03614 3535 VAL A CG1 
105 C CG2 . VAL A 16 ? 0.47098 0.59462 0.53586 -0.04934 0.03866  -0.02258 3535 VAL A CG2 
106 N N   . TYR A 17 ? 0.46752 0.63748 0.60680 -0.00721 0.02556  -0.07627 3536 TYR A N   
107 C CA  . TYR A 17 ? 0.45919 0.64286 0.62875 0.00774  0.01441  -0.08650 3536 TYR A CA  
108 C C   . TYR A 17 ? 0.48998 0.72186 0.69220 0.00751  0.02548  -0.10521 3536 TYR A C   
109 O O   . TYR A 17 ? 0.46338 0.72161 0.69269 0.00778  0.02021  -0.10923 3536 TYR A O   
110 C CB  . TYR A 17 ? 0.43913 0.59906 0.61138 0.02688  0.00180  -0.09062 3536 TYR A CB  
111 C CG  . TYR A 17 ? 0.48021 0.60291 0.63316 0.02944  -0.01457 -0.07282 3536 TYR A CG  
112 C CD1 . TYR A 17 ? 0.47260 0.57747 0.59652 0.01591  -0.01155 -0.05768 3536 TYR A CD1 
113 C CD2 . TYR A 17 ? 0.51777 0.62392 0.68233 0.04549  -0.03310 -0.07083 3536 TYR A CD2 
114 C CE1 . TYR A 17 ? 0.52669 0.60619 0.63283 0.01573  -0.02284 -0.04371 3536 TYR A CE1 
115 C CE2 . TYR A 17 ? 0.51408 0.58842 0.65563 0.04305  -0.04676 -0.05163 3536 TYR A CE2 
116 C CZ  . TYR A 17 ? 0.55437 0.61919 0.66615 0.02688  -0.03963 -0.03952 3536 TYR A CZ  
117 O OH  . TYR A 17 ? 0.49676 0.53866 0.58568 0.02177  -0.04961 -0.02250 3536 TYR A OH  
118 N N   . ALA A 18 ? 0.42956 0.67919 0.63052 0.00615  0.04109  -0.11920 3537 ALA A N   
119 C CA  . ALA A 18 ? 0.49314 0.79787 0.72672 0.00529  0.05581  -0.14106 3537 ALA A CA  
120 C C   . ALA A 18 ? 0.47445 0.80743 0.71038 -0.02059 0.06661  -0.13175 3537 ALA A C   
121 O O   . ALA A 18 ? 0.43486 0.81231 0.70896 -0.02164 0.06902  -0.14371 3537 ALA A O   
122 C CB  . ALA A 18 ? 0.48480 0.80469 0.70694 0.00434  0.07347  -0.15945 3537 ALA A CB  
123 N N   . GLU A 19 ? 0.43344 0.73969 0.63222 -0.04171 0.07110  -0.10981 3538 GLU A N   
124 C CA  . GLU A 19 ? 0.46148 0.78265 0.66069 -0.06878 0.07986  -0.09840 3538 GLU A CA  
125 C C   . GLU A 19 ? 0.51388 0.82955 0.73463 -0.06812 0.06481  -0.09588 3538 GLU A C   
126 O O   . GLU A 19 ? 0.50107 0.85253 0.74806 -0.08367 0.06991  -0.10148 3538 GLU A O   
127 C CB  . GLU A 19 ? 0.51730 0.80167 0.67385 -0.08703 0.08332  -0.07339 3538 GLU A CB  
128 C CG  . GLU A 19 ? 0.75909 1.04090 0.91382 -0.11556 0.08840  -0.05685 3538 GLU A CG  
129 C CD  . GLU A 19 ? 1.12190 1.34792 1.24482 -0.12185 0.07991  -0.03076 3538 GLU A CD  
130 O OE1 . GLU A 19 ? 1.17257 1.37811 1.29864 -0.13836 0.07721  -0.01899 3538 GLU A OE1 
131 O OE2 . GLU A 19 ? 1.12333 1.32641 1.22195 -0.10979 0.07498  -0.02372 3538 GLU A OE2 
132 N N   . VAL A 20 ? 0.44616 0.72183 0.65523 -0.05288 0.04660  -0.08874 3539 VAL A N   
133 C CA  . VAL A 20 ? 0.46785 0.73753 0.68772 -0.05469 0.03188  -0.08719 3539 VAL A CA  
134 C C   . VAL A 20 ? 0.45851 0.77066 0.71914 -0.04114 0.02146  -0.10360 3539 VAL A C   
135 O O   . VAL A 20 ? 0.43354 0.77098 0.71637 -0.05225 0.01579  -0.10856 3539 VAL A O   
136 C CB  . VAL A 20 ? 0.44189 0.66342 0.63309 -0.04440 0.01822  -0.07578 3539 VAL A CB  
137 C CG1 . VAL A 20 ? 0.47829 0.70234 0.67829 -0.04069 0.00071  -0.07938 3539 VAL A CG1 
138 C CG2 . VAL A 20 ? 0.50163 0.68810 0.66542 -0.05879 0.02527  -0.06149 3539 VAL A CG2 
139 N N   . LEU A 21 ? 0.42429 0.74391 0.69809 -0.01650 0.01655  -0.11282 3540 LEU A N   
140 C CA  . LEU A 21 ? 0.42873 0.78589 0.74660 0.00273  0.00248  -0.12705 3540 LEU A CA  
141 C C   . LEU A 21 ? 0.43210 0.85459 0.79407 -0.00101 0.01892  -0.14825 3540 LEU A C   
142 O O   . LEU A 21 ? 0.37536 0.83992 0.78450 0.01589  0.00746  -0.16265 3540 LEU A O   
143 C CB  . LEU A 21 ? 0.45585 0.78558 0.77333 0.03268  -0.01249 -0.12742 3540 LEU A CB  
144 C CG  . LEU A 21 ? 0.46177 0.73697 0.74105 0.03609  -0.03045 -0.10641 3540 LEU A CG  
145 C CD1 . LEU A 21 ? 0.47117 0.71172 0.74372 0.05719  -0.03834 -0.10483 3540 LEU A CD1 
146 C CD2 . LEU A 21 ? 0.51873 0.80458 0.80740 0.03827  -0.05400 -0.10001 3540 LEU A CD2 
147 N N   . GLY A 22 ? 0.40832 0.84459 0.75713 -0.02324 0.04482  -0.14976 3541 GLY A N   
148 C CA  . GLY A 22 ? 0.37974 0.88583 0.76743 -0.03153 0.06486  -0.17059 3541 GLY A CA  
149 C C   . GLY A 22 ? 0.41636 0.94960 0.82956 -0.00446 0.07241  -0.19613 3541 GLY A C   
150 O O   . GLY A 22 ? 0.45554 1.05722 0.91720 -0.00100 0.08433  -0.22059 3541 GLY A O   
151 N N   . LEU A 23 ? 0.44561 0.92871 0.83046 0.01425  0.06637  -0.19384 3542 LEU A N   
152 C CA  . LEU A 23 ? 0.47212 0.96789 0.87863 0.04106  0.07158  -0.22105 3542 LEU A CA  
153 C C   . LEU A 23 ? 0.56703 1.06891 0.93801 0.02355  0.09922  -0.22928 3542 LEU A C   
154 O O   . LEU A 23 ? 0.56603 1.04543 0.88916 -0.00472 0.10745  -0.20616 3542 LEU A O   
155 C CB  . LEU A 23 ? 0.45292 0.88626 0.85172 0.07028  0.04478  -0.21393 3542 LEU A CB  
156 C CG  . LEU A 23 ? 0.50113 0.92944 0.92928 0.08766  0.01435  -0.20303 3542 LEU A CG  
157 C CD1 . LEU A 23 ? 0.38196 0.74037 0.78652 0.10602  -0.01160 -0.18516 3542 LEU A CD1 
158 C CD2 . LEU A 23 ? 0.36686 0.85891 0.86708 0.11186  0.01069  -0.23073 3542 LEU A CD2 
159 N N   . ASP A 24 ? 0.60608 1.14095 1.00220 0.04134  0.11258  -0.26399 3543 ASP A N   
160 C CA  . ASP A 24 ? 0.62826 1.17548 0.98790 0.02506  0.13853  -0.27705 3543 ASP A CA  
161 C C   . ASP A 24 ? 0.62806 1.10296 0.93508 0.02681  0.12699  -0.26214 3543 ASP A C   
162 O O   . ASP A 24 ? 0.59832 1.05980 0.85311 0.00024  0.13655  -0.24413 3543 ASP A O   
163 C CB  . ASP A 24 ? 0.65039 1.24676 1.04830 0.04471  0.15388  -0.32180 3543 ASP A CB  
164 C CG  . ASP A 24 ? 1.04886 1.70458 1.48394 0.03733  0.16147  -0.32856 3543 ASP A CG  
165 O OD1 . ASP A 24 ? 1.12406 1.79737 1.55783 0.01217  0.16265  -0.30463 3543 ASP A OD1 
166 O OD2 . ASP A 24 ? 1.08588 1.76983 1.55306 0.05597  0.16588  -0.35876 3543 ASP A OD2 
167 N N   . LYS A 25 ? 0.61674 1.04597 0.93875 0.05704  0.10503  -0.26824 3544 LYS A N   
168 C CA  . LYS A 25 ? 0.65825 1.02297 0.93810 0.05816  0.09358  -0.25738 3544 LYS A CA  
169 C C   . LYS A 25 ? 0.63839 0.95103 0.93828 0.08391  0.06339  -0.24629 3544 LYS A C   
170 O O   . LYS A 25 ? 0.63451 0.96298 0.98440 0.10826  0.05231  -0.25813 3544 LYS A O   
171 C CB  . LYS A 25 ? 0.64534 1.01933 0.91525 0.06216  0.10938  -0.29294 3544 LYS A CB  
172 C CG  . LYS A 25 ? 0.69992 1.01783 0.92198 0.05466  0.10069  -0.28376 3544 LYS A CG  
173 C CD  . LYS A 25 ? 0.67154 1.01031 0.88148 0.05356  0.11905  -0.32440 3544 LYS A CD  
174 C CE  . LYS A 25 ? 0.61619 0.89864 0.78902 0.04938  0.10630  -0.32236 3544 LYS A CE  
175 N NZ  . LYS A 25 ? 0.70975 1.02026 0.85785 0.03919  0.12583  -0.36007 3544 LYS A NZ  
176 N N   . VAL A 26 ? 0.59255 0.84677 0.85351 0.07719  0.04951  -0.22204 3545 VAL A N   
177 C CA  . VAL A 26 ? 0.54251 0.74525 0.80836 0.09190  0.02185  -0.20194 3545 VAL A CA  
178 C C   . VAL A 26 ? 0.67582 0.82372 0.91241 0.09077  0.01459  -0.20045 3545 VAL A C   
179 O O   . VAL A 26 ? 0.60764 0.75363 0.80689 0.07055  0.02645  -0.19832 3545 VAL A O   
180 C CB  . VAL A 26 ? 0.60007 0.79829 0.84746 0.07596  0.01390  -0.16767 3545 VAL A CB  
181 C CG1 . VAL A 26 ? 0.56994 0.71238 0.79313 0.07636  -0.00664 -0.14197 3545 VAL A CG1 
182 C CG2 . VAL A 26 ? 0.55502 0.79393 0.84255 0.08414  0.00890  -0.17031 3545 VAL A CG2 
183 N N   . GLY A 27 ? 0.65875 0.76230 0.91374 0.11141  -0.00663 -0.20098 3546 GLY A N   
184 C CA  . GLY A 27 ? 0.67975 0.72912 0.91180 0.10773  -0.01449 -0.20101 3546 GLY A CA  
185 C C   . GLY A 27 ? 0.66639 0.68064 0.85997 0.08778  -0.02533 -0.16324 3546 GLY A C   
186 O O   . GLY A 27 ? 0.64127 0.66156 0.82897 0.08284  -0.03205 -0.13686 3546 GLY A O   
187 N N   . ALA A 28 ? 0.66591 0.64650 0.83409 0.07501  -0.02646 -0.16372 3547 ALA A N   
188 C CA  . ALA A 28 ? 0.67448 0.62883 0.81149 0.05565  -0.03489 -0.13119 3547 ALA A CA  
189 C C   . ALA A 28 ? 0.63270 0.54705 0.77590 0.06257  -0.05718 -0.10634 3547 ALA A C   
190 O O   . ALA A 28 ? 0.65924 0.56291 0.77790 0.04611  -0.06181 -0.07854 3547 ALA A O   
191 C CB  . ALA A 28 ? 0.64923 0.58259 0.76289 0.03864  -0.03242 -0.13893 3547 ALA A CB  
192 N N   . ASP A 29 ? 0.61917 0.51360 0.79447 0.08638  -0.07150 -0.11517 3548 ASP A N   
193 C CA  . ASP A 29 ? 0.65595 0.51316 0.83509 0.09345  -0.09640 -0.08713 3548 ASP A CA  
194 C C   . ASP A 29 ? 0.66889 0.56150 0.86604 0.10699  -0.10350 -0.07714 3548 ASP A C   
195 O O   . ASP A 29 ? 0.64069 0.50903 0.84403 0.11661  -0.12741 -0.05522 3548 ASP A O   
196 C CB  . ASP A 29 ? 0.75240 0.55453 0.95707 0.11226  -0.11460 -0.09854 3548 ASP A CB  
197 C CG  . ASP A 29 ? 0.79701 0.62297 1.04866 0.14256  -0.10894 -0.13927 3548 ASP A CG  
198 O OD1 . ASP A 29 ? 0.72218 0.61107 0.98370 0.14484  -0.08911 -0.15728 3548 ASP A OD1 
199 O OD2 . ASP A 29 ? 0.91336 0.69474 1.19404 0.16361  -0.12401 -0.15408 3548 ASP A OD2 
200 N N   . ALA A 30 ? 0.63218 0.58113 0.83617 0.10530  -0.08503 -0.09084 3549 ALA A N   
201 C CA  . ALA A 30 ? 0.64681 0.63387 0.87222 0.11544  -0.09147 -0.08610 3549 ALA A CA  
202 C C   . ALA A 30 ? 0.62697 0.60998 0.82089 0.09930  -0.10153 -0.05332 3549 ALA A C   
203 O O   . ALA A 30 ? 0.55420 0.53201 0.71202 0.07688  -0.09049 -0.04141 3549 ALA A O   
204 C CB  . ALA A 30 ? 0.63612 0.68214 0.87496 0.11135  -0.06728 -0.10860 3549 ALA A CB  
205 N N   . ASP A 31 ? 0.64385 0.63368 0.85350 0.11180  -0.12316 -0.04095 3550 ASP A N   
206 C CA  . ASP A 31 ? 0.59619 0.59012 0.77618 0.09749  -0.13426 -0.01418 3550 ASP A CA  
207 C C   . ASP A 31 ? 0.56390 0.61333 0.75601 0.09298  -0.12422 -0.02591 3550 ASP A C   
208 O O   . ASP A 31 ? 0.61480 0.69762 0.84831 0.10987  -0.13069 -0.04025 3550 ASP A O   
209 C CB  . ASP A 31 ? 0.65392 0.62145 0.83850 0.11112  -0.16815 0.00934  3550 ASP A CB  
210 C CG  . ASP A 31 ? 0.71453 0.68777 0.85865 0.09256  -0.17984 0.03742  3550 ASP A CG  
211 O OD1 . ASP A 31 ? 0.65597 0.67376 0.79936 0.08564  -0.17425 0.03028  3550 ASP A OD1 
212 O OD2 . ASP A 31 ? 0.80352 0.73675 0.91503 0.08255  -0.19424 0.06576  3550 ASP A OD2 
213 N N   . PHE A 32 ? 0.54574 0.60508 0.70548 0.07021  -0.10933 -0.02074 3551 PHE A N   
214 C CA  . PHE A 32 ? 0.51953 0.62242 0.68937 0.06165  -0.09763 -0.03327 3551 PHE A CA  
215 C C   . PHE A 32 ? 0.54733 0.67906 0.73618 0.06863  -0.11894 -0.03079 3551 PHE A C   
216 O O   . PHE A 32 ? 0.56121 0.73495 0.78514 0.07207  -0.11531 -0.04775 3551 PHE A O   
217 C CB  . PHE A 32 ? 0.49530 0.59307 0.62829 0.03917  -0.08242 -0.02732 3551 PHE A CB  
218 C CG  . PHE A 32 ? 0.50737 0.63663 0.64971 0.02789  -0.06866 -0.04033 3551 PHE A CG  
219 C CD1 . PHE A 32 ? 0.53021 0.67500 0.69061 0.02570  -0.05019 -0.05418 3551 PHE A CD1 
220 C CD2 . PHE A 32 ? 0.50343 0.64494 0.63322 0.01641  -0.07406 -0.03871 3551 PHE A CD2 
221 C CE1 . PHE A 32 ? 0.43662 0.60419 0.60396 0.01121  -0.03837 -0.06183 3551 PHE A CE1 
222 C CE2 . PHE A 32 ? 0.47354 0.63588 0.61308 0.00348  -0.06234 -0.05117 3551 PHE A CE2 
223 C CZ  . PHE A 32 ? 0.40445 0.57752 0.56351 0.00034  -0.04498 -0.06051 3551 PHE A CZ  
224 N N   . PHE A 33 ? 0.50404 0.61779 0.67030 0.06895  -0.14233 -0.00889 3552 PHE A N   
225 C CA  . PHE A 33 ? 0.58984 0.73451 0.76973 0.07395  -0.16646 -0.00467 3552 PHE A CA  
226 C C   . PHE A 33 ? 0.60656 0.75963 0.83543 0.10337  -0.18914 -0.00662 3552 PHE A C   
227 O O   . PHE A 33 ? 0.58229 0.78000 0.84528 0.11158  -0.20364 -0.01435 3552 PHE A O   
228 C CB  . PHE A 33 ? 0.58859 0.71733 0.71823 0.05925  -0.18262 0.02016  3552 PHE A CB  
229 C CG  . PHE A 33 ? 0.63369 0.76427 0.72507 0.03405  -0.15977 0.01458  3552 PHE A CG  
230 C CD1 . PHE A 33 ? 0.60665 0.77249 0.70114 0.02155  -0.15341 -0.00259 3552 PHE A CD1 
231 C CD2 . PHE A 33 ? 0.54125 0.63923 0.60081 0.02370  -0.14372 0.02288  3552 PHE A CD2 
232 C CE1 . PHE A 33 ? 0.65091 0.81327 0.71666 0.00220  -0.13261 -0.01146 3552 PHE A CE1 
233 C CE2 . PHE A 33 ? 0.59137 0.69431 0.62485 0.00524  -0.12260 0.01448  3552 PHE A CE2 
234 C CZ  . PHE A 33 ? 0.61761 0.74990 0.65460 -0.00382 -0.11721 -0.00324 3552 PHE A CZ  
235 N N   . ALA A 34 ? 0.62533 0.73835 0.86373 0.12017  -0.19282 -0.00284 3553 ALA A N   
236 C CA  . ALA A 34 ? 0.64173 0.76262 0.93666 0.15290  -0.21160 -0.01208 3553 ALA A CA  
237 C C   . ALA A 34 ? 0.56081 0.73790 0.90767 0.16130  -0.19041 -0.04814 3553 ALA A C   
238 O O   . ALA A 34 ? 0.61330 0.82550 1.01646 0.18639  -0.20530 -0.06095 3553 ALA A O   
239 C CB  . ALA A 34 ? 0.66307 0.72222 0.95792 0.16768  -0.21751 -0.00575 3553 ALA A CB  
240 N N   . LEU A 35 ? 0.57296 0.76191 0.90316 0.14025  -0.15649 -0.06353 3554 LEU A N   
241 C CA  . LEU A 35 ? 0.53437 0.77601 0.90362 0.14031  -0.13216 -0.09415 3554 LEU A CA  
242 C C   . LEU A 35 ? 0.55113 0.84533 0.92747 0.12064  -0.12755 -0.09817 3554 LEU A C   
243 O O   . LEU A 35 ? 0.55033 0.88810 0.95065 0.11104  -0.10424 -0.11909 3554 LEU A O   
244 C CB  . LEU A 35 ? 0.50621 0.72947 0.84995 0.12600  -0.10040 -0.10483 3554 LEU A CB  
245 C CG  . LEU A 35 ? 0.52343 0.70555 0.87145 0.14473  -0.10147 -0.11217 3554 LEU A CG  
246 C CD1 . LEU A 35 ? 0.48613 0.65951 0.80651 0.12750  -0.07205 -0.12339 3554 LEU A CD1 
247 C CD2 . LEU A 35 ? 0.50710 0.72058 0.91954 0.17656  -0.10870 -0.13776 3554 LEU A CD2 
248 N N   . GLY A 36 ? 0.53255 0.82338 0.88559 0.11113  -0.14858 -0.07909 3555 GLY A N   
249 C CA  . GLY A 36 ? 0.54475 0.88171 0.90502 0.09144  -0.14813 -0.08537 3555 GLY A CA  
250 C C   . GLY A 36 ? 0.58298 0.89833 0.89104 0.06046  -0.13436 -0.07812 3555 GLY A C   
251 O O   . GLY A 36 ? 0.53166 0.87950 0.84685 0.04073  -0.12936 -0.08800 3555 GLY A O   
252 N N   . GLY A 37 ? 0.52472 0.78778 0.78487 0.05546  -0.12838 -0.06320 3556 GLY A N   
253 C CA  . GLY A 37 ? 0.53681 0.78210 0.75437 0.03061  -0.11516 -0.05992 3556 GLY A CA  
254 C C   . GLY A 37 ? 0.52415 0.78243 0.72208 0.01921  -0.13438 -0.05537 3556 GLY A C   
255 O O   . GLY A 37 ? 0.55095 0.82002 0.75217 0.03008  -0.16202 -0.04482 3556 GLY A O   
256 N N   . ASP A 38 ? 0.51908 0.77541 0.69586 -0.00312 -0.12071 -0.06419 3557 ASP A N   
257 C CA  . ASP A 38 ? 0.52505 0.79027 0.67448 -0.01817 -0.13397 -0.06620 3557 ASP A CA  
258 C C   . ASP A 38 ? 0.45834 0.69851 0.57940 -0.03665 -0.11144 -0.07606 3557 ASP A C   
259 O O   . ASP A 38 ? 0.53967 0.75592 0.66240 -0.03584 -0.09006 -0.07576 3557 ASP A O   
260 C CB  . ASP A 38 ? 0.48239 0.79764 0.66657 -0.02391 -0.15032 -0.07954 3557 ASP A CB  
261 C CG  . ASP A 38 ? 0.50201 0.83592 0.72119 -0.03831 -0.12954 -0.09875 3557 ASP A CG  
262 O OD1 . ASP A 38 ? 0.45528 0.75864 0.66317 -0.04642 -0.10437 -0.10068 3557 ASP A OD1 
263 O OD2 . ASP A 38 ? 0.57483 0.95633 0.83391 -0.04283 -0.13968 -0.11006 3557 ASP A OD2 
264 N N   . SER A 39 ? 0.54268 0.79031 0.64044 -0.05274 -0.11750 -0.08699 3558 SER A N   
265 C CA  . SER A 39 ? 0.55276 0.77412 0.62595 -0.06613 -0.09802 -0.09981 3558 SER A CA  
266 C C   . SER A 39 ? 0.53246 0.74148 0.63384 -0.07370 -0.07840 -0.11064 3558 SER A C   
267 O O   . SER A 39 ? 0.55769 0.73462 0.64968 -0.07278 -0.06037 -0.10960 3558 SER A O   
268 C CB  . SER A 39 ? 0.55961 0.79530 0.60654 -0.08255 -0.10822 -0.11686 3558 SER A CB  
269 O OG  . SER A 39 ? 0.60938 0.84857 0.61502 -0.07973 -0.12028 -0.10377 3558 SER A OG  
270 N N   . VAL A 40 ? 0.44704 0.68345 0.58379 -0.08251 -0.08260 -0.11920 3559 VAL A N   
271 C CA  . VAL A 40 ? 0.38976 0.61518 0.55032 -0.09471 -0.06438 -0.12458 3559 VAL A CA  
272 C C   . VAL A 40 ? 0.47939 0.68874 0.64440 -0.08128 -0.04936 -0.10841 3559 VAL A C   
273 O O   . VAL A 40 ? 0.48390 0.66129 0.64161 -0.08573 -0.03331 -0.10464 3559 VAL A O   
274 C CB  . VAL A 40 ? 0.45264 0.72103 0.65298 -0.10956 -0.07100 -0.13511 3559 VAL A CB  
275 C CG1 . VAL A 40 ? 0.43412 0.68896 0.65331 -0.12769 -0.05113 -0.13623 3559 VAL A CG1 
276 C CG2 . VAL A 40 ? 0.51167 0.80070 0.70736 -0.12531 -0.08924 -0.15323 3559 VAL A CG2 
277 N N   . LEU A 41 ? 0.44021 0.67116 0.61830 -0.06423 -0.05623 -0.09954 3560 LEU A N   
278 C CA  . LEU A 41 ? 0.45025 0.67026 0.63286 -0.05360 -0.04215 -0.08961 3560 LEU A CA  
279 C C   . LEU A 41 ? 0.47398 0.65397 0.62257 -0.04502 -0.03653 -0.07839 3560 LEU A C   
280 O O   . LEU A 41 ? 0.45433 0.61772 0.59953 -0.04348 -0.02256 -0.07182 3560 LEU A O   
281 C CB  . LEU A 41 ? 0.43207 0.68356 0.64209 -0.03580 -0.05120 -0.08902 3560 LEU A CB  
282 C CG  . LEU A 41 ? 0.50435 0.80742 0.75796 -0.04352 -0.05422 -0.10236 3560 LEU A CG  
283 C CD1 . LEU A 41 ? 0.45621 0.79228 0.74441 -0.01995 -0.06371 -0.10530 3560 LEU A CD1 
284 C CD2 . LEU A 41 ? 0.49450 0.80390 0.75963 -0.06537 -0.03128 -0.10696 3560 LEU A CD2 
285 N N   . THR A 42 ? 0.45381 0.62341 0.57654 -0.04167 -0.04719 -0.07608 3561 THR A N   
286 C CA  . THR A 42 ? 0.48217 0.62229 0.57611 -0.03701 -0.04009 -0.06752 3561 THR A CA  
287 C C   . THR A 42 ? 0.50185 0.62018 0.59174 -0.04585 -0.02477 -0.07376 3561 THR A C   
288 O O   . THR A 42 ? 0.47459 0.57430 0.55986 -0.04103 -0.01443 -0.06559 3561 THR A O   
289 C CB  . THR A 42 ? 0.55053 0.69222 0.61583 -0.03668 -0.05268 -0.06452 3561 THR A CB  
290 O OG1 . THR A 42 ? 0.47803 0.63034 0.54639 -0.02612 -0.07029 -0.05210 3561 THR A OG1 
291 C CG2 . THR A 42 ? 0.50730 0.62783 0.54639 -0.03583 -0.04199 -0.05868 3561 THR A CG2 
292 N N   . LEU A 43 ? 0.48707 0.60626 0.58071 -0.05857 -0.02544 -0.08869 3562 LEU A N   
293 C CA  . LEU A 43 ? 0.51795 0.60940 0.61461 -0.06590 -0.01376 -0.09529 3562 LEU A CA  
294 C C   . LEU A 43 ? 0.53448 0.61531 0.64592 -0.06706 -0.00408 -0.08165 3562 LEU A C   
295 O O   . LEU A 43 ? 0.50294 0.55822 0.60969 -0.06258 0.00356  -0.07393 3562 LEU A O   
296 C CB  . LEU A 43 ? 0.51312 0.60576 0.61792 -0.08268 -0.01798 -0.11512 3562 LEU A CB  
297 C CG  . LEU A 43 ? 0.60257 0.65667 0.71036 -0.08897 -0.00922 -0.12602 3562 LEU A CG  
298 C CD1 . LEU A 43 ? 0.71406 0.75604 0.80196 -0.07640 -0.00494 -0.13544 3562 LEU A CD1 
299 C CD2 . LEU A 43 ? 0.55513 0.60631 0.67439 -0.10945 -0.01416 -0.14676 3562 LEU A CD2 
300 N N   . ARG A 44 ? 0.48488 0.59039 0.61446 -0.07305 -0.00470 -0.07869 3563 ARG A N   
301 C CA  . ARG A 44 ? 0.52225 0.62496 0.66029 -0.07868 0.00633  -0.06666 3563 ARG A CA  
302 C C   . ARG A 44 ? 0.51887 0.61626 0.64346 -0.06367 0.01016  -0.05415 3563 ARG A C   
303 O O   . ARG A 44 ? 0.51488 0.59527 0.63274 -0.06626 0.01759  -0.04224 3563 ARG A O   
304 C CB  . ARG A 44 ? 0.46594 0.60764 0.62872 -0.08931 0.00784  -0.07104 3563 ARG A CB  
305 C CG  . ARG A 44 ? 0.45611 0.60362 0.63515 -0.11082 0.00541  -0.08199 3563 ARG A CG  
306 C CD  . ARG A 44 ? 0.44559 0.64481 0.65570 -0.12065 0.00606  -0.08895 3563 ARG A CD  
307 N NE  . ARG A 44 ? 0.44002 0.65008 0.66725 -0.14234 -0.00021 -0.10220 3563 ARG A NE  
308 C CZ  . ARG A 44 ? 0.43173 0.69322 0.69245 -0.15488 -0.00237 -0.11206 3563 ARG A CZ  
309 N NH1 . ARG A 44 ? 0.39598 0.70280 0.67847 -0.14432 0.00266  -0.11171 3563 ARG A NH1 
310 N NH2 . ARG A 44 ? 0.39991 0.67023 0.67552 -0.17783 -0.00960 -0.12528 3563 ARG A NH2 
311 N N   . LEU A 45 ? 0.47030 0.58080 0.59049 -0.04957 0.00307  -0.05552 3564 LEU A N   
312 C CA  . LEU A 45 ? 0.45017 0.55292 0.55808 -0.03791 0.00519  -0.04634 3564 LEU A CA  
313 C C   . LEU A 45 ? 0.48845 0.56502 0.58023 -0.03583 0.00842  -0.03917 3564 LEU A C   
314 O O   . LEU A 45 ? 0.47950 0.54894 0.56547 -0.03421 0.01320  -0.02968 3564 LEU A O   
315 C CB  . LEU A 45 ? 0.43294 0.54402 0.53884 -0.02540 -0.00602 -0.04763 3564 LEU A CB  
316 C CG  . LEU A 45 ? 0.44329 0.53900 0.53347 -0.01621 -0.00770 -0.03920 3564 LEU A CG  
317 C CD1 . LEU A 45 ? 0.43044 0.52692 0.52322 -0.01484 0.00062  -0.03796 3564 LEU A CD1 
318 C CD2 . LEU A 45 ? 0.47774 0.57513 0.56729 -0.00706 -0.02206 -0.03729 3564 LEU A CD2 
319 N N   . VAL A 46 ? 0.47099 0.53787 0.55696 -0.03566 0.00565  -0.04574 3565 VAL A N   
320 C CA  . VAL A 46 ? 0.49744 0.54671 0.57643 -0.03063 0.00971  -0.04357 3565 VAL A CA  
321 C C   . VAL A 46 ? 0.52518 0.55521 0.61293 -0.03392 0.01427  -0.03569 3565 VAL A C   
322 O O   . VAL A 46 ? 0.49674 0.52023 0.58226 -0.02766 0.01537  -0.02463 3565 VAL A O   
323 C CB  . VAL A 46 ? 0.50524 0.55316 0.57830 -0.03070 0.00874  -0.05870 3565 VAL A CB  
324 C CG1 . VAL A 46 ? 0.40741 0.43993 0.48472 -0.02349 0.01516  -0.06251 3565 VAL A CG1 
325 C CG2 . VAL A 46 ? 0.44293 0.50850 0.49860 -0.02891 0.00307  -0.05870 3565 VAL A CG2 
326 N N   . HIS A 47 ? 0.49050 0.51098 0.58833 -0.04562 0.01499  -0.03937 3566 HIS A N   
327 C CA  . HIS A 47 ? 0.53830 0.53407 0.64194 -0.05240 0.01708  -0.02644 3566 HIS A CA  
328 C C   . HIS A 47 ? 0.51196 0.51873 0.60730 -0.05568 0.01976  -0.00770 3566 HIS A C   
329 O O   . HIS A 47 ? 0.49657 0.48688 0.58741 -0.05353 0.01799  0.00870  3566 HIS A O   
330 C CB  . HIS A 47 ? 0.61619 0.60173 0.73116 -0.07105 0.01767  -0.03171 3566 HIS A CB  
331 C CG  . HIS A 47 ? 0.77270 0.74738 0.89414 -0.07209 0.01444  -0.05430 3566 HIS A CG  
332 N ND1 . HIS A 47 ? 0.82465 0.78399 0.94434 -0.05738 0.01371  -0.06655 3566 HIS A ND1 
333 C CD2 . HIS A 47 ? 0.77142 0.75292 0.90126 -0.08758 0.01210  -0.06981 3566 HIS A CD2 
334 C CE1 . HIS A 47 ? 0.84477 0.79973 0.96745 -0.06384 0.01193  -0.09015 3566 HIS A CE1 
335 N NE2 . HIS A 47 ? 0.82593 0.79291 0.95427 -0.08271 0.00943  -0.09183 3566 HIS A NE2 
336 N N   . ARG A 48 ? 0.46805 0.50431 0.56236 -0.06098 0.02321  -0.01113 3567 ARG A N   
337 C CA  . ARG A 48 ? 0.53231 0.58303 0.61728 -0.06735 0.02862  0.00090  3567 ARG A CA  
338 C C   . ARG A 48 ? 0.52547 0.57935 0.59713 -0.05425 0.02581  0.00516  3567 ARG A C   
339 O O   . ARG A 48 ? 0.52475 0.58003 0.58298 -0.05864 0.02682  0.01853  3567 ARG A O   
340 C CB  . ARG A 48 ? 0.52254 0.60838 0.61759 -0.07577 0.03527  -0.00999 3567 ARG A CB  
341 C CG  . ARG A 48 ? 0.67383 0.76321 0.78004 -0.09838 0.04111  -0.00726 3567 ARG A CG  
342 C CD  . ARG A 48 ? 0.88545 1.01571 1.01503 -0.10466 0.04495  -0.02458 3567 ARG A CD  
343 N NE  . ARG A 48 ? 1.13955 1.26381 1.28485 -0.12325 0.04362  -0.02790 3567 ARG A NE  
344 C CZ  . ARG A 48 ? 0.97757 1.13932 1.14789 -0.13674 0.04661  -0.04025 3567 ARG A CZ  
345 N NH1 . ARG A 48 ? 0.77863 0.99000 0.96562 -0.13043 0.05187  -0.05162 3567 ARG A NH1 
346 N NH2 . ARG A 48 ? 0.83666 0.98725 1.01939 -0.15654 0.04373  -0.04358 3567 ARG A NH2 
347 N N   . ALA A 49 ? 0.47677 0.53198 0.54987 -0.04120 0.02126  -0.00459 3568 ALA A N   
348 C CA  . ALA A 49 ? 0.50988 0.56584 0.57319 -0.03240 0.01794  -0.00046 3568 ALA A CA  
349 C C   . ALA A 49 ? 0.54163 0.58293 0.60414 -0.02926 0.01430  0.01254  3568 ALA A C   
350 O O   . ALA A 49 ? 0.49376 0.54077 0.54725 -0.02893 0.01119  0.02239  3568 ALA A O   
351 C CB  . ALA A 49 ? 0.43258 0.49058 0.49678 -0.02392 0.01408  -0.00983 3568 ALA A CB  
352 N N   . ARG A 50 ? 0.45426 0.47743 0.52838 -0.02597 0.01312  0.01101  3569 ARG A N   
353 C CA  . ARG A 50 ? 0.47740 0.48484 0.55890 -0.01845 0.00760  0.02246  3569 ARG A CA  
354 C C   . ARG A 50 ? 0.51398 0.51231 0.58608 -0.02814 0.00392  0.04435  3569 ARG A C   
355 O O   . ARG A 50 ? 0.53915 0.53917 0.60768 -0.02322 -0.00416 0.05960  3569 ARG A O   
356 C CB  . ARG A 50 ? 0.47768 0.46329 0.57683 -0.01162 0.00771  0.01129  3569 ARG A CB  
357 C CG  . ARG A 50 ? 0.49395 0.45339 0.60797 -0.00270 0.00005  0.02392  3569 ARG A CG  
358 C CD  . ARG A 50 ? 0.60429 0.54028 0.73962 0.00699  0.00116  0.00540  3569 ARG A CD  
359 N NE  . ARG A 50 ? 0.78883 0.74677 0.93658 0.02395  0.00425  -0.01074 3569 ARG A NE  
360 C CZ  . ARG A 50 ? 0.96639 0.92864 1.13450 0.04137  -0.00173 -0.00495 3569 ARG A CZ  
361 N NH1 . ARG A 50 ? 0.80577 0.74645 0.98120 0.04555  -0.01455 0.01957  3569 ARG A NH1 
362 N NH2 . ARG A 50 ? 0.93468 0.92659 1.11657 0.05368  0.00443  -0.02253 3569 ARG A NH2 
363 N N   . SER A 51 ? 0.48086 0.47410 0.54781 -0.04428 0.00916  0.04744  3570 SER A N   
364 C CA  . SER A 51 ? 0.55457 0.54454 0.60535 -0.05931 0.00787  0.07065  3570 SER A CA  
365 C C   . SER A 51 ? 0.53879 0.55844 0.56804 -0.06134 0.00809  0.07511  3570 SER A C   
366 O O   . SER A 51 ? 0.54672 0.56518 0.55885 -0.06754 0.00116  0.09706  3570 SER A O   
367 C CB  . SER A 51 ? 0.56579 0.55806 0.61516 -0.08098 0.01752  0.07004  3570 SER A CB  
368 O OG  . SER A 51 ? 0.69491 0.65597 0.76263 -0.08371 0.01563  0.06614  3570 SER A OG  
369 N N   . ALA A 52 ? 0.48604 0.52981 0.51489 -0.05654 0.01391  0.05479  3571 ALA A N   
370 C CA  . ALA A 52 ? 0.50661 0.57447 0.51704 -0.05849 0.01408  0.05243  3571 ALA A CA  
371 C C   . ALA A 52 ? 0.53184 0.60021 0.54392 -0.04642 0.00306  0.05507  3571 ALA A C   
372 O O   . ALA A 52 ? 0.57097 0.65743 0.56970 -0.04885 0.00167  0.04929  3571 ALA A O   
373 C CB  . ALA A 52 ? 0.39658 0.48425 0.41019 -0.05798 0.02359  0.02858  3571 ALA A CB  
374 N N   . GLY A 53 ? 0.49103 0.54326 0.52170 -0.03433 -0.00414 0.06065  3572 GLY A N   
375 C CA  . GLY A 53 ? 0.45677 0.51837 0.49529 -0.02396 -0.01413 0.06401  3572 GLY A CA  
376 C C   . GLY A 53 ? 0.49112 0.56107 0.54456 -0.01545 -0.01075 0.04645  3572 GLY A C   
377 O O   . GLY A 53 ? 0.48653 0.57245 0.54819 -0.01071 -0.01715 0.04749  3572 GLY A O   
378 N N   . TRP A 54 ? 0.42458 0.48754 0.48142 -0.01540 -0.00193 0.03215  3573 TRP A N   
379 C CA  . TRP A 54 ? 0.43685 0.50791 0.49883 -0.01233 0.00089  0.01962  3573 TRP A CA  
380 C C   . TRP A 54 ? 0.47517 0.53749 0.54807 -0.00674 0.00602  0.01010  3573 TRP A C   
381 O O   . TRP A 54 ? 0.45624 0.50683 0.52754 -0.00965 0.00906  0.00571  3573 TRP A O   
382 C CB  . TRP A 54 ? 0.41049 0.48455 0.45862 -0.01963 0.00281  0.01170  3573 TRP A CB  
383 C CG  . TRP A 54 ? 0.47838 0.56288 0.51512 -0.02579 -0.00179 0.01521  3573 TRP A CG  
384 C CD1 . TRP A 54 ? 0.49216 0.58098 0.51431 -0.03247 -0.00083 0.01725  3573 TRP A CD1 
385 C CD2 . TRP A 54 ? 0.44065 0.53776 0.47832 -0.02871 -0.00805 0.01621  3573 TRP A CD2 
386 N NE1 . TRP A 54 ? 0.51332 0.61517 0.52376 -0.03862 -0.00698 0.01771  3573 TRP A NE1 
387 C CE2 . TRP A 54 ? 0.43340 0.53972 0.45507 -0.03661 -0.01254 0.01717  3573 TRP A CE2 
388 C CE3 . TRP A 54 ? 0.43036 0.53648 0.48032 -0.02835 -0.00937 0.01523  3573 TRP A CE3 
389 C CZ2 . TRP A 54 ? 0.46113 0.58297 0.47993 -0.04369 -0.02088 0.01638  3573 TRP A CZ2 
390 C CZ3 . TRP A 54 ? 0.45240 0.57567 0.50322 -0.03626 -0.01625 0.01600  3573 TRP A CZ3 
391 C CH2 . TRP A 54 ? 0.47403 0.60375 0.50990 -0.04360 -0.02322 0.01615  3573 TRP A CH2 
392 N N   . GLU A 55 ? 0.41842 0.49177 0.50279 -0.00052 0.00754  0.00481  3574 GLU A N   
393 C CA  . GLU A 55 ? 0.43823 0.50955 0.53080 0.00449  0.01378  -0.00852 3574 GLU A CA  
394 C C   . GLU A 55 ? 0.46209 0.54240 0.53889 -0.00355 0.01753  -0.01549 3574 GLU A C   
395 O O   . GLU A 55 ? 0.45439 0.55028 0.52686 -0.00851 0.01810  -0.01254 3574 GLU A O   
396 C CB  . GLU A 55 ? 0.42155 0.50758 0.53749 0.01636  0.01551  -0.01341 3574 GLU A CB  
397 C CG  . GLU A 55 ? 0.61244 0.67806 0.74803 0.02869  0.01457  -0.01875 3574 GLU A CG  
398 C CD  . GLU A 55 ? 0.64294 0.72719 0.80686 0.04401  0.01949  -0.03362 3574 GLU A CD  
399 O OE1 . GLU A 55 ? 0.69515 0.77477 0.86453 0.04830  0.02794  -0.05494 3574 GLU A OE1 
400 O OE2 . GLU A 55 ? 0.61162 0.71943 0.79417 0.05164  0.01501  -0.02662 3574 GLU A OE2 
401 N N   . ILE A 56 ? 0.44175 0.51233 0.51008 -0.00667 0.01821  -0.02276 3575 ILE A N   
402 C CA  . ILE A 56 ? 0.43091 0.50881 0.48243 -0.01346 0.01809  -0.02657 3575 ILE A CA  
403 C C   . ILE A 56 ? 0.51328 0.59105 0.56268 -0.01360 0.02117  -0.04192 3575 ILE A C   
404 O O   . ILE A 56 ? 0.50799 0.57318 0.57070 -0.00942 0.02258  -0.05001 3575 ILE A O   
405 C CB  . ILE A 56 ? 0.45712 0.52699 0.49891 -0.01758 0.01008  -0.01922 3575 ILE A CB  
406 C CG1 . ILE A 56 ? 0.43372 0.49534 0.48486 -0.01604 0.00867  -0.02208 3575 ILE A CG1 
407 C CG2 . ILE A 56 ? 0.42322 0.49210 0.46287 -0.01976 0.00725  -0.00949 3575 ILE A CG2 
408 C CD1 . ILE A 56 ? 0.43673 0.49895 0.48705 -0.01663 0.00224  -0.02098 3575 ILE A CD1 
409 N N   . SER A 57 ? 0.50620 0.59634 0.53621 -0.02073 0.02102  -0.04530 3576 SER A N   
410 C CA  . SER A 57 ? 0.46207 0.55659 0.48217 -0.02453 0.02152  -0.06136 3576 SER A CA  
411 C C   . SER A 57 ? 0.52026 0.61367 0.52575 -0.03088 0.00851  -0.05469 3576 SER A C   
412 O O   . SER A 57 ? 0.51074 0.60053 0.51127 -0.03136 0.00017  -0.03810 3576 SER A O   
413 C CB  . SER A 57 ? 0.51554 0.63395 0.52026 -0.02953 0.03135  -0.07237 3576 SER A CB  
414 O OG  . SER A 57 ? 0.52635 0.65551 0.50483 -0.04101 0.02643  -0.05574 3576 SER A OG  
415 N N   . ALA A 58 ? 0.54301 0.63997 0.54442 -0.03512 0.00535  -0.06978 3577 ALA A N   
416 C CA  . ALA A 58 ? 0.48764 0.59273 0.47646 -0.04078 -0.00980 -0.06494 3577 ALA A CA  
417 C C   . ALA A 58 ? 0.54440 0.65967 0.50362 -0.04661 -0.01657 -0.04929 3577 ALA A C   
418 O O   . ALA A 58 ? 0.54626 0.65813 0.50215 -0.04524 -0.03215 -0.03263 3577 ALA A O   
419 C CB  . ALA A 58 ? 0.48746 0.60062 0.47312 -0.04815 -0.01246 -0.08687 3577 ALA A CB  
420 N N   . ARG A 59 ? 0.53422 0.66267 0.47315 -0.05361 -0.00512 -0.05424 3578 ARG A N   
421 C CA  . ARG A 59 ? 0.56499 0.70299 0.47162 -0.06486 -0.00984 -0.03518 3578 ARG A CA  
422 C C   . ARG A 59 ? 0.56767 0.68605 0.48303 -0.06174 -0.01521 -0.01076 3578 ARG A C   
423 O O   . ARG A 59 ? 0.58499 0.69460 0.48148 -0.06778 -0.02980 0.01140  3578 ARG A O   
424 C CB  . ARG A 59 ? 0.59063 0.75461 0.47791 -0.07518 0.00883  -0.04780 3578 ARG A CB  
425 C CG  . ARG A 59 ? 0.70134 0.88870 0.55787 -0.08618 0.00841  -0.06568 3578 ARG A CG  
426 C CD  . ARG A 59 ? 0.76247 0.98382 0.59548 -0.09843 0.02897  -0.08024 3578 ARG A CD  
427 N NE  . ARG A 59 ? 0.93612 1.18020 0.73844 -0.10888 0.02868  -0.10358 3578 ARG A NE  
428 C CZ  . ARG A 59 ? 0.96757 1.21308 0.78638 -0.10151 0.03723  -0.14126 3578 ARG A CZ  
429 N NH1 . ARG A 59 ? 0.88406 1.10716 0.74981 -0.08291 0.04588  -0.15521 3578 ARG A NH1 
430 N NH2 . ARG A 59 ? 0.97762 1.24504 0.76415 -0.11410 0.03568  -0.16465 3578 ARG A NH2 
431 N N   . HIS A 60 ? 0.50088 0.60981 0.44386 -0.05290 -0.00561 -0.01432 3579 HIS A N   
432 C CA  . HIS A 60 ? 0.52680 0.61664 0.47868 -0.05073 -0.01124 0.00306  3579 HIS A CA  
433 C C   . HIS A 60 ? 0.55641 0.62780 0.51585 -0.04247 -0.02913 0.01119  3579 HIS A C   
434 O O   . HIS A 60 ? 0.51180 0.56501 0.46521 -0.04378 -0.04098 0.02825  3579 HIS A O   
435 C CB  . HIS A 60 ? 0.47098 0.55880 0.44930 -0.04287 -0.00031 -0.00439 3579 HIS A CB  
436 C CG  . HIS A 60 ? 0.54311 0.65192 0.52374 -0.04745 0.01462  -0.01047 3579 HIS A CG  
437 N ND1 . HIS A 60 ? 0.54158 0.65614 0.54726 -0.03740 0.02335  -0.02159 3579 HIS A ND1 
438 C CD2 . HIS A 60 ? 0.54539 0.67478 0.50922 -0.06102 0.02214  -0.00659 3579 HIS A CD2 
439 C CE1 . HIS A 60 ? 0.51780 0.65783 0.52779 -0.04100 0.03497  -0.02694 3579 HIS A CE1 
440 N NE2 . HIS A 60 ? 0.54076 0.69322 0.52525 -0.05686 0.03651  -0.01924 3579 HIS A NE2 
441 N N   . VAL A 61 ? 0.49697 0.57312 0.47337 -0.03402 -0.03146 -0.00191 3580 VAL A N   
442 C CA  . VAL A 61 ? 0.51554 0.58502 0.50812 -0.02428 -0.04633 0.00134  3580 VAL A CA  
443 C C   . VAL A 61 ? 0.57127 0.64036 0.54559 -0.02632 -0.06658 0.01590  3580 VAL A C   
444 O O   . VAL A 61 ? 0.55502 0.60693 0.53692 -0.01815 -0.08165 0.02886  3580 VAL A O   
445 C CB  . VAL A 61 ? 0.52572 0.60842 0.54134 -0.02005 -0.04256 -0.01580 3580 VAL A CB  
446 C CG1 . VAL A 61 ? 0.43356 0.52259 0.47156 -0.01013 -0.05691 -0.01579 3580 VAL A CG1 
447 C CG2 . VAL A 61 ? 0.42633 0.50361 0.45639 -0.01884 -0.02607 -0.02280 3580 VAL A CG2 
448 N N   . PHE A 62 ? 0.53627 0.62306 0.48534 -0.03701 -0.06861 0.01385  3581 PHE A N   
449 C CA  . PHE A 62 ? 0.59212 0.68149 0.51796 -0.04096 -0.09117 0.03142  3581 PHE A CA  
450 C C   . PHE A 62 ? 0.65158 0.71795 0.55318 -0.04878 -0.09736 0.05863  3581 PHE A C   
451 O O   . PHE A 62 ? 0.59838 0.64767 0.49538 -0.04446 -0.12112 0.08050  3581 PHE A O   
452 C CB  . PHE A 62 ? 0.55481 0.67248 0.45235 -0.05439 -0.09074 0.02029  3581 PHE A CB  
453 C CG  . PHE A 62 ? 0.69095 0.82755 0.61179 -0.04939 -0.09585 -0.00112 3581 PHE A CG  
454 C CD1 . PHE A 62 ? 0.84881 0.99903 0.77551 -0.04486 -0.12200 0.00582  3581 PHE A CD1 
455 C CD2 . PHE A 62 ? 0.67902 0.81940 0.61909 -0.04991 -0.07643 -0.02657 3581 PHE A CD2 
456 C CE1 . PHE A 62 ? 0.80761 0.98117 0.75971 -0.04391 -0.12660 -0.01480 3581 PHE A CE1 
457 C CE2 . PHE A 62 ? 0.65492 0.80979 0.61673 -0.05031 -0.08078 -0.04480 3581 PHE A CE2 
458 C CZ  . PHE A 62 ? 0.74294 0.91751 0.71148 -0.04870 -0.10495 -0.04016 3581 PHE A CZ  
459 N N   . ARG A 63 ? 0.62168 0.68623 0.51207 -0.06013 -0.07771 0.05841  3582 ARG A N   
460 C CA  . ARG A 63 ? 0.69556 0.74008 0.56322 -0.07375 -0.08158 0.08435  3582 ARG A CA  
461 C C   . ARG A 63 ? 0.69330 0.70126 0.58807 -0.06328 -0.08723 0.09137  3582 ARG A C   
462 O O   . ARG A 63 ? 0.69945 0.67655 0.58204 -0.06985 -0.10190 0.11601  3582 ARG A O   
463 C CB  . ARG A 63 ? 0.73373 0.80244 0.58154 -0.09281 -0.05727 0.07850  3582 ARG A CB  
464 C CG  . ARG A 63 ? 0.93193 0.98540 0.76741 -0.11020 -0.05387 0.09996  3582 ARG A CG  
465 C CD  . ARG A 63 ? 1.09445 1.15476 0.88152 -0.13631 -0.05958 0.12627  3582 ARG A CD  
466 N NE  . ARG A 63 ? 1.21214 1.24278 0.99250 -0.15336 -0.06355 0.15299  3582 ARG A NE  
467 C CZ  . ARG A 63 ? 1.37586 1.40762 1.11523 -0.18318 -0.06525 0.18153  3582 ARG A CZ  
468 N NH1 . ARG A 63 ? 1.43665 1.50299 1.13360 -0.19893 -0.06241 0.18623  3582 ARG A NH1 
469 N NH2 . ARG A 63 ? 1.34061 1.33922 1.07924 -0.20019 -0.06954 0.20497  3582 ARG A NH2 
470 N N   . HIS A 64 ? 0.61674 0.62524 0.54598 -0.04849 -0.07704 0.07029  3583 HIS A N   
471 C CA  . HIS A 64 ? 0.65528 0.63459 0.60750 -0.03997 -0.07956 0.07000  3583 HIS A CA  
472 C C   . HIS A 64 ? 0.58706 0.57009 0.57355 -0.01825 -0.08221 0.05129  3583 HIS A C   
473 O O   . HIS A 64 ? 0.55012 0.54300 0.55383 -0.01416 -0.06722 0.03396  3583 HIS A O   
474 C CB  . HIS A 64 ? 0.56330 0.54765 0.51800 -0.05024 -0.06026 0.06286  3583 HIS A CB  
475 C CG  . HIS A 64 ? 0.64973 0.64491 0.57732 -0.07320 -0.05231 0.07635  3583 HIS A CG  
476 N ND1 . HIS A 64 ? 0.72673 0.69714 0.63324 -0.08989 -0.06308 0.10131  3583 HIS A ND1 
477 C CD2 . HIS A 64 ? 0.61753 0.64784 0.53788 -0.08295 -0.03374 0.06756  3583 HIS A CD2 
478 C CE1 . HIS A 64 ? 0.73231 0.72801 0.61738 -0.11217 -0.04936 0.10784  3583 HIS A CE1 
479 N NE2 . HIS A 64 ? 0.75365 0.78815 0.64915 -0.10632 -0.03095 0.08526  3583 HIS A NE2 
480 N N   . PRO A 65 ? 0.58172 0.56166 0.57934 -0.00497 -0.10151 0.05518  3584 PRO A N   
481 C CA  . PRO A 65 ? 0.56890 0.56659 0.60278 0.01332  -0.10086 0.03448  3584 PRO A CA  
482 C C   . PRO A 65 ? 0.58522 0.56557 0.64659 0.02649  -0.09777 0.02186  3584 PRO A C   
483 O O   . PRO A 65 ? 0.54594 0.54881 0.63491 0.03718  -0.08971 0.00161  3584 PRO A O   
484 C CB  . PRO A 65 ? 0.54677 0.55280 0.58710 0.02337  -0.12524 0.04341  3584 PRO A CB  
485 C CG  . PRO A 65 ? 0.64623 0.62032 0.65663 0.01543  -0.14375 0.07315  3584 PRO A CG  
486 C CD  . PRO A 65 ? 0.62325 0.59203 0.60000 -0.00797 -0.12492 0.07946  3584 PRO A CD  
487 N N   . VAL A 66 ? 0.55487 0.49822 0.60866 0.02340  -0.10265 0.03113  3585 VAL A N   
488 C CA  . VAL A 66 ? 0.53893 0.46512 0.61572 0.03404  -0.09869 0.01352  3585 VAL A CA  
489 C C   . VAL A 66 ? 0.57754 0.52011 0.64656 0.02178  -0.07558 0.00011  3585 VAL A C   
490 O O   . VAL A 66 ? 0.55604 0.49907 0.60145 0.00391  -0.06831 0.01119  3585 VAL A O   
491 C CB  . VAL A 66 ? 0.62998 0.50371 0.70267 0.03357  -0.11546 0.02734  3585 VAL A CB  
492 C CG1 . VAL A 66 ? 0.58087 0.43612 0.67575 0.04307  -0.10996 0.00253  3585 VAL A CG1 
493 C CG2 . VAL A 66 ? 0.63481 0.48942 0.71712 0.04875  -0.14312 0.04476  3585 VAL A CG2 
494 N N   . VAL A 67 ? 0.56124 0.52106 0.65101 0.03135  -0.06469 -0.02349 3586 VAL A N   
495 C CA  . VAL A 67 ? 0.52432 0.50292 0.60538 0.02053  -0.04583 -0.03387 3586 VAL A CA  
496 C C   . VAL A 67 ? 0.52664 0.48427 0.58751 0.00473  -0.04513 -0.02532 3586 VAL A C   
497 O O   . VAL A 67 ? 0.51608 0.48902 0.56250 -0.00811 -0.03659 -0.01750 3586 VAL A O   
498 C CB  . VAL A 67 ? 0.57410 0.56867 0.67472 0.03048  -0.03648 -0.05981 3586 VAL A CB  
499 C CG1 . VAL A 67 ? 0.48142 0.49091 0.56553 0.01683  -0.02133 -0.06615 3586 VAL A CG1 
500 C CG2 . VAL A 67 ? 0.52284 0.55187 0.64671 0.04102  -0.03278 -0.06906 3586 VAL A CG2 
501 N N   . ALA A 68 ? 0.52761 0.45023 0.59145 0.00562  -0.05502 -0.02799 3587 ALA A N   
502 C CA  . ALA A 68 ? 0.59544 0.50108 0.64382 -0.01309 -0.05445 -0.02282 3587 ALA A CA  
503 C C   . ALA A 68 ? 0.56983 0.47845 0.59933 -0.02993 -0.05539 0.00247  3587 ALA A C   
504 O O   . ALA A 68 ? 0.57483 0.49855 0.59508 -0.04602 -0.04756 0.00580  3587 ALA A O   
505 C CB  . ALA A 68 ? 0.53936 0.39824 0.59577 -0.01102 -0.06706 -0.03042 3587 ALA A CB  
506 N N   . ASP A 69 ? 0.58523 0.48473 0.60931 -0.02691 -0.06516 0.01952  3588 ASP A N   
507 C CA  . ASP A 69 ? 0.54755 0.45753 0.54965 -0.04455 -0.06304 0.04056  3588 ASP A CA  
508 C C   . ASP A 69 ? 0.57043 0.52452 0.57070 -0.04500 -0.04699 0.03406  3588 ASP A C   
509 O O   . ASP A 69 ? 0.57941 0.55280 0.57023 -0.05954 -0.03756 0.03958  3588 ASP A O   
510 C CB  . ASP A 69 ? 0.62670 0.51852 0.61779 -0.04221 -0.07929 0.06054  3588 ASP A CB  
511 C CG  . ASP A 69 ? 0.76492 0.60382 0.75814 -0.04247 -0.09847 0.07247  3588 ASP A CG  
512 O OD1 . ASP A 69 ? 0.79494 0.61184 0.78677 -0.05717 -0.09651 0.07180  3588 ASP A OD1 
513 O OD2 . ASP A 69 ? 0.79462 0.61303 0.79347 -0.02779 -0.11725 0.08204  3588 ASP A OD2 
514 N N   . LEU A 70 ? 0.49708 0.46765 0.50988 -0.02934 -0.04380 0.02138  3589 LEU A N   
515 C CA  . LEU A 70 ? 0.47907 0.48118 0.49253 -0.02925 -0.03083 0.01522  3589 LEU A CA  
516 C C   . LEU A 70 ? 0.53900 0.55360 0.55753 -0.03377 -0.02058 0.00885  3589 LEU A C   
517 O O   . LEU A 70 ? 0.49017 0.52514 0.50785 -0.03825 -0.01216 0.01013  3589 LEU A O   
518 C CB  . LEU A 70 ? 0.44746 0.46039 0.47443 -0.01588 -0.03114 0.00464  3589 LEU A CB  
519 C CG  . LEU A 70 ? 0.49372 0.52933 0.52287 -0.01646 -0.02045 -0.00153 3589 LEU A CG  
520 C CD1 . LEU A 70 ? 0.39667 0.44071 0.40996 -0.02421 -0.01896 0.00401  3589 LEU A CD1 
521 C CD2 . LEU A 70 ? 0.43095 0.47643 0.47531 -0.00840 -0.02177 -0.01107 3589 LEU A CD2 
522 N N   . ALA A 71 ? 0.52559 0.53019 0.55038 -0.03188 -0.02239 0.00056  3590 ALA A N   
523 C CA  . ALA A 71 ? 0.49248 0.51155 0.51839 -0.03774 -0.01663 -0.00381 3590 ALA A CA  
524 C C   . ALA A 71 ? 0.47035 0.49623 0.49236 -0.05245 -0.01644 0.00530  3590 ALA A C   
525 O O   . ALA A 71 ? 0.49155 0.54204 0.51915 -0.05525 -0.01183 0.00554  3590 ALA A O   
526 C CB  . ALA A 71 ? 0.44739 0.45599 0.47511 -0.03609 -0.01910 -0.01764 3590 ALA A CB  
527 N N   . ALA A 72 ? 0.47886 0.48538 0.49320 -0.06264 -0.02220 0.01450  3591 ALA A N   
528 C CA  . ALA A 72 ? 0.50420 0.52150 0.51589 -0.08201 -0.02029 0.02337  3591 ALA A CA  
529 C C   . ALA A 72 ? 0.53917 0.59181 0.55201 -0.08411 -0.00945 0.02812  3591 ALA A C   
530 O O   . ALA A 72 ? 0.57070 0.65119 0.59165 -0.09599 -0.00375 0.02955  3591 ALA A O   
531 C CB  . ALA A 72 ? 0.54853 0.53033 0.54875 -0.09646 -0.02987 0.03558  3591 ALA A CB  
532 N N   . VAL A 73 ? 0.47090 0.52660 0.47840 -0.07325 -0.00630 0.02753  3592 VAL A N   
533 C CA  . VAL A 73 ? 0.51409 0.60309 0.52417 -0.07309 0.00551  0.02460  3592 VAL A CA  
534 C C   . VAL A 73 ? 0.52952 0.63400 0.55819 -0.05609 0.01076  0.01258  3592 VAL A C   
535 O O   . VAL A 73 ? 0.52825 0.65904 0.56698 -0.05254 0.02032  0.00583  3592 VAL A O   
536 C CB  . VAL A 73 ? 0.56481 0.65166 0.55460 -0.07544 0.00606  0.02878  3592 VAL A CB  
537 C CG1 . VAL A 73 ? 0.52671 0.59967 0.49436 -0.09578 0.00014  0.04716  3592 VAL A CG1 
538 C CG2 . VAL A 73 ? 0.48386 0.55089 0.47271 -0.06019 -0.00200 0.02415  3592 VAL A CG2 
539 N N   . ALA A 74 ? 0.44953 0.53850 0.48333 -0.04614 0.00517  0.00949  3593 ALA A N   
540 C CA  . ALA A 74 ? 0.43065 0.52831 0.47865 -0.03364 0.00800  0.00410  3593 ALA A CA  
541 C C   . ALA A 74 ? 0.43432 0.55772 0.49992 -0.03324 0.00927  0.00513  3593 ALA A C   
542 O O   . ALA A 74 ? 0.46052 0.59601 0.52780 -0.04446 0.00687  0.00856  3593 ALA A O   
543 C CB  . ALA A 74 ? 0.41747 0.49884 0.46283 -0.02891 0.00300  0.00336  3593 ALA A CB  
544 N N   . GLN A 75 ? 0.38371 0.51523 0.46582 -0.02016 0.01147  0.00197  3594 GLN A N   
545 C CA  . GLN A 75 ? 0.40088 0.55559 0.50512 -0.01435 0.00761  0.00492  3594 GLN A CA  
546 C C   . GLN A 75 ? 0.39223 0.53188 0.49642 -0.00632 -0.00140 0.01309  3594 GLN A C   
547 O O   . GLN A 75 ? 0.45934 0.57523 0.55610 -0.00205 0.00017  0.01294  3594 GLN A O   
548 C CB  . GLN A 75 ? 0.37833 0.55767 0.50899 -0.00286 0.01555  -0.00468 3594 GLN A CB  
549 C CG  . GLN A 75 ? 0.34165 0.54675 0.47043 -0.01419 0.02733  -0.01247 3594 GLN A CG  
550 C CD  . GLN A 75 ? 0.38925 0.62436 0.52569 -0.02922 0.02545  -0.00661 3594 GLN A CD  
551 O OE1 . GLN A 75 ? 0.34677 0.58347 0.48920 -0.03032 0.01376  0.00112  3594 GLN A OE1 
552 N NE2 . GLN A 75 ? 0.32709 0.58846 0.46118 -0.04416 0.03696  -0.01027 3594 GLN A NE2 
553 N N   . PRO A 76 ? 0.40586 0.56079 0.51543 -0.00754 -0.01155 0.02151  3595 PRO A N   
554 C CA  . PRO A 76 ? 0.43228 0.57629 0.53849 -0.00140 -0.02133 0.03386  3595 PRO A CA  
555 C C   . PRO A 76 ? 0.49296 0.62734 0.62242 0.01625  -0.02177 0.03607  3595 PRO A C   
556 O O   . PRO A 76 ? 0.46404 0.61632 0.62138 0.02733  -0.01826 0.02722  3595 PRO A O   
557 C CB  . PRO A 76 ? 0.37183 0.54381 0.48217 -0.00599 -0.03458 0.04184  3595 PRO A CB  
558 C CG  . PRO A 76 ? 0.35367 0.55599 0.48474 -0.00980 -0.03039 0.03226  3595 PRO A CG  
559 C CD  . PRO A 76 ? 0.37882 0.56442 0.49728 -0.01716 -0.01580 0.02135  3595 PRO A CD  
560 N N   . VAL A 77 ? 0.48016 0.58588 0.59922 0.01765  -0.02494 0.04602  3596 VAL A N   
561 C CA  . VAL A 77 ? 0.57522 0.66071 0.71683 0.03336  -0.02833 0.04960  3596 VAL A CA  
562 C C   . VAL A 77 ? 0.62285 0.72524 0.79084 0.04811  -0.04421 0.06242  3596 VAL A C   
563 O O   . VAL A 77 ? 0.68526 0.79941 0.84034 0.04190  -0.05775 0.08035  3596 VAL A O   
564 C CB  . VAL A 77 ? 0.59536 0.64490 0.71848 0.02566  -0.02938 0.06151  3596 VAL A CB  
565 C CG1 . VAL A 77 ? 0.59610 0.61719 0.74215 0.04018  -0.03938 0.07280  3596 VAL A CG1 
566 C CG2 . VAL A 77 ? 0.53444 0.57162 0.64669 0.01697  -0.01506 0.04456  3596 VAL A CG2 
567 N N   . THR A 78 ? 0.68932 0.79661 0.89574 0.06848  -0.04330 0.05131  3597 THR A N   
568 C CA  . THR A 78 ? 0.78263 0.91228 1.02747 0.08873  -0.05908 0.05945  3597 THR A CA  
569 C C   . THR A 78 ? 0.93179 1.03624 1.17252 0.09403  -0.08269 0.09147  3597 THR A C   
570 O O   . THR A 78 ? 0.95461 1.01251 1.19696 0.10058  -0.08712 0.10103  3597 THR A O   
571 C CB  . THR A 78 ? 0.96922 1.10136 1.25948 0.11312  -0.05119 0.03642  3597 THR A CB  
572 O OG1 . THR A 78 ? 0.88731 0.96465 1.17550 0.11903  -0.04978 0.03480  3597 THR A OG1 
573 C CG2 . THR A 78 ? 0.62543 0.79262 0.91520 0.10444  -0.02812 0.00772  3597 THR A CG2 
574 S S   . SO4 B .  ? 1.81998 1.49734 2.01392 0.07855  -0.06887 -0.33329 3701 SO4 A S   
575 O O1  . SO4 B .  ? 1.43614 1.13367 1.59267 0.04840  -0.06928 -0.28577 3701 SO4 A O1  
576 O O2  . SO4 B .  ? 1.41987 1.11707 1.59750 0.06648  -0.05313 -0.38214 3701 SO4 A O2  
577 O O3  . SO4 B .  ? 1.49345 1.08275 1.71266 0.08949  -0.09508 -0.32612 3701 SO4 A O3  
578 O O4  . SO4 B .  ? 1.44713 1.17479 1.67050 0.10848  -0.05887 -0.33971 3701 SO4 A O4  
579 O O   . HOH C .  ? 0.87926 0.95882 1.28214 0.21959  0.03430  -0.47878 3801 HOH A O   
580 O O   . HOH C .  ? 0.66924 0.70268 0.81374 0.03370  0.03025  -0.07191 3802 HOH A O   
581 O O   . HOH C .  ? 0.57262 0.50844 0.59467 -0.06268 -0.04060 -0.02217 3803 HOH A O   
582 O O   . HOH C .  ? 1.42085 1.26756 1.58101 0.06916  -0.02578 -0.31254 3804 HOH A O   
583 O O   . HOH C .  ? 0.61195 0.58170 0.68596 -0.01493 -0.02797 0.10248  3805 HOH A O   
584 O O   . HOH C .  ? 0.45803 0.61995 0.66491 0.05462  0.00040  -0.00548 3806 HOH A O   
585 O O   . HOH C .  ? 0.63100 0.77804 0.57508 -0.06906 0.01427  -0.02477 3807 HOH A O   
586 O O   . HOH C .  ? 0.58827 0.77545 0.54448 -0.05541 0.05359  -0.07464 3808 HOH A O   
587 O O   . HOH C .  ? 0.63192 0.69455 0.61053 -0.04229 0.02582  -0.28345 3809 HOH A O   
588 O O   . HOH C .  ? 0.58365 0.77785 0.61337 -0.03026 0.06559  -0.14426 3810 HOH A O   
589 O O   . HOH C .  ? 0.58708 0.63804 0.66964 -0.00125 0.03213  -0.08764 3811 HOH A O   
590 O O   . HOH C .  ? 0.48558 0.49945 0.50416 -0.06992 -0.02669 -0.02439 3812 HOH A O   
591 O O   . HOH C .  ? 0.59912 0.92432 0.71833 -0.06466 0.10799  -0.11898 3813 HOH A O   
592 O O   . HOH C .  ? 0.73327 0.59137 0.81206 0.00079  -0.04495 -0.15485 3814 HOH A O   
593 O O   . HOH C .  ? 0.58770 0.67542 0.62489 -0.09328 0.04318  0.03424  3815 HOH A O   
594 O O   . HOH C .  ? 0.53313 0.63690 0.53665 -0.07067 -0.02654 -0.02172 3816 HOH A O   
595 O O   . HOH C .  ? 0.52259 0.54650 0.55643 -0.01174 0.01362  -0.03331 3817 HOH A O   
596 O O   . HOH C .  ? 0.72884 0.92156 0.66564 -0.05533 0.05646  -0.13026 3818 HOH A O   
597 O O   . HOH C .  ? 0.58766 0.71138 0.62671 -0.02248 -0.03861 0.06555  3819 HOH A O   
598 O O   . HOH C .  ? 0.66076 0.80946 0.80123 0.04390  0.04921  -0.22888 3820 HOH A O   
599 O O   . HOH C .  ? 0.43537 0.47206 0.51640 -0.00827 0.01532  -0.01981 3821 HOH A O   
600 O O   . HOH C .  ? 0.62771 0.51318 0.61547 -0.01462 -0.12113 0.08769  3822 HOH A O   
601 O O   . HOH C .  ? 0.69518 0.75224 0.90521 0.07266  -0.01366 0.00796  3823 HOH A O   
602 O O   . HOH C .  ? 0.47738 0.78742 0.74271 -0.10823 0.02538  -0.09637 3824 HOH A O   
603 O O   . HOH C .  ? 0.96362 0.87306 1.14610 0.09012  0.00304  -0.38205 3825 HOH A O   
604 O O   . HOH C .  ? 1.43941 0.97858 1.37658 0.05456  -0.22731 -0.29630 3826 HOH A O   
605 O O   . HOH C .  ? 0.88086 0.85282 1.20901 0.17830  -0.05280 -0.24701 3827 HOH A O   
606 O O   . HOH C .  ? 0.61730 1.02919 0.68472 -0.02446 0.16520  -0.33172 3828 HOH A O   
607 O O   . HOH C .  ? 0.70058 0.79946 1.04183 0.16407  -0.04900 -0.19653 3829 HOH A O   
608 O O   . HOH C .  ? 0.80286 0.67718 0.72043 -0.07470 -0.10985 0.13166  3830 HOH A O   
609 O O   . HOH C .  ? 0.56988 0.57608 0.57865 -0.00304 0.00353  -0.00863 3831 HOH A O   
610 O O   . HOH C .  ? 0.60797 0.86618 0.77328 0.01757  0.07377  -0.18353 3832 HOH A O   
611 O O   . HOH C .  ? 0.71886 0.57118 0.72513 -0.08383 -0.06652 0.02766  3833 HOH A O   
612 O O   . HOH C .  ? 0.62319 0.70429 0.65153 -0.02868 0.02518  -0.11688 3834 HOH A O   
613 O O   . HOH C .  ? 0.56923 0.71041 0.52355 -0.05037 0.02419  -0.11456 3835 HOH A O   
614 O O   . HOH C .  ? 0.57194 0.58107 0.68433 0.00733  0.01902  -0.04010 3836 HOH A O   
615 O O   . HOH C .  ? 0.47540 0.62252 0.53637 -0.10631 -0.00344 0.02025  3837 HOH A O   
616 O O   . HOH C .  ? 0.60119 0.74548 0.62201 -0.06767 -0.04740 -0.11131 3838 HOH A O   
617 O O   . HOH C .  ? 0.51407 0.66287 0.58425 -0.02124 0.03410  -0.02227 3839 HOH A O   
618 O O   . HOH C .  ? 0.57258 1.04302 1.04293 0.07792  -0.06137 -0.16086 3840 HOH A O   
619 O O   . HOH C .  ? 0.59092 0.72056 0.55143 -0.06094 -0.00819 0.03079  3841 HOH A O   
620 O O   . HOH C .  ? 0.63134 0.63550 0.95525 0.18012  -0.15224 -0.08005 3842 HOH A O   
621 O O   . HOH C .  ? 0.63796 0.99184 0.77441 -0.02972 0.11891  -0.18668 3843 HOH A O   
622 O O   . HOH C .  ? 0.82286 0.95800 0.70828 -0.12924 0.01655  0.05808  3844 HOH A O   
623 O O   . HOH C .  ? 0.71600 0.88367 0.62010 -0.07335 0.00320  -0.13142 3845 HOH A O   
624 O O   . HOH C .  ? 0.58263 0.91696 0.74178 -0.09001 -0.14079 -0.13077 3846 HOH A O   
625 O O   . HOH C .  ? 0.71210 0.72794 0.85204 -0.11935 0.02377  -0.03541 3847 HOH A O   
626 O O   . HOH C .  ? 0.89723 0.84432 0.93576 -0.01302 0.00399  -0.32887 3848 HOH A O   
627 O O   . HOH C .  ? 0.53657 0.73468 0.42968 -0.09306 0.04268  -0.02545 3849 HOH A O   
628 O O   . HOH C .  ? 0.68797 0.90724 0.79157 0.00632  0.07455  -0.19743 3850 HOH A O   
629 O O   . HOH C .  ? 0.73573 0.90475 0.71013 -0.07935 0.05146  -0.01469 3851 HOH A O   
630 O O   . HOH C .  ? 1.05166 0.94966 1.06852 -0.04816 -0.02275 -0.28578 3852 HOH A O   
631 O O   . HOH C .  ? 0.70792 1.05141 0.76983 -0.03417 0.12993  -0.23606 3853 HOH A O   
632 O O   . HOH C .  ? 0.64953 0.80464 0.59200 -0.07844 0.02834  0.00170  3854 HOH A O   
633 O O   . HOH C .  ? 0.89255 0.72568 0.87146 0.00159  -0.18208 0.13800  3855 HOH A O   
634 O O   . HOH C .  ? 0.95653 0.58530 1.16993 0.02571  -0.08958 0.15122  3856 HOH A O   
# 
